data_2CUH
#
_entry.id   2CUH
#
_cell.length_a   1.000
_cell.length_b   1.000
_cell.length_c   1.000
_cell.angle_alpha   90.00
_cell.angle_beta   90.00
_cell.angle_gamma   90.00
#
_symmetry.space_group_name_H-M   'P 1'
#
_entity_poly.entity_id   1
_entity_poly.type   'polypeptide(L)'
_entity_poly.pdbx_seq_one_letter_code
;GSSGSSGPDGPTQLRALNLTEGFAVLHWKPPQNPVDTYDIQVTAPGAPPLQAETPGSAVDYPLHDLVLHTNYTATVRGLR
GPNLTSPASITFTTGLEAPRDLEAKEVTPSGPSSG
;
_entity_poly.pdbx_strand_id   A
#
# COMPACT_ATOMS: atom_id res chain seq x y z
N GLY A 1 -5.60 9.03 27.79
CA GLY A 1 -4.87 8.12 28.66
C GLY A 1 -5.17 6.67 28.36
N SER A 2 -6.20 6.14 29.00
CA SER A 2 -6.59 4.73 28.81
C SER A 2 -6.88 4.46 27.33
N SER A 3 -5.91 3.84 26.66
CA SER A 3 -6.06 3.53 25.24
C SER A 3 -5.86 2.04 25.00
N GLY A 4 -6.95 1.31 24.81
CA GLY A 4 -6.88 -0.11 24.57
C GLY A 4 -6.64 -0.45 23.10
N SER A 5 -6.22 -1.69 22.85
CA SER A 5 -5.95 -2.13 21.49
C SER A 5 -7.20 -2.75 20.85
N SER A 6 -7.71 -2.10 19.82
CA SER A 6 -8.91 -2.58 19.13
C SER A 6 -8.84 -2.28 17.64
N GLY A 7 -9.50 -3.10 16.83
CA GLY A 7 -9.50 -2.89 15.40
C GLY A 7 -10.90 -2.73 14.84
N PRO A 8 -11.02 -1.90 13.80
CA PRO A 8 -12.32 -1.63 13.14
C PRO A 8 -12.82 -2.84 12.37
N ASP A 9 -13.83 -2.62 11.52
CA ASP A 9 -14.40 -3.68 10.72
C ASP A 9 -13.66 -3.84 9.39
N GLY A 10 -12.93 -2.80 9.01
CA GLY A 10 -12.19 -2.83 7.76
C GLY A 10 -10.69 -2.88 7.98
N PRO A 11 -9.92 -2.87 6.89
CA PRO A 11 -8.46 -2.90 6.94
C PRO A 11 -7.86 -1.61 7.48
N THR A 12 -6.87 -1.74 8.36
CA THR A 12 -6.22 -0.58 8.95
C THR A 12 -4.71 -0.80 9.06
N GLN A 13 -3.99 0.25 9.47
CA GLN A 13 -2.55 0.17 9.63
C GLN A 13 -1.89 -0.29 8.33
N LEU A 14 -2.40 0.21 7.21
CA LEU A 14 -1.85 -0.17 5.90
C LEU A 14 -0.38 0.20 5.80
N ARG A 15 0.45 -0.79 5.47
CA ARG A 15 1.88 -0.57 5.33
C ARG A 15 2.36 -0.97 3.94
N ALA A 16 3.48 -0.37 3.52
CA ALA A 16 4.05 -0.67 2.21
C ALA A 16 5.19 -1.66 2.32
N LEU A 17 4.94 -2.90 1.93
CA LEU A 17 5.95 -3.95 1.98
C LEU A 17 6.98 -3.77 0.87
N ASN A 18 8.09 -4.49 0.97
CA ASN A 18 9.16 -4.41 -0.03
C ASN A 18 8.73 -5.07 -1.34
N LEU A 19 8.73 -4.29 -2.41
CA LEU A 19 8.33 -4.80 -3.72
C LEU A 19 9.29 -5.89 -4.19
N THR A 20 8.84 -6.69 -5.15
CA THR A 20 9.65 -7.77 -5.69
C THR A 20 9.75 -7.68 -7.21
N GLU A 21 10.98 -7.78 -7.72
CA GLU A 21 11.21 -7.71 -9.16
C GLU A 21 10.30 -6.68 -9.81
N GLY A 22 10.11 -5.55 -9.13
CA GLY A 22 9.25 -4.50 -9.65
C GLY A 22 7.78 -4.83 -9.52
N PHE A 23 7.38 -5.32 -8.35
CA PHE A 23 6.00 -5.68 -8.10
C PHE A 23 5.44 -4.93 -6.89
N ALA A 24 4.48 -4.04 -7.14
CA ALA A 24 3.87 -3.26 -6.07
C ALA A 24 2.56 -3.89 -5.60
N VAL A 25 2.48 -4.15 -4.30
CA VAL A 25 1.28 -4.75 -3.73
C VAL A 25 0.86 -4.04 -2.45
N LEU A 26 -0.37 -4.28 -2.01
CA LEU A 26 -0.89 -3.67 -0.80
C LEU A 26 -0.91 -4.65 0.36
N HIS A 27 -0.80 -4.15 1.57
CA HIS A 27 -0.80 -4.99 2.76
C HIS A 27 -1.63 -4.35 3.88
N TRP A 28 -2.68 -5.04 4.30
CA TRP A 28 -3.55 -4.54 5.35
C TRP A 28 -3.72 -5.58 6.45
N LYS A 29 -4.01 -5.11 7.67
CA LYS A 29 -4.21 -6.01 8.80
C LYS A 29 -5.67 -6.34 8.99
N PRO A 30 -5.99 -7.65 8.99
CA PRO A 30 -7.36 -8.14 9.16
C PRO A 30 -7.89 -7.90 10.57
N PRO A 31 -9.05 -7.23 10.66
CA PRO A 31 -9.69 -6.94 11.95
C PRO A 31 -10.24 -8.19 12.63
N GLN A 32 -10.57 -8.06 13.91
CA GLN A 32 -11.11 -9.18 14.68
C GLN A 32 -12.03 -10.03 13.81
N ASN A 33 -12.92 -9.37 13.06
CA ASN A 33 -13.86 -10.08 12.20
C ASN A 33 -13.53 -9.83 10.73
N PRO A 34 -13.31 -10.91 9.98
CA PRO A 34 -12.98 -10.84 8.55
C PRO A 34 -14.17 -10.38 7.71
N VAL A 35 -13.89 -9.56 6.70
CA VAL A 35 -14.94 -9.06 5.82
C VAL A 35 -15.24 -10.04 4.69
N ASP A 36 -16.12 -9.64 3.78
CA ASP A 36 -16.49 -10.49 2.65
C ASP A 36 -15.69 -10.12 1.41
N THR A 37 -15.67 -8.83 1.09
CA THR A 37 -14.94 -8.35 -0.08
C THR A 37 -14.28 -7.00 0.21
N TYR A 38 -13.05 -6.84 -0.27
CA TYR A 38 -12.30 -5.61 -0.07
C TYR A 38 -12.35 -4.73 -1.32
N ASP A 39 -12.75 -3.48 -1.14
CA ASP A 39 -12.84 -2.53 -2.25
C ASP A 39 -11.58 -1.68 -2.34
N ILE A 40 -10.83 -1.87 -3.42
CA ILE A 40 -9.59 -1.12 -3.63
C ILE A 40 -9.73 -0.16 -4.81
N GLN A 41 -9.24 1.07 -4.62
CA GLN A 41 -9.30 2.08 -5.66
C GLN A 41 -7.93 2.72 -5.88
N VAL A 42 -7.35 2.51 -7.05
CA VAL A 42 -6.05 3.06 -7.37
C VAL A 42 -6.18 4.24 -8.35
N THR A 43 -5.59 5.38 -7.97
CA THR A 43 -5.66 6.57 -8.80
C THR A 43 -4.38 7.39 -8.66
N ALA A 44 -4.14 8.27 -9.64
CA ALA A 44 -2.95 9.12 -9.62
C ALA A 44 -3.14 10.33 -10.53
N PRO A 45 -2.29 11.35 -10.32
CA PRO A 45 -2.34 12.58 -11.11
C PRO A 45 -1.89 12.37 -12.55
N GLY A 46 -2.83 12.00 -13.42
CA GLY A 46 -2.51 11.77 -14.81
C GLY A 46 -2.71 10.33 -15.22
N ALA A 47 -2.38 9.41 -14.33
CA ALA A 47 -2.54 7.99 -14.61
C ALA A 47 -4.01 7.59 -14.65
N PRO A 48 -4.31 6.54 -15.42
CA PRO A 48 -5.69 6.04 -15.57
C PRO A 48 -6.20 5.37 -14.30
N PRO A 49 -7.52 5.49 -14.07
CA PRO A 49 -8.17 4.90 -12.90
C PRO A 49 -8.20 3.38 -12.95
N LEU A 50 -8.03 2.74 -11.79
CA LEU A 50 -8.05 1.29 -11.71
C LEU A 50 -8.99 0.82 -10.61
N GLN A 51 -9.87 -0.12 -10.95
CA GLN A 51 -10.83 -0.66 -9.99
C GLN A 51 -10.76 -2.18 -9.94
N ALA A 52 -10.78 -2.74 -8.73
CA ALA A 52 -10.72 -4.18 -8.55
C ALA A 52 -11.32 -4.59 -7.21
N GLU A 53 -11.38 -5.90 -6.97
CA GLU A 53 -11.94 -6.42 -5.74
C GLU A 53 -11.27 -7.74 -5.36
N THR A 54 -11.31 -8.07 -4.07
CA THR A 54 -10.70 -9.31 -3.57
C THR A 54 -11.57 -9.93 -2.48
N PRO A 55 -11.55 -11.28 -2.42
CA PRO A 55 -12.32 -12.03 -1.42
C PRO A 55 -11.77 -11.85 -0.01
N GLY A 56 -12.66 -11.86 0.97
CA GLY A 56 -12.25 -11.70 2.36
C GLY A 56 -11.17 -12.70 2.75
N SER A 57 -11.02 -13.75 1.95
CA SER A 57 -10.03 -14.79 2.23
C SER A 57 -8.65 -14.36 1.74
N ALA A 58 -8.49 -13.06 1.50
CA ALA A 58 -7.22 -12.52 1.03
C ALA A 58 -6.77 -11.34 1.89
N VAL A 59 -5.46 -11.28 2.16
CA VAL A 59 -4.90 -10.21 2.98
C VAL A 59 -3.84 -9.43 2.21
N ASP A 60 -3.95 -9.44 0.88
CA ASP A 60 -3.01 -8.73 0.04
C ASP A 60 -3.50 -8.69 -1.41
N TYR A 61 -3.33 -7.53 -2.05
CA TYR A 61 -3.76 -7.35 -3.43
C TYR A 61 -2.67 -6.69 -4.26
N PRO A 62 -1.88 -7.51 -4.97
CA PRO A 62 -0.79 -7.03 -5.81
C PRO A 62 -1.29 -6.30 -7.05
N LEU A 63 -0.85 -5.06 -7.22
CA LEU A 63 -1.26 -4.24 -8.36
C LEU A 63 -0.16 -4.20 -9.41
N HIS A 64 -0.55 -4.37 -10.68
CA HIS A 64 0.40 -4.35 -11.78
C HIS A 64 0.04 -3.26 -12.79
N ASP A 65 0.85 -3.13 -13.83
CA ASP A 65 0.61 -2.14 -14.87
C ASP A 65 0.72 -0.73 -14.29
N LEU A 66 1.58 -0.56 -13.30
CA LEU A 66 1.77 0.74 -12.66
C LEU A 66 3.03 1.42 -13.20
N VAL A 67 2.91 2.71 -13.51
CA VAL A 67 4.03 3.48 -14.02
C VAL A 67 5.11 3.68 -12.95
N LEU A 68 6.28 3.11 -13.17
CA LEU A 68 7.38 3.23 -12.24
C LEU A 68 7.43 4.63 -11.63
N HIS A 69 7.82 5.61 -12.44
CA HIS A 69 7.91 6.99 -12.00
C HIS A 69 6.53 7.62 -11.87
N THR A 70 5.76 7.16 -10.88
CA THR A 70 4.42 7.67 -10.66
C THR A 70 3.85 7.18 -9.33
N ASN A 71 3.39 8.11 -8.50
CA ASN A 71 2.83 7.78 -7.21
C ASN A 71 1.37 7.35 -7.34
N TYR A 72 1.11 6.07 -7.13
CA TYR A 72 -0.24 5.53 -7.23
C TYR A 72 -0.90 5.44 -5.85
N THR A 73 -2.02 6.13 -5.68
CA THR A 73 -2.74 6.14 -4.43
C THR A 73 -3.84 5.09 -4.42
N ALA A 74 -3.74 4.13 -3.50
CA ALA A 74 -4.73 3.07 -3.38
C ALA A 74 -5.60 3.26 -2.15
N THR A 75 -6.88 2.86 -2.25
CA THR A 75 -7.81 2.99 -1.14
C THR A 75 -8.57 1.69 -0.92
N VAL A 76 -8.16 0.95 0.11
CA VAL A 76 -8.81 -0.32 0.43
C VAL A 76 -9.98 -0.11 1.40
N ARG A 77 -11.01 -0.93 1.26
CA ARG A 77 -12.18 -0.84 2.10
C ARG A 77 -12.69 -2.23 2.49
N GLY A 78 -13.69 -2.27 3.37
CA GLY A 78 -14.25 -3.53 3.82
C GLY A 78 -15.75 -3.60 3.64
N LEU A 79 -16.20 -4.46 2.75
CA LEU A 79 -17.63 -4.62 2.48
C LEU A 79 -18.26 -5.58 3.48
N ARG A 80 -18.93 -5.03 4.48
CA ARG A 80 -19.59 -5.84 5.51
C ARG A 80 -21.09 -5.59 5.51
N GLY A 81 -21.83 -6.44 4.81
CA GLY A 81 -23.26 -6.29 4.74
C GLY A 81 -23.69 -5.03 4.02
N PRO A 82 -24.87 -4.51 4.39
CA PRO A 82 -25.42 -3.29 3.79
C PRO A 82 -24.65 -2.05 4.20
N ASN A 83 -23.57 -2.25 4.95
CA ASN A 83 -22.74 -1.14 5.40
C ASN A 83 -21.30 -1.30 4.91
N LEU A 84 -20.47 -0.30 5.19
CA LEU A 84 -19.07 -0.33 4.78
C LEU A 84 -18.15 -0.12 5.97
N THR A 85 -16.86 -0.38 5.77
CA THR A 85 -15.87 -0.23 6.83
C THR A 85 -14.99 0.99 6.57
N SER A 86 -14.08 1.27 7.50
CA SER A 86 -13.18 2.40 7.38
C SER A 86 -12.15 2.15 6.28
N PRO A 87 -12.07 3.09 5.32
CA PRO A 87 -11.13 2.99 4.20
C PRO A 87 -9.68 3.20 4.64
N ALA A 88 -8.76 2.59 3.90
CA ALA A 88 -7.33 2.72 4.21
C ALA A 88 -6.53 3.06 2.97
N SER A 89 -5.92 4.24 2.99
CA SER A 89 -5.12 4.71 1.86
C SER A 89 -3.65 4.83 2.25
N ILE A 90 -2.76 4.71 1.26
CA ILE A 90 -1.33 4.81 1.50
C ILE A 90 -0.58 5.16 0.22
N THR A 91 0.54 5.86 0.37
CA THR A 91 1.35 6.25 -0.78
C THR A 91 2.58 5.35 -0.92
N PHE A 92 2.75 4.79 -2.11
CA PHE A 92 3.88 3.90 -2.39
C PHE A 92 4.35 4.06 -3.83
N THR A 93 5.63 4.36 -4.00
CA THR A 93 6.20 4.54 -5.32
C THR A 93 6.39 3.19 -6.03
N THR A 94 6.21 3.19 -7.34
CA THR A 94 6.35 1.97 -8.13
C THR A 94 7.76 1.84 -8.69
N GLY A 95 8.72 2.51 -8.05
CA GLY A 95 10.09 2.45 -8.50
C GLY A 95 11.08 2.57 -7.35
N LEU A 96 11.47 1.43 -6.79
CA LEU A 96 12.41 1.39 -5.68
C LEU A 96 13.61 0.51 -6.02
N GLU A 97 14.06 0.57 -7.26
CA GLU A 97 15.20 -0.22 -7.71
C GLU A 97 15.82 0.37 -8.97
N ALA A 98 17.05 0.86 -8.85
CA ALA A 98 17.75 1.46 -9.99
C ALA A 98 19.20 1.77 -9.62
N PRO A 99 20.10 1.59 -10.60
CA PRO A 99 21.53 1.84 -10.42
C PRO A 99 21.84 3.33 -10.28
N ARG A 100 22.71 3.66 -9.33
CA ARG A 100 23.09 5.05 -9.11
C ARG A 100 21.91 5.98 -9.35
N ASP A 101 20.77 5.67 -8.74
CA ASP A 101 19.57 6.47 -8.91
C ASP A 101 19.08 6.99 -7.56
N LEU A 102 19.06 6.11 -6.57
CA LEU A 102 18.62 6.48 -5.22
C LEU A 102 19.81 6.78 -4.32
N GLU A 103 20.78 5.86 -4.29
CA GLU A 103 21.96 6.03 -3.46
C GLU A 103 22.84 7.15 -4.00
N ALA A 104 23.20 7.06 -5.28
CA ALA A 104 24.03 8.07 -5.92
C ALA A 104 23.26 9.37 -6.14
N LYS A 105 23.99 10.44 -6.40
CA LYS A 105 23.37 11.75 -6.64
C LYS A 105 23.15 11.99 -8.13
N GLU A 106 24.04 11.45 -8.95
CA GLU A 106 23.93 11.60 -10.40
C GLU A 106 23.85 13.07 -10.78
N VAL A 107 24.69 13.89 -10.15
CA VAL A 107 24.71 15.32 -10.44
C VAL A 107 26.03 15.74 -11.08
N THR A 108 25.95 16.38 -12.24
CA THR A 108 27.14 16.83 -12.96
C THR A 108 27.07 18.32 -13.24
N PRO A 109 27.53 19.13 -12.28
CA PRO A 109 27.54 20.59 -12.41
C PRO A 109 28.55 21.07 -13.45
N SER A 110 28.06 21.71 -14.50
CA SER A 110 28.92 22.23 -15.56
C SER A 110 29.39 23.64 -15.24
N GLY A 111 30.70 23.79 -15.06
CA GLY A 111 31.26 25.09 -14.75
C GLY A 111 32.51 25.39 -15.57
N PRO A 112 32.33 25.61 -16.88
CA PRO A 112 33.43 25.91 -17.80
C PRO A 112 34.01 27.30 -17.55
N SER A 113 35.01 27.67 -18.35
CA SER A 113 35.67 28.96 -18.23
C SER A 113 36.17 29.45 -19.58
N SER A 114 36.38 30.76 -19.70
CA SER A 114 36.87 31.35 -20.93
C SER A 114 37.46 32.73 -20.68
N GLY A 115 38.16 33.26 -21.69
CA GLY A 115 38.77 34.57 -21.54
C GLY A 115 40.12 34.66 -22.23
N GLY A 1 -8.74 11.92 29.12
CA GLY A 1 -7.45 12.14 28.50
C GLY A 1 -7.44 11.79 27.03
N SER A 2 -6.57 10.86 26.64
CA SER A 2 -6.46 10.45 25.25
C SER A 2 -7.81 9.97 24.71
N SER A 3 -7.85 9.61 23.43
CA SER A 3 -9.07 9.14 22.80
C SER A 3 -8.85 7.81 22.10
N GLY A 4 -9.64 6.81 22.47
CA GLY A 4 -9.51 5.49 21.86
C GLY A 4 -10.85 4.90 21.48
N SER A 5 -11.19 3.77 22.10
CA SER A 5 -12.45 3.09 21.81
C SER A 5 -12.77 3.13 20.31
N SER A 6 -11.75 2.89 19.50
CA SER A 6 -11.91 2.90 18.04
C SER A 6 -11.48 1.57 17.44
N GLY A 7 -12.46 0.80 16.97
CA GLY A 7 -12.16 -0.49 16.37
C GLY A 7 -13.03 -0.78 15.16
N PRO A 8 -12.61 -0.28 14.00
CA PRO A 8 -13.34 -0.46 12.74
C PRO A 8 -13.27 -1.91 12.25
N ASP A 9 -14.17 -2.25 11.33
CA ASP A 9 -14.21 -3.60 10.77
C ASP A 9 -13.53 -3.65 9.41
N GLY A 10 -12.64 -2.69 9.17
CA GLY A 10 -11.94 -2.63 7.90
C GLY A 10 -10.44 -2.83 8.06
N PRO A 11 -9.71 -2.80 6.92
CA PRO A 11 -8.25 -2.98 6.92
C PRO A 11 -7.53 -1.78 7.54
N THR A 12 -6.63 -2.07 8.48
CA THR A 12 -5.86 -1.01 9.15
C THR A 12 -4.39 -1.38 9.23
N GLN A 13 -3.57 -0.41 9.61
CA GLN A 13 -2.13 -0.63 9.73
C GLN A 13 -1.51 -0.88 8.35
N LEU A 14 -2.11 -0.31 7.33
CA LEU A 14 -1.62 -0.47 5.96
C LEU A 14 -0.19 0.05 5.84
N ARG A 15 0.66 -0.70 5.13
CA ARG A 15 2.04 -0.31 4.93
C ARG A 15 2.59 -0.91 3.65
N ALA A 16 3.73 -0.37 3.19
CA ALA A 16 4.36 -0.85 1.97
C ALA A 16 5.70 -1.52 2.27
N LEU A 17 5.73 -2.85 2.18
CA LEU A 17 6.95 -3.60 2.44
C LEU A 17 7.87 -3.58 1.23
N ASN A 18 9.10 -4.06 1.41
CA ASN A 18 10.08 -4.10 0.33
C ASN A 18 9.70 -5.16 -0.71
N LEU A 19 9.19 -4.71 -1.84
CA LEU A 19 8.78 -5.62 -2.92
C LEU A 19 9.53 -5.30 -4.21
N THR A 20 9.33 -6.14 -5.22
CA THR A 20 9.98 -5.95 -6.50
C THR A 20 9.97 -4.48 -6.92
N GLU A 21 10.95 -4.09 -7.72
CA GLU A 21 11.06 -2.71 -8.19
C GLU A 21 10.21 -2.48 -9.44
N GLY A 22 8.99 -3.03 -9.41
CA GLY A 22 8.09 -2.88 -10.54
C GLY A 22 6.64 -2.84 -10.12
N PHE A 23 6.12 -3.99 -9.71
CA PHE A 23 4.72 -4.08 -9.28
C PHE A 23 4.62 -4.04 -7.76
N ALA A 24 3.79 -3.13 -7.26
CA ALA A 24 3.59 -2.97 -5.82
C ALA A 24 2.31 -3.67 -5.36
N VAL A 25 2.21 -3.91 -4.06
CA VAL A 25 1.03 -4.57 -3.50
C VAL A 25 0.55 -3.85 -2.24
N LEU A 26 -0.67 -4.17 -1.81
CA LEU A 26 -1.24 -3.55 -0.61
C LEU A 26 -1.34 -4.57 0.52
N HIS A 27 -0.70 -4.26 1.64
CA HIS A 27 -0.72 -5.14 2.80
C HIS A 27 -1.57 -4.55 3.92
N TRP A 28 -2.62 -5.26 4.30
CA TRP A 28 -3.52 -4.81 5.36
C TRP A 28 -3.74 -5.91 6.39
N LYS A 29 -4.06 -5.50 7.62
CA LYS A 29 -4.30 -6.45 8.70
C LYS A 29 -5.79 -6.72 8.86
N PRO A 30 -6.15 -8.01 8.90
CA PRO A 30 -7.55 -8.43 9.06
C PRO A 30 -8.09 -8.14 10.46
N PRO A 31 -9.18 -7.36 10.52
CA PRO A 31 -9.82 -6.99 11.79
C PRO A 31 -10.50 -8.18 12.45
N GLN A 32 -10.76 -8.05 13.76
CA GLN A 32 -11.40 -9.11 14.52
C GLN A 32 -12.42 -9.85 13.65
N ASN A 33 -13.35 -9.11 13.07
CA ASN A 33 -14.38 -9.70 12.23
C ASN A 33 -14.00 -9.61 10.76
N PRO A 34 -13.93 -10.76 10.09
CA PRO A 34 -13.57 -10.84 8.66
C PRO A 34 -14.67 -10.26 7.77
N VAL A 35 -14.24 -9.60 6.68
CA VAL A 35 -15.19 -9.01 5.73
C VAL A 35 -15.52 -9.98 4.61
N ASP A 36 -16.29 -9.51 3.64
CA ASP A 36 -16.69 -10.34 2.50
C ASP A 36 -15.84 -10.01 1.27
N THR A 37 -15.79 -8.73 0.91
CA THR A 37 -15.02 -8.29 -0.24
C THR A 37 -14.35 -6.95 0.02
N TYR A 38 -13.10 -6.82 -0.39
CA TYR A 38 -12.36 -5.58 -0.20
C TYR A 38 -12.42 -4.70 -1.44
N ASP A 39 -12.79 -3.43 -1.24
CA ASP A 39 -12.89 -2.48 -2.35
C ASP A 39 -11.62 -1.66 -2.47
N ILE A 40 -10.81 -1.96 -3.49
CA ILE A 40 -9.57 -1.23 -3.72
C ILE A 40 -9.68 -0.32 -4.94
N GLN A 41 -9.07 0.85 -4.85
CA GLN A 41 -9.10 1.82 -5.93
C GLN A 41 -7.72 2.40 -6.19
N VAL A 42 -7.26 2.31 -7.42
CA VAL A 42 -5.94 2.82 -7.80
C VAL A 42 -6.07 4.01 -8.74
N THR A 43 -5.43 5.12 -8.39
CA THR A 43 -5.47 6.32 -9.21
C THR A 43 -4.16 7.10 -9.11
N ALA A 44 -3.96 8.04 -10.03
CA ALA A 44 -2.75 8.86 -10.05
C ALA A 44 -2.88 10.00 -11.05
N PRO A 45 -2.08 11.06 -10.85
CA PRO A 45 -2.08 12.23 -11.73
C PRO A 45 -1.48 11.92 -13.10
N GLY A 46 -2.34 11.74 -14.10
CA GLY A 46 -1.87 11.44 -15.44
C GLY A 46 -1.85 9.95 -15.73
N ALA A 47 -2.77 9.22 -15.11
CA ALA A 47 -2.85 7.77 -15.31
C ALA A 47 -4.30 7.30 -15.30
N PRO A 48 -4.57 6.21 -16.03
CA PRO A 48 -5.92 5.62 -16.11
C PRO A 48 -6.37 5.00 -14.80
N PRO A 49 -7.67 5.11 -14.51
CA PRO A 49 -8.26 4.55 -13.28
C PRO A 49 -8.29 3.03 -13.29
N LEU A 50 -8.17 2.43 -12.12
CA LEU A 50 -8.18 0.97 -12.00
C LEU A 50 -9.07 0.53 -10.84
N GLN A 51 -9.93 -0.44 -11.09
CA GLN A 51 -10.84 -0.95 -10.07
C GLN A 51 -10.71 -2.47 -9.94
N ALA A 52 -10.61 -2.96 -8.70
CA ALA A 52 -10.51 -4.39 -8.46
C ALA A 52 -11.11 -4.76 -7.11
N GLU A 53 -11.40 -6.04 -6.93
CA GLU A 53 -11.97 -6.53 -5.68
C GLU A 53 -11.37 -7.87 -5.28
N THR A 54 -11.48 -8.20 -4.00
CA THR A 54 -10.94 -9.45 -3.48
C THR A 54 -11.76 -9.96 -2.31
N PRO A 55 -11.87 -11.30 -2.19
CA PRO A 55 -12.63 -11.95 -1.12
C PRO A 55 -11.96 -11.79 0.23
N GLY A 56 -12.77 -11.73 1.29
CA GLY A 56 -12.24 -11.57 2.63
C GLY A 56 -11.20 -12.62 2.97
N SER A 57 -11.13 -13.67 2.15
CA SER A 57 -10.18 -14.75 2.37
C SER A 57 -8.78 -14.34 1.92
N ALA A 58 -8.63 -13.06 1.59
CA ALA A 58 -7.33 -12.53 1.14
C ALA A 58 -6.87 -11.40 2.04
N VAL A 59 -5.56 -11.33 2.27
CA VAL A 59 -4.98 -10.29 3.11
C VAL A 59 -3.91 -9.51 2.36
N ASP A 60 -4.01 -9.52 1.03
CA ASP A 60 -3.05 -8.80 0.20
C ASP A 60 -3.50 -8.78 -1.26
N TYR A 61 -3.47 -7.60 -1.86
CA TYR A 61 -3.89 -7.44 -3.25
C TYR A 61 -2.81 -6.73 -4.07
N PRO A 62 -1.97 -7.51 -4.76
CA PRO A 62 -0.88 -6.97 -5.59
C PRO A 62 -1.41 -6.26 -6.83
N LEU A 63 -0.95 -5.03 -7.04
CA LEU A 63 -1.37 -4.24 -8.20
C LEU A 63 -0.29 -4.24 -9.27
N HIS A 64 -0.71 -4.41 -10.52
CA HIS A 64 0.23 -4.42 -11.64
C HIS A 64 -0.14 -3.34 -12.66
N ASP A 65 0.72 -3.17 -13.66
CA ASP A 65 0.48 -2.18 -14.70
C ASP A 65 0.52 -0.77 -14.12
N LEU A 66 1.58 -0.48 -13.37
CA LEU A 66 1.73 0.84 -12.76
C LEU A 66 2.93 1.58 -13.34
N VAL A 67 2.78 2.88 -13.56
CA VAL A 67 3.85 3.70 -14.11
C VAL A 67 4.85 4.11 -13.02
N LEU A 68 6.13 3.90 -13.31
CA LEU A 68 7.18 4.24 -12.36
C LEU A 68 7.34 5.75 -12.24
N HIS A 69 8.24 6.18 -11.36
CA HIS A 69 8.47 7.60 -11.14
C HIS A 69 7.16 8.37 -11.01
N THR A 70 6.16 7.72 -10.41
CA THR A 70 4.85 8.33 -10.22
C THR A 70 4.26 7.97 -8.86
N ASN A 71 3.51 8.90 -8.28
CA ASN A 71 2.88 8.67 -6.99
C ASN A 71 1.48 8.11 -7.15
N TYR A 72 1.33 6.81 -6.89
CA TYR A 72 0.03 6.16 -7.00
C TYR A 72 -0.66 6.07 -5.65
N THR A 73 -1.93 6.49 -5.60
CA THR A 73 -2.70 6.47 -4.37
C THR A 73 -3.72 5.33 -4.39
N ALA A 74 -3.70 4.51 -3.35
CA ALA A 74 -4.62 3.38 -3.25
C ALA A 74 -5.56 3.55 -2.06
N THR A 75 -6.76 2.98 -2.17
CA THR A 75 -7.75 3.07 -1.10
C THR A 75 -8.49 1.74 -0.93
N VAL A 76 -8.23 1.08 0.20
CA VAL A 76 -8.87 -0.20 0.50
C VAL A 76 -10.05 -0.02 1.44
N ARG A 77 -11.11 -0.78 1.20
CA ARG A 77 -12.31 -0.71 2.03
C ARG A 77 -12.88 -2.10 2.29
N GLY A 78 -13.68 -2.21 3.35
CA GLY A 78 -14.28 -3.49 3.69
C GLY A 78 -15.78 -3.50 3.48
N LEU A 79 -16.24 -4.41 2.61
CA LEU A 79 -17.66 -4.53 2.32
C LEU A 79 -18.35 -5.47 3.29
N ARG A 80 -19.03 -4.90 4.28
CA ARG A 80 -19.74 -5.70 5.28
C ARG A 80 -21.23 -5.42 5.25
N GLY A 81 -21.97 -6.28 4.55
CA GLY A 81 -23.41 -6.10 4.46
C GLY A 81 -23.79 -4.77 3.83
N PRO A 82 -24.96 -4.25 4.23
CA PRO A 82 -25.46 -2.96 3.71
C PRO A 82 -24.65 -1.78 4.22
N ASN A 83 -23.59 -2.07 4.96
CA ASN A 83 -22.73 -1.02 5.51
C ASN A 83 -21.31 -1.16 4.97
N LEU A 84 -20.46 -0.20 5.33
CA LEU A 84 -19.06 -0.21 4.88
C LEU A 84 -18.12 -0.04 6.06
N THR A 85 -16.84 -0.33 5.84
CA THR A 85 -15.83 -0.20 6.89
C THR A 85 -14.96 1.03 6.66
N SER A 86 -14.03 1.27 7.59
CA SER A 86 -13.15 2.42 7.50
C SER A 86 -12.13 2.24 6.36
N PRO A 87 -12.06 3.24 5.48
CA PRO A 87 -11.15 3.22 4.33
C PRO A 87 -9.69 3.35 4.75
N ALA A 88 -8.81 2.68 4.03
CA ALA A 88 -7.38 2.72 4.33
C ALA A 88 -6.56 2.91 3.06
N SER A 89 -5.87 4.05 2.97
CA SER A 89 -5.04 4.36 1.80
C SER A 89 -3.58 4.54 2.20
N ILE A 90 -2.71 4.59 1.21
CA ILE A 90 -1.28 4.76 1.45
C ILE A 90 -0.58 5.34 0.23
N THR A 91 0.56 5.99 0.46
CA THR A 91 1.32 6.59 -0.63
C THR A 91 2.64 5.85 -0.85
N PHE A 92 2.72 5.14 -1.98
CA PHE A 92 3.92 4.38 -2.31
C PHE A 92 4.36 4.66 -3.74
N THR A 93 5.64 4.98 -3.91
CA THR A 93 6.19 5.28 -5.23
C THR A 93 6.67 4.01 -5.92
N THR A 94 6.46 3.94 -7.22
CA THR A 94 6.88 2.78 -8.00
C THR A 94 8.18 3.06 -8.75
N GLY A 95 9.22 2.30 -8.42
CA GLY A 95 10.51 2.48 -9.07
C GLY A 95 11.62 2.76 -8.09
N LEU A 96 11.58 3.93 -7.47
CA LEU A 96 12.60 4.33 -6.50
C LEU A 96 12.38 3.62 -5.16
N GLU A 97 11.40 2.71 -5.14
CA GLU A 97 11.10 1.96 -3.92
C GLU A 97 12.37 1.62 -3.16
N ALA A 98 13.39 1.18 -3.88
CA ALA A 98 14.67 0.82 -3.27
C ALA A 98 15.01 1.77 -2.13
N PRO A 99 15.67 1.24 -1.09
CA PRO A 99 16.08 2.02 0.08
C PRO A 99 17.19 3.01 -0.24
N ARG A 100 17.84 3.52 0.80
CA ARG A 100 18.92 4.48 0.62
C ARG A 100 20.20 3.78 0.16
N ASP A 101 20.10 3.10 -0.98
CA ASP A 101 21.24 2.39 -1.55
C ASP A 101 21.40 2.69 -3.03
N LEU A 102 20.61 3.65 -3.51
CA LEU A 102 20.66 4.04 -4.92
C LEU A 102 21.73 5.11 -5.15
N GLU A 103 22.73 4.77 -5.96
CA GLU A 103 23.81 5.69 -6.27
C GLU A 103 24.30 6.39 -5.01
N ALA A 104 24.60 5.61 -3.98
CA ALA A 104 25.08 6.17 -2.72
C ALA A 104 26.56 5.86 -2.50
N LYS A 105 27.23 6.70 -1.72
CA LYS A 105 28.65 6.52 -1.45
C LYS A 105 28.89 6.37 0.06
N GLU A 106 29.48 5.25 0.45
CA GLU A 106 29.78 4.99 1.85
C GLU A 106 31.19 5.45 2.21
N VAL A 107 31.42 5.69 3.49
CA VAL A 107 32.72 6.13 3.97
C VAL A 107 33.31 5.13 4.95
N THR A 108 34.26 4.33 4.46
CA THR A 108 34.91 3.32 5.30
C THR A 108 35.86 3.98 6.30
N PRO A 109 35.91 3.43 7.52
CA PRO A 109 36.78 3.94 8.58
C PRO A 109 38.25 3.67 8.31
N SER A 110 39.12 4.40 8.99
CA SER A 110 40.56 4.23 8.82
C SER A 110 41.28 4.22 10.17
N GLY A 111 42.59 3.99 10.13
CA GLY A 111 43.37 3.95 11.35
C GLY A 111 44.85 3.82 11.09
N PRO A 112 45.67 4.45 11.95
CA PRO A 112 47.13 4.41 11.83
C PRO A 112 47.70 3.04 12.15
N SER A 113 48.91 2.78 11.66
CA SER A 113 49.57 1.51 11.88
C SER A 113 51.08 1.68 12.01
N SER A 114 51.67 1.06 13.02
CA SER A 114 53.11 1.16 13.25
C SER A 114 53.57 0.13 14.27
N GLY A 115 54.87 -0.05 14.39
CA GLY A 115 55.42 -1.00 15.34
C GLY A 115 55.49 -2.41 14.76
N GLY A 1 1.88 6.42 22.93
CA GLY A 1 2.29 7.27 21.83
C GLY A 1 1.46 7.06 20.58
N SER A 2 1.47 5.83 20.07
CA SER A 2 0.72 5.50 18.87
C SER A 2 -0.59 4.78 19.23
N SER A 3 -1.59 4.92 18.36
CA SER A 3 -2.88 4.29 18.60
C SER A 3 -2.74 2.78 18.75
N GLY A 4 -2.96 2.30 19.96
CA GLY A 4 -2.85 0.87 20.23
C GLY A 4 -4.14 0.27 20.75
N SER A 5 -4.36 -1.00 20.45
CA SER A 5 -5.57 -1.69 20.89
C SER A 5 -6.78 -1.21 20.11
N SER A 6 -6.62 -1.08 18.79
CA SER A 6 -7.70 -0.62 17.93
C SER A 6 -8.01 -1.66 16.85
N GLY A 7 -9.24 -2.16 16.86
CA GLY A 7 -9.64 -3.15 15.89
C GLY A 7 -10.96 -2.82 15.22
N PRO A 8 -10.90 -1.98 14.17
CA PRO A 8 -12.09 -1.56 13.43
C PRO A 8 -12.70 -2.70 12.62
N ASP A 9 -13.62 -2.35 11.72
CA ASP A 9 -14.28 -3.35 10.88
C ASP A 9 -13.53 -3.53 9.55
N GLY A 10 -12.81 -2.49 9.14
CA GLY A 10 -12.07 -2.54 7.90
C GLY A 10 -10.57 -2.64 8.12
N PRO A 11 -9.81 -2.69 7.03
CA PRO A 11 -8.34 -2.79 7.08
C PRO A 11 -7.69 -1.51 7.60
N THR A 12 -6.73 -1.66 8.50
CA THR A 12 -6.03 -0.52 9.08
C THR A 12 -4.53 -0.77 9.13
N GLN A 13 -3.80 0.23 9.63
CA GLN A 13 -2.35 0.11 9.75
C GLN A 13 -1.73 -0.36 8.43
N LEU A 14 -2.25 0.17 7.32
CA LEU A 14 -1.74 -0.20 6.00
C LEU A 14 -0.26 0.10 5.87
N ARG A 15 0.49 -0.88 5.37
CA ARG A 15 1.93 -0.72 5.20
C ARG A 15 2.33 -0.91 3.74
N ALA A 16 3.56 -0.53 3.41
CA ALA A 16 4.05 -0.65 2.04
C ALA A 16 5.40 -1.39 2.02
N LEU A 17 5.37 -2.63 1.57
CA LEU A 17 6.59 -3.44 1.50
C LEU A 17 7.44 -3.03 0.29
N ASN A 18 8.69 -3.48 0.29
CA ASN A 18 9.61 -3.16 -0.80
C ASN A 18 9.22 -3.92 -2.08
N LEU A 19 8.81 -3.18 -3.09
CA LEU A 19 8.41 -3.77 -4.36
C LEU A 19 9.62 -4.27 -5.14
N THR A 20 9.51 -5.47 -5.70
CA THR A 20 10.60 -6.05 -6.47
C THR A 20 10.11 -6.58 -7.82
N GLU A 21 10.89 -6.35 -8.86
CA GLU A 21 10.52 -6.81 -10.20
C GLU A 21 9.30 -6.06 -10.72
N GLY A 22 9.14 -4.82 -10.28
CA GLY A 22 8.02 -4.02 -10.71
C GLY A 22 6.69 -4.60 -10.28
N PHE A 23 6.55 -4.85 -8.99
CA PHE A 23 5.31 -5.42 -8.45
C PHE A 23 4.89 -4.69 -7.18
N ALA A 24 3.82 -3.91 -7.28
CA ALA A 24 3.31 -3.16 -6.14
C ALA A 24 2.10 -3.86 -5.53
N VAL A 25 2.16 -4.07 -4.21
CA VAL A 25 1.07 -4.73 -3.51
C VAL A 25 0.73 -3.99 -2.21
N LEU A 26 -0.49 -4.18 -1.73
CA LEU A 26 -0.94 -3.53 -0.51
C LEU A 26 -1.01 -4.53 0.65
N HIS A 27 -0.63 -4.07 1.84
CA HIS A 27 -0.66 -4.92 3.02
C HIS A 27 -1.52 -4.31 4.12
N TRP A 28 -2.56 -5.03 4.52
CA TRP A 28 -3.45 -4.55 5.56
C TRP A 28 -3.64 -5.62 6.65
N LYS A 29 -3.96 -5.17 7.85
CA LYS A 29 -4.17 -6.08 8.97
C LYS A 29 -5.64 -6.49 9.07
N PRO A 30 -5.90 -7.80 8.97
CA PRO A 30 -7.26 -8.35 9.06
C PRO A 30 -7.85 -8.23 10.46
N PRO A 31 -8.98 -7.52 10.58
CA PRO A 31 -9.66 -7.31 11.86
C PRO A 31 -10.31 -8.60 12.37
N GLN A 32 -10.49 -8.67 13.68
CA GLN A 32 -11.10 -9.85 14.30
C GLN A 32 -12.18 -10.43 13.39
N ASN A 33 -12.97 -9.56 12.78
CA ASN A 33 -14.05 -10.00 11.89
C ASN A 33 -13.68 -9.72 10.43
N PRO A 34 -13.30 -10.80 9.71
CA PRO A 34 -12.93 -10.71 8.30
C PRO A 34 -14.12 -10.40 7.40
N VAL A 35 -14.03 -9.29 6.66
CA VAL A 35 -15.10 -8.89 5.76
C VAL A 35 -15.33 -9.93 4.68
N ASP A 36 -16.22 -9.63 3.75
CA ASP A 36 -16.54 -10.54 2.66
C ASP A 36 -15.72 -10.19 1.41
N THR A 37 -15.71 -8.91 1.05
CA THR A 37 -14.98 -8.46 -0.13
C THR A 37 -14.31 -7.10 0.14
N TYR A 38 -13.07 -6.97 -0.29
CA TYR A 38 -12.33 -5.73 -0.10
C TYR A 38 -12.38 -4.87 -1.37
N ASP A 39 -12.79 -3.61 -1.19
CA ASP A 39 -12.89 -2.69 -2.31
C ASP A 39 -11.65 -1.78 -2.37
N ILE A 40 -10.78 -2.05 -3.35
CA ILE A 40 -9.57 -1.26 -3.52
C ILE A 40 -9.68 -0.33 -4.73
N GLN A 41 -9.18 0.89 -4.58
CA GLN A 41 -9.22 1.86 -5.67
C GLN A 41 -7.85 2.51 -5.86
N VAL A 42 -7.30 2.36 -7.06
CA VAL A 42 -6.00 2.93 -7.38
C VAL A 42 -6.14 4.11 -8.34
N THR A 43 -5.45 5.20 -8.03
CA THR A 43 -5.50 6.39 -8.87
C THR A 43 -4.14 7.11 -8.88
N ALA A 44 -3.98 8.05 -9.80
CA ALA A 44 -2.75 8.81 -9.91
C ALA A 44 -2.96 10.09 -10.70
N PRO A 45 -2.01 11.03 -10.57
CA PRO A 45 -2.07 12.32 -11.27
C PRO A 45 -1.86 12.18 -12.76
N GLY A 46 -2.94 11.91 -13.50
CA GLY A 46 -2.86 11.76 -14.93
C GLY A 46 -3.16 10.35 -15.38
N ALA A 47 -2.77 9.38 -14.56
CA ALA A 47 -3.00 7.98 -14.88
C ALA A 47 -4.47 7.62 -14.77
N PRO A 48 -4.90 6.61 -15.55
CA PRO A 48 -6.30 6.15 -15.55
C PRO A 48 -6.68 5.45 -14.25
N PRO A 49 -7.96 5.54 -13.89
CA PRO A 49 -8.49 4.91 -12.67
C PRO A 49 -8.53 3.40 -12.76
N LEU A 50 -8.30 2.73 -11.64
CA LEU A 50 -8.30 1.28 -11.59
C LEU A 50 -9.21 0.77 -10.48
N GLN A 51 -10.06 -0.19 -10.81
CA GLN A 51 -10.98 -0.77 -9.83
C GLN A 51 -10.81 -2.28 -9.74
N ALA A 52 -10.53 -2.77 -8.53
CA ALA A 52 -10.35 -4.19 -8.31
C ALA A 52 -11.07 -4.66 -7.05
N GLU A 53 -11.16 -5.96 -6.87
CA GLU A 53 -11.83 -6.53 -5.70
C GLU A 53 -11.22 -7.88 -5.33
N THR A 54 -11.32 -8.23 -4.05
CA THR A 54 -10.78 -9.48 -3.55
C THR A 54 -11.59 -10.01 -2.37
N PRO A 55 -11.69 -11.35 -2.27
CA PRO A 55 -12.43 -11.99 -1.18
C PRO A 55 -11.74 -11.85 0.17
N GLY A 56 -12.53 -11.78 1.23
CA GLY A 56 -11.97 -11.64 2.56
C GLY A 56 -10.93 -12.68 2.86
N SER A 57 -10.90 -13.74 2.06
CA SER A 57 -9.94 -14.82 2.25
C SER A 57 -8.53 -14.38 1.85
N ALA A 58 -8.41 -13.13 1.42
CA ALA A 58 -7.12 -12.59 1.01
C ALA A 58 -6.68 -11.46 1.94
N VAL A 59 -5.38 -11.36 2.15
CA VAL A 59 -4.83 -10.31 3.01
C VAL A 59 -3.84 -9.44 2.25
N ASP A 60 -3.94 -9.45 0.93
CA ASP A 60 -3.05 -8.65 0.09
C ASP A 60 -3.52 -8.66 -1.36
N TYR A 61 -3.39 -7.52 -2.02
CA TYR A 61 -3.81 -7.40 -3.41
C TYR A 61 -2.74 -6.70 -4.25
N PRO A 62 -1.95 -7.49 -4.97
CA PRO A 62 -0.87 -6.97 -5.83
C PRO A 62 -1.40 -6.22 -7.04
N LEU A 63 -1.26 -4.91 -7.03
CA LEU A 63 -1.72 -4.08 -8.14
C LEU A 63 -0.71 -4.06 -9.28
N HIS A 64 -1.19 -4.28 -10.49
CA HIS A 64 -0.33 -4.29 -11.66
C HIS A 64 -0.70 -3.18 -12.62
N ASP A 65 0.13 -2.96 -13.63
CA ASP A 65 -0.10 -1.92 -14.62
C ASP A 65 0.04 -0.53 -14.00
N LEU A 66 1.18 -0.30 -13.34
CA LEU A 66 1.43 0.98 -12.68
C LEU A 66 2.63 1.68 -13.32
N VAL A 67 2.44 2.93 -13.71
CA VAL A 67 3.52 3.71 -14.32
C VAL A 67 4.66 3.95 -13.34
N LEU A 68 5.88 3.68 -13.78
CA LEU A 68 7.06 3.87 -12.95
C LEU A 68 7.34 5.35 -12.73
N HIS A 69 8.33 5.64 -11.88
CA HIS A 69 8.70 7.02 -11.59
C HIS A 69 7.47 7.88 -11.36
N THR A 70 6.43 7.27 -10.78
CA THR A 70 5.18 7.98 -10.51
C THR A 70 4.55 7.47 -9.22
N ASN A 71 3.96 8.38 -8.46
CA ASN A 71 3.30 8.03 -7.20
C ASN A 71 1.87 7.57 -7.45
N TYR A 72 1.53 6.39 -6.93
CA TYR A 72 0.19 5.84 -7.10
C TYR A 72 -0.53 5.75 -5.75
N THR A 73 -1.71 6.34 -5.68
CA THR A 73 -2.51 6.32 -4.45
C THR A 73 -3.54 5.20 -4.48
N ALA A 74 -3.53 4.36 -3.45
CA ALA A 74 -4.47 3.25 -3.36
C ALA A 74 -5.41 3.43 -2.16
N THR A 75 -6.65 2.97 -2.32
CA THR A 75 -7.63 3.07 -1.25
C THR A 75 -8.38 1.77 -1.07
N VAL A 76 -8.07 1.05 0.00
CA VAL A 76 -8.72 -0.22 0.30
C VAL A 76 -9.91 -0.03 1.22
N ARG A 77 -10.95 -0.84 1.00
CA ARG A 77 -12.15 -0.76 1.82
C ARG A 77 -12.70 -2.15 2.12
N GLY A 78 -13.71 -2.21 2.99
CA GLY A 78 -14.31 -3.48 3.34
C GLY A 78 -15.80 -3.52 3.12
N LEU A 79 -16.27 -4.54 2.43
CA LEU A 79 -17.70 -4.69 2.14
C LEU A 79 -18.37 -5.63 3.13
N ARG A 80 -19.07 -5.06 4.11
CA ARG A 80 -19.75 -5.85 5.12
C ARG A 80 -21.25 -5.55 5.12
N GLY A 81 -22.02 -6.37 4.41
CA GLY A 81 -23.45 -6.19 4.34
C GLY A 81 -23.82 -4.86 3.68
N PRO A 82 -24.99 -4.33 4.06
CA PRO A 82 -25.49 -3.06 3.52
C PRO A 82 -24.68 -1.87 3.98
N ASN A 83 -23.62 -2.14 4.73
CA ASN A 83 -22.75 -1.08 5.25
C ASN A 83 -21.31 -1.27 4.77
N LEU A 84 -20.46 -0.30 5.06
CA LEU A 84 -19.06 -0.37 4.67
C LEU A 84 -18.14 -0.11 5.87
N THR A 85 -16.88 -0.51 5.73
CA THR A 85 -15.90 -0.33 6.80
C THR A 85 -15.03 0.90 6.54
N SER A 86 -14.13 1.18 7.48
CA SER A 86 -13.24 2.33 7.35
C SER A 86 -12.21 2.10 6.25
N PRO A 87 -12.07 3.08 5.35
CA PRO A 87 -11.13 3.01 4.24
C PRO A 87 -9.68 3.10 4.70
N ALA A 88 -8.76 2.64 3.86
CA ALA A 88 -7.34 2.68 4.17
C ALA A 88 -6.50 2.87 2.92
N SER A 89 -5.80 4.01 2.85
CA SER A 89 -4.96 4.32 1.71
C SER A 89 -3.52 4.57 2.14
N ILE A 90 -2.61 4.58 1.17
CA ILE A 90 -1.20 4.80 1.46
C ILE A 90 -0.46 5.29 0.21
N THR A 91 0.70 5.91 0.43
CA THR A 91 1.50 6.43 -0.67
C THR A 91 2.74 5.58 -0.90
N PHE A 92 2.88 5.07 -2.12
CA PHE A 92 4.02 4.24 -2.48
C PHE A 92 4.49 4.52 -3.89
N THR A 93 5.79 4.36 -4.13
CA THR A 93 6.37 4.60 -5.45
C THR A 93 6.52 3.29 -6.22
N THR A 94 6.37 3.38 -7.55
CA THR A 94 6.50 2.21 -8.40
C THR A 94 7.88 2.14 -9.04
N GLY A 95 8.19 1.00 -9.66
CA GLY A 95 9.48 0.83 -10.30
C GLY A 95 10.61 1.44 -9.50
N LEU A 96 10.57 1.24 -8.18
CA LEU A 96 11.60 1.78 -7.30
C LEU A 96 12.86 0.90 -7.34
N GLU A 97 13.47 0.80 -8.51
CA GLU A 97 14.67 0.00 -8.68
C GLU A 97 15.69 0.72 -9.56
N ALA A 98 16.94 0.71 -9.13
CA ALA A 98 18.01 1.36 -9.87
C ALA A 98 19.38 0.81 -9.49
N PRO A 99 20.28 0.70 -10.48
CA PRO A 99 21.64 0.18 -10.26
C PRO A 99 22.49 1.14 -9.45
N ARG A 100 21.97 2.33 -9.19
CA ARG A 100 22.70 3.34 -8.42
C ARG A 100 21.87 3.82 -7.23
N ASP A 101 22.54 4.09 -6.13
CA ASP A 101 21.87 4.55 -4.92
C ASP A 101 20.77 5.55 -5.26
N LEU A 102 19.52 5.11 -5.15
CA LEU A 102 18.38 5.95 -5.45
C LEU A 102 18.53 7.33 -4.80
N GLU A 103 19.05 7.34 -3.58
CA GLU A 103 19.26 8.58 -2.84
C GLU A 103 20.54 9.28 -3.29
N ALA A 104 20.76 10.48 -2.78
CA ALA A 104 21.96 11.25 -3.12
C ALA A 104 22.85 11.44 -1.90
N LYS A 105 24.15 11.30 -2.10
CA LYS A 105 25.13 11.46 -1.03
C LYS A 105 25.47 12.93 -0.82
N GLU A 106 25.28 13.42 0.41
CA GLU A 106 25.57 14.81 0.72
C GLU A 106 27.05 15.14 0.47
N VAL A 107 27.30 15.95 -0.55
CA VAL A 107 28.67 16.34 -0.89
C VAL A 107 29.23 17.35 0.10
N THR A 108 30.29 16.97 0.79
CA THR A 108 30.93 17.84 1.77
C THR A 108 32.11 18.59 1.16
N PRO A 109 32.29 19.85 1.58
CA PRO A 109 33.38 20.70 1.08
C PRO A 109 34.74 20.23 1.60
N SER A 110 35.76 20.37 0.75
CA SER A 110 37.11 19.96 1.11
C SER A 110 38.09 21.12 0.93
N GLY A 111 38.52 21.70 2.04
CA GLY A 111 39.46 22.81 1.98
C GLY A 111 40.71 22.47 1.21
N PRO A 112 41.25 23.46 0.47
CA PRO A 112 42.46 23.28 -0.32
C PRO A 112 43.71 23.10 0.54
N SER A 113 44.73 22.48 -0.04
CA SER A 113 45.98 22.25 0.68
C SER A 113 47.17 22.69 -0.16
N SER A 114 48.25 23.09 0.51
CA SER A 114 49.46 23.54 -0.17
C SER A 114 50.67 23.44 0.76
N GLY A 115 51.85 23.72 0.21
CA GLY A 115 53.07 23.66 1.00
C GLY A 115 54.21 22.98 0.26
N GLY A 1 -8.79 11.05 12.52
CA GLY A 1 -7.33 11.07 12.53
C GLY A 1 -6.73 9.69 12.37
N SER A 2 -7.21 8.96 11.38
CA SER A 2 -6.71 7.61 11.10
C SER A 2 -6.48 6.85 12.41
N SER A 3 -7.40 7.03 13.36
CA SER A 3 -7.28 6.37 14.65
C SER A 3 -8.67 6.06 15.22
N GLY A 4 -8.86 4.83 15.66
CA GLY A 4 -10.13 4.43 16.23
C GLY A 4 -10.00 3.35 17.28
N SER A 5 -11.06 2.58 17.48
CA SER A 5 -11.05 1.50 18.47
C SER A 5 -9.90 0.53 18.20
N SER A 6 -9.84 -0.52 19.00
CA SER A 6 -8.79 -1.52 18.87
C SER A 6 -9.30 -2.76 18.13
N GLY A 7 -9.69 -2.58 16.87
CA GLY A 7 -10.19 -3.69 16.09
C GLY A 7 -11.45 -3.32 15.32
N PRO A 8 -11.29 -2.53 14.25
CA PRO A 8 -12.40 -2.09 13.41
C PRO A 8 -13.00 -3.24 12.60
N ASP A 9 -13.81 -2.90 11.60
CA ASP A 9 -14.44 -3.89 10.75
C ASP A 9 -13.73 -4.00 9.40
N GLY A 10 -12.89 -3.01 9.11
CA GLY A 10 -12.15 -3.01 7.86
C GLY A 10 -10.66 -3.06 8.07
N PRO A 11 -9.90 -3.05 6.96
CA PRO A 11 -8.43 -3.09 7.00
C PRO A 11 -7.83 -1.80 7.53
N THR A 12 -6.81 -1.93 8.37
CA THR A 12 -6.15 -0.77 8.95
C THR A 12 -4.64 -1.00 9.05
N GLN A 13 -3.93 0.03 9.53
CA GLN A 13 -2.48 -0.06 9.67
C GLN A 13 -1.82 -0.51 8.37
N LEU A 14 -2.26 0.08 7.26
CA LEU A 14 -1.71 -0.25 5.95
C LEU A 14 -0.26 0.19 5.84
N ARG A 15 0.60 -0.72 5.38
CA ARG A 15 2.02 -0.44 5.22
C ARG A 15 2.49 -0.80 3.82
N ALA A 16 3.59 -0.17 3.39
CA ALA A 16 4.14 -0.42 2.07
C ALA A 16 5.36 -1.33 2.16
N LEU A 17 5.18 -2.59 1.75
CA LEU A 17 6.27 -3.56 1.79
C LEU A 17 7.18 -3.41 0.57
N ASN A 18 8.30 -4.11 0.58
CA ASN A 18 9.26 -4.05 -0.51
C ASN A 18 8.72 -4.77 -1.74
N LEU A 19 8.77 -4.10 -2.89
CA LEU A 19 8.29 -4.68 -4.14
C LEU A 19 9.12 -5.90 -4.53
N THR A 20 8.55 -6.74 -5.40
CA THR A 20 9.24 -7.94 -5.85
C THR A 20 9.17 -8.07 -7.37
N GLU A 21 10.35 -8.04 -8.00
CA GLU A 21 10.42 -8.15 -9.45
C GLU A 21 9.46 -7.18 -10.13
N GLY A 22 9.50 -5.92 -9.69
CA GLY A 22 8.63 -4.91 -10.25
C GLY A 22 7.16 -5.19 -9.99
N PHE A 23 6.88 -5.75 -8.82
CA PHE A 23 5.50 -6.07 -8.44
C PHE A 23 5.15 -5.42 -7.11
N ALA A 24 4.30 -4.40 -7.16
CA ALA A 24 3.88 -3.70 -5.95
C ALA A 24 2.51 -4.18 -5.49
N VAL A 25 2.43 -4.58 -4.22
CA VAL A 25 1.18 -5.06 -3.65
C VAL A 25 0.86 -4.37 -2.34
N LEU A 26 -0.41 -4.36 -1.97
CA LEU A 26 -0.85 -3.72 -0.73
C LEU A 26 -0.87 -4.73 0.42
N HIS A 27 -0.72 -4.23 1.64
CA HIS A 27 -0.73 -5.08 2.82
C HIS A 27 -1.58 -4.46 3.94
N TRP A 28 -2.62 -5.18 4.34
CA TRP A 28 -3.51 -4.70 5.39
C TRP A 28 -3.71 -5.77 6.45
N LYS A 29 -4.02 -5.33 7.67
CA LYS A 29 -4.24 -6.25 8.78
C LYS A 29 -5.72 -6.61 8.92
N PRO A 30 -6.01 -7.91 8.89
CA PRO A 30 -7.38 -8.42 9.00
C PRO A 30 -7.95 -8.22 10.41
N PRO A 31 -9.14 -7.61 10.48
CA PRO A 31 -9.82 -7.36 11.75
C PRO A 31 -10.33 -8.63 12.40
N GLN A 32 -10.84 -8.51 13.63
CA GLN A 32 -11.36 -9.65 14.36
C GLN A 32 -12.34 -10.46 13.50
N ASN A 33 -13.20 -9.75 12.78
CA ASN A 33 -14.18 -10.38 11.91
C ASN A 33 -13.83 -10.19 10.44
N PRO A 34 -13.77 -11.30 9.69
CA PRO A 34 -13.45 -11.28 8.26
C PRO A 34 -14.55 -10.65 7.43
N VAL A 35 -14.17 -9.72 6.55
CA VAL A 35 -15.13 -9.05 5.69
C VAL A 35 -15.52 -9.92 4.51
N ASP A 36 -16.37 -9.39 3.63
CA ASP A 36 -16.81 -10.13 2.45
C ASP A 36 -15.90 -9.86 1.26
N THR A 37 -15.81 -8.59 0.87
CA THR A 37 -14.96 -8.19 -0.26
C THR A 37 -14.24 -6.88 0.02
N TYR A 38 -13.01 -6.77 -0.45
CA TYR A 38 -12.22 -5.57 -0.24
C TYR A 38 -12.25 -4.69 -1.48
N ASP A 39 -12.59 -3.42 -1.30
CA ASP A 39 -12.66 -2.46 -2.40
C ASP A 39 -11.37 -1.67 -2.51
N ILE A 40 -10.55 -2.01 -3.51
CA ILE A 40 -9.29 -1.32 -3.71
C ILE A 40 -9.35 -0.41 -4.94
N GLN A 41 -9.08 0.88 -4.71
CA GLN A 41 -9.11 1.86 -5.79
C GLN A 41 -7.71 2.40 -6.08
N VAL A 42 -7.25 2.21 -7.32
CA VAL A 42 -5.93 2.67 -7.72
C VAL A 42 -6.04 3.78 -8.76
N THR A 43 -5.55 4.96 -8.40
CA THR A 43 -5.59 6.11 -9.29
C THR A 43 -4.33 6.96 -9.15
N ALA A 44 -4.18 7.94 -10.04
CA ALA A 44 -3.02 8.81 -10.01
C ALA A 44 -3.17 9.95 -11.02
N PRO A 45 -2.42 11.04 -10.80
CA PRO A 45 -2.45 12.23 -11.67
C PRO A 45 -1.85 11.95 -13.04
N GLY A 46 -2.69 11.76 -14.04
CA GLY A 46 -2.21 11.50 -15.39
C GLY A 46 -2.40 10.04 -15.78
N ALA A 47 -2.43 9.16 -14.80
CA ALA A 47 -2.61 7.73 -15.06
C ALA A 47 -4.08 7.35 -15.03
N PRO A 48 -4.43 6.29 -15.78
CA PRO A 48 -5.81 5.79 -15.86
C PRO A 48 -6.27 5.14 -14.58
N PRO A 49 -7.56 5.28 -14.26
CA PRO A 49 -8.16 4.71 -13.05
C PRO A 49 -8.23 3.18 -13.10
N LEU A 50 -8.08 2.55 -11.94
CA LEU A 50 -8.13 1.09 -11.86
C LEU A 50 -8.98 0.65 -10.68
N GLN A 51 -9.93 -0.25 -10.95
CA GLN A 51 -10.82 -0.76 -9.90
C GLN A 51 -10.74 -2.28 -9.82
N ALA A 52 -10.51 -2.79 -8.62
CA ALA A 52 -10.42 -4.23 -8.40
C ALA A 52 -11.13 -4.64 -7.11
N GLU A 53 -11.31 -5.94 -6.93
CA GLU A 53 -11.97 -6.46 -5.74
C GLU A 53 -11.44 -7.85 -5.39
N THR A 54 -11.52 -8.20 -4.11
CA THR A 54 -11.05 -9.49 -3.64
C THR A 54 -11.85 -9.97 -2.44
N PRO A 55 -11.96 -11.30 -2.27
CA PRO A 55 -12.70 -11.91 -1.17
C PRO A 55 -12.01 -11.71 0.17
N GLY A 56 -12.80 -11.60 1.23
CA GLY A 56 -12.24 -11.42 2.56
C GLY A 56 -11.14 -12.41 2.88
N SER A 57 -11.27 -13.62 2.34
CA SER A 57 -10.28 -14.66 2.58
C SER A 57 -8.88 -14.17 2.25
N ALA A 58 -8.80 -13.07 1.51
CA ALA A 58 -7.52 -12.49 1.13
C ALA A 58 -7.08 -11.43 2.13
N VAL A 59 -5.77 -11.20 2.22
CA VAL A 59 -5.22 -10.22 3.14
C VAL A 59 -4.34 -9.21 2.40
N ASP A 60 -4.38 -9.26 1.08
CA ASP A 60 -3.59 -8.36 0.25
C ASP A 60 -3.97 -8.48 -1.22
N TYR A 61 -3.73 -7.42 -1.99
CA TYR A 61 -4.06 -7.40 -3.40
C TYR A 61 -2.96 -6.72 -4.21
N PRO A 62 -2.28 -7.49 -5.07
CA PRO A 62 -1.20 -6.98 -5.92
C PRO A 62 -1.71 -6.05 -7.01
N LEU A 63 -0.87 -5.10 -7.40
CA LEU A 63 -1.24 -4.14 -8.45
C LEU A 63 -0.14 -4.03 -9.49
N HIS A 64 -0.53 -4.08 -10.77
CA HIS A 64 0.43 -3.97 -11.86
C HIS A 64 -0.02 -2.92 -12.87
N ASP A 65 0.83 -2.68 -13.87
CA ASP A 65 0.53 -1.69 -14.90
C ASP A 65 0.64 -0.27 -14.34
N LEU A 66 1.53 -0.10 -13.37
CA LEU A 66 1.75 1.21 -12.75
C LEU A 66 3.00 1.88 -13.31
N VAL A 67 2.92 3.18 -13.50
CA VAL A 67 4.05 3.95 -14.03
C VAL A 67 5.12 4.16 -12.97
N LEU A 68 6.32 3.67 -13.25
CA LEU A 68 7.44 3.79 -12.32
C LEU A 68 7.46 5.18 -11.67
N HIS A 69 7.88 6.17 -12.43
CA HIS A 69 7.94 7.55 -11.94
C HIS A 69 6.55 8.14 -11.83
N THR A 70 5.76 7.62 -10.88
CA THR A 70 4.39 8.10 -10.67
C THR A 70 3.84 7.60 -9.34
N ASN A 71 3.32 8.52 -8.54
CA ASN A 71 2.75 8.17 -7.25
C ASN A 71 1.31 7.68 -7.39
N TYR A 72 1.08 6.42 -7.03
CA TYR A 72 -0.25 5.83 -7.12
C TYR A 72 -0.89 5.70 -5.74
N THR A 73 -2.06 6.32 -5.57
CA THR A 73 -2.77 6.27 -4.31
C THR A 73 -3.80 5.15 -4.30
N ALA A 74 -3.67 4.24 -3.33
CA ALA A 74 -4.59 3.11 -3.20
C ALA A 74 -5.56 3.32 -2.05
N THR A 75 -6.77 2.79 -2.19
CA THR A 75 -7.79 2.92 -1.15
C THR A 75 -8.46 1.58 -0.87
N VAL A 76 -8.07 0.96 0.24
CA VAL A 76 -8.64 -0.34 0.62
C VAL A 76 -9.82 -0.15 1.57
N ARG A 77 -10.88 -0.92 1.33
CA ARG A 77 -12.08 -0.84 2.16
C ARG A 77 -12.63 -2.24 2.44
N GLY A 78 -13.59 -2.31 3.37
CA GLY A 78 -14.18 -3.58 3.72
C GLY A 78 -15.68 -3.60 3.51
N LEU A 79 -16.15 -4.46 2.60
CA LEU A 79 -17.57 -4.57 2.31
C LEU A 79 -18.26 -5.51 3.30
N ARG A 80 -18.98 -4.94 4.25
CA ARG A 80 -19.69 -5.74 5.25
C ARG A 80 -21.19 -5.43 5.23
N GLY A 81 -21.94 -6.27 4.54
CA GLY A 81 -23.38 -6.08 4.45
C GLY A 81 -23.75 -4.75 3.83
N PRO A 82 -24.92 -4.22 4.20
CA PRO A 82 -25.41 -2.94 3.68
C PRO A 82 -24.60 -1.75 4.19
N ASN A 83 -23.54 -2.04 4.94
CA ASN A 83 -22.68 -1.01 5.49
C ASN A 83 -21.25 -1.14 4.97
N LEU A 84 -20.40 -0.20 5.33
CA LEU A 84 -19.01 -0.21 4.90
C LEU A 84 -18.06 -0.05 6.09
N THR A 85 -16.80 -0.41 5.88
CA THR A 85 -15.80 -0.31 6.94
C THR A 85 -14.90 0.91 6.73
N SER A 86 -14.03 1.16 7.70
CA SER A 86 -13.11 2.29 7.62
C SER A 86 -12.08 2.08 6.51
N PRO A 87 -12.05 3.01 5.55
CA PRO A 87 -11.12 2.95 4.42
C PRO A 87 -9.69 3.21 4.84
N ALA A 88 -8.74 2.62 4.10
CA ALA A 88 -7.33 2.78 4.39
C ALA A 88 -6.53 3.08 3.12
N SER A 89 -5.94 4.26 3.07
CA SER A 89 -5.16 4.67 1.91
C SER A 89 -3.70 4.86 2.28
N ILE A 90 -2.82 4.74 1.29
CA ILE A 90 -1.39 4.91 1.52
C ILE A 90 -0.69 5.42 0.25
N THR A 91 0.44 6.10 0.45
CA THR A 91 1.21 6.65 -0.66
C THR A 91 2.50 5.86 -0.87
N PHE A 92 2.58 5.16 -1.99
CA PHE A 92 3.77 4.36 -2.30
C PHE A 92 4.23 4.63 -3.74
N THR A 93 5.52 4.92 -3.89
CA THR A 93 6.09 5.20 -5.19
C THR A 93 6.50 3.92 -5.91
N THR A 94 6.32 3.89 -7.23
CA THR A 94 6.66 2.72 -8.02
C THR A 94 8.02 2.89 -8.68
N GLY A 95 8.86 3.74 -8.10
CA GLY A 95 10.18 3.98 -8.64
C GLY A 95 11.21 4.29 -7.58
N LEU A 96 11.25 3.45 -6.54
CA LEU A 96 12.20 3.64 -5.45
C LEU A 96 13.35 2.63 -5.53
N GLU A 97 13.56 2.08 -6.72
CA GLU A 97 14.62 1.11 -6.94
C GLU A 97 15.90 1.54 -6.23
N ALA A 98 16.07 1.08 -4.99
CA ALA A 98 17.25 1.42 -4.21
C ALA A 98 17.28 0.64 -2.91
N PRO A 99 18.44 0.67 -2.22
CA PRO A 99 18.63 -0.04 -0.95
C PRO A 99 17.83 0.60 0.19
N ARG A 100 17.92 0.01 1.38
CA ARG A 100 17.21 0.51 2.54
C ARG A 100 17.34 2.03 2.63
N ASP A 101 16.29 2.67 3.14
CA ASP A 101 16.29 4.12 3.30
C ASP A 101 16.90 4.80 2.07
N LEU A 102 16.78 4.15 0.92
CA LEU A 102 17.33 4.68 -0.32
C LEU A 102 18.67 5.34 -0.08
N GLU A 103 19.54 4.68 0.67
CA GLU A 103 20.87 5.20 0.98
C GLU A 103 21.95 4.40 0.24
N ALA A 104 22.51 5.00 -0.81
CA ALA A 104 23.54 4.35 -1.59
C ALA A 104 24.46 3.51 -0.70
N LYS A 105 25.33 4.18 0.04
CA LYS A 105 26.26 3.50 0.93
C LYS A 105 27.06 4.50 1.76
N GLU A 106 27.52 4.07 2.92
CA GLU A 106 28.31 4.93 3.80
C GLU A 106 27.78 6.37 3.77
N VAL A 107 26.46 6.51 3.81
CA VAL A 107 25.82 7.82 3.79
C VAL A 107 26.31 8.69 4.94
N THR A 108 26.43 8.08 6.12
CA THR A 108 26.88 8.79 7.30
C THR A 108 28.06 8.08 7.96
N PRO A 109 29.26 8.33 7.42
CA PRO A 109 30.49 7.72 7.93
C PRO A 109 30.88 8.27 9.30
N SER A 110 31.41 7.40 10.16
CA SER A 110 31.83 7.80 11.49
C SER A 110 33.34 8.01 11.57
N GLY A 111 33.88 8.70 10.57
CA GLY A 111 35.31 8.95 10.53
C GLY A 111 36.11 7.79 11.05
N PRO A 112 36.39 6.81 10.17
CA PRO A 112 37.16 5.62 10.51
C PRO A 112 38.63 5.93 10.77
N SER A 113 39.38 4.92 11.17
CA SER A 113 40.81 5.08 11.46
C SER A 113 41.58 3.81 11.12
N SER A 114 42.91 3.90 11.18
CA SER A 114 43.77 2.76 10.89
C SER A 114 44.48 2.27 12.14
N GLY A 115 44.47 0.96 12.35
CA GLY A 115 45.12 0.39 13.52
C GLY A 115 44.14 0.01 14.60
N GLY A 1 -18.27 10.38 7.14
CA GLY A 1 -17.77 10.29 8.49
C GLY A 1 -18.01 8.93 9.11
N SER A 2 -17.24 7.94 8.66
CA SER A 2 -17.39 6.57 9.18
C SER A 2 -16.80 6.46 10.58
N SER A 3 -17.68 6.39 11.58
CA SER A 3 -17.25 6.28 12.97
C SER A 3 -16.48 4.98 13.20
N GLY A 4 -15.69 4.96 14.27
CA GLY A 4 -14.92 3.77 14.59
C GLY A 4 -14.77 3.55 16.08
N SER A 5 -15.89 3.57 16.79
CA SER A 5 -15.89 3.38 18.23
C SER A 5 -15.16 2.09 18.61
N SER A 6 -14.10 2.23 19.40
CA SER A 6 -13.31 1.07 19.83
C SER A 6 -12.67 0.38 18.63
N GLY A 7 -12.16 1.18 17.70
CA GLY A 7 -11.53 0.62 16.52
C GLY A 7 -12.51 0.35 15.40
N PRO A 8 -12.04 0.51 14.15
CA PRO A 8 -12.88 0.29 12.97
C PRO A 8 -13.23 -1.19 12.77
N ASP A 9 -13.73 -1.52 11.58
CA ASP A 9 -14.09 -2.89 11.27
C ASP A 9 -13.54 -3.30 9.91
N GLY A 10 -12.51 -2.59 9.45
CA GLY A 10 -11.90 -2.90 8.18
C GLY A 10 -10.38 -2.99 8.27
N PRO A 11 -9.72 -2.97 7.10
CA PRO A 11 -8.27 -3.05 7.02
C PRO A 11 -7.58 -1.79 7.55
N THR A 12 -6.63 -1.97 8.45
CA THR A 12 -5.90 -0.85 9.04
C THR A 12 -4.41 -1.14 9.09
N GLN A 13 -3.63 -0.11 9.45
CA GLN A 13 -2.18 -0.26 9.53
C GLN A 13 -1.58 -0.60 8.17
N LEU A 14 -2.19 -0.07 7.11
CA LEU A 14 -1.71 -0.32 5.76
C LEU A 14 -0.27 0.16 5.59
N ARG A 15 0.63 -0.79 5.33
CA ARG A 15 2.04 -0.47 5.15
C ARG A 15 2.56 -1.06 3.85
N ALA A 16 3.68 -0.53 3.37
CA ALA A 16 4.28 -1.00 2.12
C ALA A 16 5.76 -1.34 2.33
N LEU A 17 6.06 -2.63 2.37
CA LEU A 17 7.43 -3.09 2.56
C LEU A 17 8.23 -2.98 1.26
N ASN A 18 9.55 -3.13 1.36
CA ASN A 18 10.42 -3.06 0.20
C ASN A 18 10.23 -4.29 -0.70
N LEU A 19 9.29 -4.20 -1.62
CA LEU A 19 9.01 -5.31 -2.54
C LEU A 19 9.58 -5.02 -3.92
N THR A 20 9.48 -6.01 -4.81
CA THR A 20 9.98 -5.86 -6.17
C THR A 20 9.82 -4.43 -6.67
N GLU A 21 10.74 -3.98 -7.50
CA GLU A 21 10.70 -2.63 -8.05
C GLU A 21 9.94 -2.61 -9.37
N GLY A 22 8.99 -3.52 -9.52
CA GLY A 22 8.20 -3.58 -10.73
C GLY A 22 6.70 -3.52 -10.47
N PHE A 23 6.25 -4.30 -9.49
CA PHE A 23 4.84 -4.32 -9.13
C PHE A 23 4.64 -4.20 -7.63
N ALA A 24 3.92 -3.16 -7.21
CA ALA A 24 3.66 -2.93 -5.79
C ALA A 24 2.34 -3.57 -5.36
N VAL A 25 2.22 -3.85 -4.07
CA VAL A 25 1.00 -4.45 -3.53
C VAL A 25 0.56 -3.75 -2.24
N LEU A 26 -0.68 -3.99 -1.84
CA LEU A 26 -1.22 -3.39 -0.63
C LEU A 26 -1.26 -4.40 0.51
N HIS A 27 -0.72 -4.02 1.66
CA HIS A 27 -0.70 -4.90 2.82
C HIS A 27 -1.57 -4.33 3.95
N TRP A 28 -2.59 -5.07 4.33
CA TRP A 28 -3.50 -4.65 5.39
C TRP A 28 -3.66 -5.75 6.43
N LYS A 29 -4.00 -5.34 7.66
CA LYS A 29 -4.20 -6.29 8.74
C LYS A 29 -5.68 -6.65 8.90
N PRO A 30 -5.98 -7.96 8.88
CA PRO A 30 -7.35 -8.45 9.02
C PRO A 30 -7.90 -8.24 10.43
N PRO A 31 -9.05 -7.55 10.50
CA PRO A 31 -9.72 -7.26 11.78
C PRO A 31 -10.30 -8.51 12.43
N GLN A 32 -10.68 -8.39 13.69
CA GLN A 32 -11.27 -9.51 14.43
C GLN A 32 -12.10 -10.40 13.50
N ASN A 33 -12.93 -9.77 12.68
CA ASN A 33 -13.78 -10.49 11.75
C ASN A 33 -13.44 -10.14 10.30
N PRO A 34 -13.09 -11.16 9.51
CA PRO A 34 -12.74 -10.98 8.09
C PRO A 34 -13.94 -10.59 7.24
N VAL A 35 -13.90 -9.38 6.68
CA VAL A 35 -14.99 -8.90 5.85
C VAL A 35 -15.24 -9.84 4.68
N ASP A 36 -16.25 -9.51 3.87
CA ASP A 36 -16.60 -10.33 2.72
C ASP A 36 -15.67 -10.05 1.54
N THR A 37 -15.62 -8.78 1.13
CA THR A 37 -14.77 -8.38 0.01
C THR A 37 -14.12 -7.03 0.28
N TYR A 38 -12.96 -6.81 -0.31
CA TYR A 38 -12.23 -5.56 -0.14
C TYR A 38 -12.30 -4.71 -1.41
N ASP A 39 -12.64 -3.44 -1.25
CA ASP A 39 -12.74 -2.52 -2.38
C ASP A 39 -11.45 -1.70 -2.53
N ILE A 40 -10.69 -2.01 -3.57
CA ILE A 40 -9.44 -1.31 -3.83
C ILE A 40 -9.58 -0.34 -5.01
N GLN A 41 -9.10 0.89 -4.81
CA GLN A 41 -9.18 1.90 -5.86
C GLN A 41 -7.81 2.56 -6.08
N VAL A 42 -7.27 2.41 -7.28
CA VAL A 42 -5.98 2.97 -7.62
C VAL A 42 -6.12 4.12 -8.61
N THR A 43 -5.47 5.24 -8.33
CA THR A 43 -5.53 6.41 -9.19
C THR A 43 -4.20 7.16 -9.20
N ALA A 44 -4.09 8.14 -10.08
CA ALA A 44 -2.87 8.94 -10.19
C ALA A 44 -3.08 10.16 -11.08
N PRO A 45 -2.26 11.19 -10.88
CA PRO A 45 -2.34 12.43 -11.66
C PRO A 45 -1.91 12.24 -13.11
N GLY A 46 -2.83 11.80 -13.95
CA GLY A 46 -2.53 11.57 -15.35
C GLY A 46 -2.72 10.12 -15.76
N ALA A 47 -2.59 9.21 -14.80
CA ALA A 47 -2.75 7.80 -15.07
C ALA A 47 -4.22 7.40 -15.06
N PRO A 48 -4.56 6.34 -15.82
CA PRO A 48 -5.93 5.84 -15.91
C PRO A 48 -6.39 5.17 -14.62
N PRO A 49 -7.70 5.28 -14.34
CA PRO A 49 -8.29 4.69 -13.13
C PRO A 49 -8.32 3.17 -13.17
N LEU A 50 -8.16 2.55 -12.01
CA LEU A 50 -8.17 1.09 -11.92
C LEU A 50 -9.07 0.63 -10.77
N GLN A 51 -9.94 -0.33 -11.07
CA GLN A 51 -10.85 -0.86 -10.06
C GLN A 51 -10.73 -2.38 -9.97
N ALA A 52 -10.84 -2.91 -8.76
CA ALA A 52 -10.74 -4.35 -8.53
C ALA A 52 -11.32 -4.73 -7.18
N GLU A 53 -11.53 -6.03 -6.97
CA GLU A 53 -12.08 -6.53 -5.72
C GLU A 53 -11.45 -7.86 -5.34
N THR A 54 -11.45 -8.17 -4.05
CA THR A 54 -10.88 -9.41 -3.56
C THR A 54 -11.63 -9.91 -2.33
N PRO A 55 -11.72 -11.24 -2.18
CA PRO A 55 -12.41 -11.88 -1.06
C PRO A 55 -11.65 -11.69 0.26
N GLY A 56 -12.41 -11.59 1.35
CA GLY A 56 -11.79 -11.41 2.66
C GLY A 56 -10.64 -12.37 2.90
N SER A 57 -10.83 -13.63 2.50
CA SER A 57 -9.80 -14.65 2.68
C SER A 57 -8.43 -14.09 2.33
N ALA A 58 -8.40 -13.07 1.48
CA ALA A 58 -7.16 -12.45 1.07
C ALA A 58 -6.77 -11.30 1.99
N VAL A 59 -5.47 -11.09 2.17
CA VAL A 59 -4.98 -10.02 3.03
C VAL A 59 -4.02 -9.11 2.27
N ASP A 60 -4.07 -9.17 0.95
CA ASP A 60 -3.20 -8.34 0.11
C ASP A 60 -3.64 -8.41 -1.35
N TYR A 61 -3.44 -7.31 -2.08
CA TYR A 61 -3.82 -7.25 -3.48
C TYR A 61 -2.70 -6.62 -4.32
N PRO A 62 -1.96 -7.48 -5.04
CA PRO A 62 -0.85 -7.03 -5.89
C PRO A 62 -1.33 -6.26 -7.11
N LEU A 63 -0.95 -4.99 -7.20
CA LEU A 63 -1.34 -4.14 -8.32
C LEU A 63 -0.28 -4.17 -9.41
N HIS A 64 -0.71 -4.45 -10.64
CA HIS A 64 0.20 -4.50 -11.78
C HIS A 64 -0.17 -3.45 -12.82
N ASP A 65 0.70 -3.27 -13.82
CA ASP A 65 0.45 -2.31 -14.88
C ASP A 65 0.48 -0.88 -14.34
N LEU A 66 1.51 -0.57 -13.56
CA LEU A 66 1.66 0.76 -12.97
C LEU A 66 2.90 1.45 -13.51
N VAL A 67 2.82 2.77 -13.64
CA VAL A 67 3.93 3.56 -14.15
C VAL A 67 4.98 3.78 -13.07
N LEU A 68 6.20 3.30 -13.33
CA LEU A 68 7.29 3.44 -12.38
C LEU A 68 7.63 4.91 -12.14
N HIS A 69 8.32 5.18 -11.03
CA HIS A 69 8.71 6.55 -10.71
C HIS A 69 7.50 7.47 -10.68
N THR A 70 6.39 6.98 -10.13
CA THR A 70 5.17 7.75 -10.04
C THR A 70 4.46 7.51 -8.72
N ASN A 71 3.84 8.57 -8.18
CA ASN A 71 3.13 8.47 -6.91
C ASN A 71 1.69 8.01 -7.14
N TYR A 72 1.40 6.78 -6.75
CA TYR A 72 0.06 6.22 -6.90
C TYR A 72 -0.64 6.10 -5.56
N THR A 73 -1.89 6.56 -5.50
CA THR A 73 -2.68 6.51 -4.28
C THR A 73 -3.75 5.42 -4.36
N ALA A 74 -3.69 4.47 -3.44
CA ALA A 74 -4.65 3.38 -3.40
C ALA A 74 -5.55 3.48 -2.17
N THR A 75 -6.78 2.99 -2.29
CA THR A 75 -7.73 3.02 -1.18
C THR A 75 -8.45 1.69 -1.04
N VAL A 76 -8.29 1.07 0.13
CA VAL A 76 -8.92 -0.22 0.41
C VAL A 76 -10.05 -0.07 1.43
N ARG A 77 -11.17 -0.71 1.16
CA ARG A 77 -12.33 -0.65 2.05
C ARG A 77 -12.86 -2.05 2.34
N GLY A 78 -13.62 -2.18 3.43
CA GLY A 78 -14.17 -3.46 3.80
C GLY A 78 -15.67 -3.53 3.58
N LEU A 79 -16.11 -4.54 2.84
CA LEU A 79 -17.53 -4.70 2.55
C LEU A 79 -18.18 -5.63 3.57
N ARG A 80 -18.87 -5.03 4.54
CA ARG A 80 -19.54 -5.80 5.58
C ARG A 80 -21.05 -5.59 5.53
N GLY A 81 -21.75 -6.49 4.84
CA GLY A 81 -23.19 -6.37 4.72
C GLY A 81 -23.62 -5.14 3.97
N PRO A 82 -24.82 -4.62 4.28
CA PRO A 82 -25.37 -3.43 3.63
C PRO A 82 -24.60 -2.16 4.02
N ASN A 83 -23.55 -2.32 4.80
CA ASN A 83 -22.74 -1.19 5.24
C ASN A 83 -21.28 -1.37 4.81
N LEU A 84 -20.47 -0.36 5.09
CA LEU A 84 -19.05 -0.40 4.75
C LEU A 84 -18.18 -0.08 5.95
N THR A 85 -16.90 -0.40 5.85
CA THR A 85 -15.95 -0.14 6.93
C THR A 85 -15.11 1.10 6.64
N SER A 86 -14.24 1.44 7.59
CA SER A 86 -13.37 2.61 7.43
C SER A 86 -12.35 2.39 6.32
N PRO A 87 -12.25 3.38 5.41
CA PRO A 87 -11.32 3.31 4.28
C PRO A 87 -9.87 3.44 4.72
N ALA A 88 -8.98 2.75 4.01
CA ALA A 88 -7.56 2.78 4.33
C ALA A 88 -6.72 2.93 3.06
N SER A 89 -6.01 4.05 2.94
CA SER A 89 -5.17 4.31 1.79
C SER A 89 -3.71 4.44 2.20
N ILE A 90 -2.82 4.24 1.23
CA ILE A 90 -1.38 4.34 1.48
C ILE A 90 -0.65 4.91 0.27
N THR A 91 0.53 5.48 0.53
CA THR A 91 1.33 6.07 -0.54
C THR A 91 2.61 5.25 -0.78
N PHE A 92 2.68 4.58 -1.91
CA PHE A 92 3.84 3.78 -2.26
C PHE A 92 4.39 4.16 -3.63
N THR A 93 5.71 4.13 -3.76
CA THR A 93 6.36 4.47 -5.01
C THR A 93 6.78 3.23 -5.79
N THR A 94 6.30 3.11 -7.02
CA THR A 94 6.63 1.96 -7.86
C THR A 94 7.97 2.17 -8.57
N GLY A 95 8.82 1.15 -8.50
CA GLY A 95 10.12 1.25 -9.15
C GLY A 95 11.19 1.83 -8.24
N LEU A 96 10.86 2.96 -7.60
CA LEU A 96 11.79 3.62 -6.70
C LEU A 96 11.75 2.99 -5.31
N GLU A 97 11.68 1.67 -5.27
CA GLU A 97 11.64 0.95 -4.00
C GLU A 97 12.31 -0.42 -4.13
N ALA A 98 13.36 -0.64 -3.36
CA ALA A 98 14.09 -1.89 -3.38
C ALA A 98 14.80 -2.15 -2.06
N PRO A 99 14.82 -3.42 -1.63
CA PRO A 99 15.47 -3.82 -0.37
C PRO A 99 16.98 -3.72 -0.44
N ARG A 100 17.50 -3.49 -1.64
CA ARG A 100 18.95 -3.37 -1.85
C ARG A 100 19.30 -2.02 -2.49
N ASP A 101 20.58 -1.78 -2.67
CA ASP A 101 21.05 -0.54 -3.27
C ASP A 101 20.55 -0.40 -4.70
N LEU A 102 19.97 0.75 -5.01
CA LEU A 102 19.44 1.00 -6.36
C LEU A 102 20.56 0.99 -7.38
N GLU A 103 21.58 1.80 -7.16
CA GLU A 103 22.72 1.88 -8.07
C GLU A 103 23.39 0.52 -8.22
N ALA A 104 23.02 -0.20 -9.28
CA ALA A 104 23.59 -1.52 -9.55
C ALA A 104 24.73 -1.43 -10.55
N LYS A 105 25.95 -1.68 -10.07
CA LYS A 105 27.13 -1.63 -10.92
C LYS A 105 27.19 -2.85 -11.84
N GLU A 106 27.63 -2.64 -13.07
CA GLU A 106 27.74 -3.73 -14.04
C GLU A 106 28.83 -3.43 -15.06
N VAL A 107 29.96 -4.12 -14.94
CA VAL A 107 31.08 -3.94 -15.85
C VAL A 107 31.31 -5.20 -16.69
N THR A 108 31.58 -5.01 -17.97
CA THR A 108 31.83 -6.12 -18.88
C THR A 108 33.31 -6.23 -19.23
N PRO A 109 33.81 -7.47 -19.33
CA PRO A 109 35.21 -7.74 -19.66
C PRO A 109 35.54 -7.37 -21.10
N SER A 110 36.77 -7.67 -21.51
CA SER A 110 37.23 -7.37 -22.87
C SER A 110 38.40 -8.26 -23.27
N GLY A 111 38.37 -8.77 -24.49
CA GLY A 111 39.44 -9.62 -24.96
C GLY A 111 40.81 -9.05 -24.66
N PRO A 112 41.79 -9.95 -24.45
CA PRO A 112 43.17 -9.55 -24.14
C PRO A 112 43.87 -8.93 -25.35
N SER A 113 45.13 -8.54 -25.15
CA SER A 113 45.91 -7.92 -26.21
C SER A 113 46.94 -8.90 -26.77
N SER A 114 47.71 -8.45 -27.75
CA SER A 114 48.73 -9.28 -28.38
C SER A 114 50.11 -8.95 -27.83
N GLY A 115 51.11 -9.73 -28.25
CA GLY A 115 52.46 -9.50 -27.78
C GLY A 115 52.77 -8.03 -27.58
N GLY A 1 -17.04 0.55 32.23
CA GLY A 1 -16.17 1.53 31.60
C GLY A 1 -16.32 1.55 30.10
N SER A 2 -15.20 1.55 29.39
CA SER A 2 -15.20 1.58 27.93
C SER A 2 -14.24 0.54 27.36
N SER A 3 -14.67 -0.12 26.29
CA SER A 3 -13.85 -1.15 25.65
C SER A 3 -13.20 -0.60 24.38
N GLY A 4 -12.30 -1.40 23.81
CA GLY A 4 -11.63 -0.98 22.59
C GLY A 4 -12.44 -1.26 21.34
N SER A 5 -13.66 -0.74 21.31
CA SER A 5 -14.55 -0.96 20.17
C SER A 5 -14.71 0.34 19.37
N SER A 6 -13.59 1.03 19.16
CA SER A 6 -13.60 2.28 18.41
C SER A 6 -13.18 2.05 16.96
N GLY A 7 -12.01 1.43 16.79
CA GLY A 7 -11.50 1.16 15.46
C GLY A 7 -12.57 0.58 14.53
N PRO A 8 -12.32 0.67 13.23
CA PRO A 8 -13.25 0.15 12.21
C PRO A 8 -13.31 -1.37 12.20
N ASP A 9 -13.96 -1.92 11.18
CA ASP A 9 -14.09 -3.37 11.06
C ASP A 9 -13.44 -3.87 9.76
N GLY A 10 -12.73 -2.97 9.09
CA GLY A 10 -12.07 -3.34 7.85
C GLY A 10 -10.55 -3.39 7.99
N PRO A 11 -9.84 -3.23 6.86
CA PRO A 11 -8.38 -3.25 6.84
C PRO A 11 -7.77 -2.03 7.51
N THR A 12 -6.87 -2.27 8.46
CA THR A 12 -6.21 -1.19 9.18
C THR A 12 -4.70 -1.42 9.27
N GLN A 13 -3.96 -0.35 9.56
CA GLN A 13 -2.52 -0.44 9.68
C GLN A 13 -1.87 -0.73 8.32
N LEU A 14 -2.46 -0.18 7.27
CA LEU A 14 -1.95 -0.37 5.91
C LEU A 14 -0.52 0.11 5.80
N ARG A 15 0.39 -0.77 5.38
CA ARG A 15 1.79 -0.43 5.23
C ARG A 15 2.31 -0.89 3.87
N ALA A 16 3.42 -0.28 3.43
CA ALA A 16 4.02 -0.63 2.15
C ALA A 16 5.23 -1.53 2.34
N LEU A 17 5.07 -2.81 2.03
CA LEU A 17 6.15 -3.78 2.17
C LEU A 17 7.13 -3.67 1.01
N ASN A 18 8.28 -4.33 1.14
CA ASN A 18 9.31 -4.30 0.11
C ASN A 18 9.03 -5.38 -0.95
N LEU A 19 8.20 -5.05 -1.93
CA LEU A 19 7.85 -5.97 -3.00
C LEU A 19 8.63 -5.65 -4.27
N THR A 20 8.51 -6.52 -5.26
CA THR A 20 9.20 -6.33 -6.54
C THR A 20 9.18 -4.86 -6.96
N GLU A 21 10.36 -4.28 -7.14
CA GLU A 21 10.48 -2.89 -7.54
C GLU A 21 9.45 -2.54 -8.62
N GLY A 22 9.01 -3.57 -9.35
CA GLY A 22 8.03 -3.35 -10.40
C GLY A 22 6.62 -3.70 -9.96
N PHE A 23 6.46 -4.89 -9.40
CA PHE A 23 5.14 -5.35 -8.95
C PHE A 23 4.83 -4.79 -7.56
N ALA A 24 3.89 -3.86 -7.50
CA ALA A 24 3.50 -3.24 -6.24
C ALA A 24 2.23 -3.88 -5.69
N VAL A 25 2.21 -4.13 -4.38
CA VAL A 25 1.06 -4.73 -3.74
C VAL A 25 0.69 -3.99 -2.46
N LEU A 26 -0.52 -4.23 -1.97
CA LEU A 26 -1.00 -3.59 -0.76
C LEU A 26 -0.99 -4.56 0.42
N HIS A 27 -0.74 -4.04 1.62
CA HIS A 27 -0.71 -4.87 2.82
C HIS A 27 -1.63 -4.29 3.90
N TRP A 28 -2.63 -5.07 4.30
CA TRP A 28 -3.57 -4.63 5.32
C TRP A 28 -3.71 -5.68 6.42
N LYS A 29 -4.06 -5.24 7.62
CA LYS A 29 -4.23 -6.15 8.74
C LYS A 29 -5.69 -6.55 8.90
N PRO A 30 -5.95 -7.87 8.86
CA PRO A 30 -7.31 -8.41 9.00
C PRO A 30 -7.87 -8.25 10.40
N PRO A 31 -9.01 -7.54 10.51
CA PRO A 31 -9.67 -7.30 11.79
C PRO A 31 -10.27 -8.56 12.39
N GLN A 32 -10.56 -8.52 13.68
CA GLN A 32 -11.14 -9.66 14.38
C GLN A 32 -12.09 -10.43 13.46
N ASN A 33 -13.06 -9.72 12.90
CA ASN A 33 -14.04 -10.34 12.00
C ASN A 33 -13.63 -10.14 10.54
N PRO A 34 -13.44 -11.26 9.83
CA PRO A 34 -13.04 -11.25 8.42
C PRO A 34 -14.17 -10.74 7.51
N VAL A 35 -13.95 -9.59 6.89
CA VAL A 35 -14.93 -9.00 5.99
C VAL A 35 -15.29 -9.96 4.86
N ASP A 36 -16.19 -9.52 3.99
CA ASP A 36 -16.62 -10.34 2.86
C ASP A 36 -15.75 -10.08 1.64
N THR A 37 -15.67 -8.81 1.24
CA THR A 37 -14.86 -8.43 0.08
C THR A 37 -14.14 -7.11 0.33
N TYR A 38 -13.02 -6.92 -0.37
CA TYR A 38 -12.24 -5.70 -0.23
C TYR A 38 -12.32 -4.84 -1.50
N ASP A 39 -12.68 -3.58 -1.33
CA ASP A 39 -12.79 -2.66 -2.45
C ASP A 39 -11.51 -1.85 -2.62
N ILE A 40 -10.71 -2.23 -3.62
CA ILE A 40 -9.46 -1.54 -3.89
C ILE A 40 -9.59 -0.61 -5.09
N GLN A 41 -9.03 0.59 -4.97
CA GLN A 41 -9.08 1.57 -6.03
C GLN A 41 -7.74 2.29 -6.19
N VAL A 42 -7.16 2.17 -7.39
CA VAL A 42 -5.87 2.80 -7.66
C VAL A 42 -6.03 4.01 -8.57
N THR A 43 -5.40 5.12 -8.20
CA THR A 43 -5.48 6.35 -8.98
C THR A 43 -4.17 7.13 -8.90
N ALA A 44 -4.01 8.10 -9.80
CA ALA A 44 -2.82 8.94 -9.82
C ALA A 44 -3.00 10.13 -10.74
N PRO A 45 -2.21 11.19 -10.51
CA PRO A 45 -2.27 12.41 -11.30
C PRO A 45 -1.73 12.21 -12.71
N GLY A 46 -2.65 12.07 -13.67
CA GLY A 46 -2.25 11.87 -15.06
C GLY A 46 -2.16 10.41 -15.43
N ALA A 47 -2.82 9.56 -14.64
CA ALA A 47 -2.83 8.13 -14.90
C ALA A 47 -4.26 7.59 -14.95
N PRO A 48 -4.44 6.47 -15.69
CA PRO A 48 -5.75 5.83 -15.84
C PRO A 48 -6.22 5.18 -14.56
N PRO A 49 -7.53 5.26 -14.29
CA PRO A 49 -8.15 4.67 -13.09
C PRO A 49 -8.15 3.15 -13.14
N LEU A 50 -8.00 2.53 -11.97
CA LEU A 50 -7.99 1.08 -11.87
C LEU A 50 -8.86 0.60 -10.70
N GLN A 51 -9.74 -0.34 -10.98
CA GLN A 51 -10.64 -0.88 -9.96
C GLN A 51 -10.55 -2.41 -9.91
N ALA A 52 -10.75 -2.96 -8.72
CA ALA A 52 -10.69 -4.41 -8.53
C ALA A 52 -11.23 -4.80 -7.17
N GLU A 53 -11.66 -6.06 -7.05
CA GLU A 53 -12.20 -6.57 -5.79
C GLU A 53 -11.59 -7.92 -5.44
N THR A 54 -11.55 -8.23 -4.15
CA THR A 54 -11.00 -9.50 -3.67
C THR A 54 -11.73 -10.00 -2.44
N PRO A 55 -11.84 -11.32 -2.32
CA PRO A 55 -12.52 -11.96 -1.19
C PRO A 55 -11.74 -11.80 0.12
N GLY A 56 -12.47 -11.64 1.22
CA GLY A 56 -11.83 -11.49 2.51
C GLY A 56 -10.69 -12.47 2.72
N SER A 57 -10.93 -13.72 2.36
CA SER A 57 -9.92 -14.77 2.52
C SER A 57 -8.53 -14.23 2.21
N ALA A 58 -8.46 -13.29 1.27
CA ALA A 58 -7.19 -12.69 0.88
C ALA A 58 -6.80 -11.56 1.83
N VAL A 59 -5.49 -11.41 2.05
CA VAL A 59 -4.99 -10.37 2.93
C VAL A 59 -4.07 -9.42 2.20
N ASP A 60 -4.15 -9.43 0.87
CA ASP A 60 -3.33 -8.55 0.04
C ASP A 60 -3.78 -8.60 -1.42
N TYR A 61 -3.63 -7.48 -2.11
CA TYR A 61 -4.03 -7.39 -3.50
C TYR A 61 -2.95 -6.71 -4.34
N PRO A 62 -2.15 -7.54 -5.05
CA PRO A 62 -1.07 -7.05 -5.90
C PRO A 62 -1.58 -6.33 -7.14
N LEU A 63 -1.10 -5.11 -7.35
CA LEU A 63 -1.50 -4.31 -8.50
C LEU A 63 -0.38 -4.23 -9.54
N HIS A 64 -0.75 -4.40 -10.81
CA HIS A 64 0.22 -4.34 -11.89
C HIS A 64 -0.08 -3.19 -12.84
N ASP A 65 0.74 -3.04 -13.86
CA ASP A 65 0.56 -1.97 -14.85
C ASP A 65 0.58 -0.61 -14.17
N LEU A 66 1.60 -0.37 -13.35
CA LEU A 66 1.73 0.90 -12.64
C LEU A 66 2.96 1.66 -13.12
N VAL A 67 2.73 2.87 -13.64
CA VAL A 67 3.81 3.71 -14.13
C VAL A 67 4.86 3.95 -13.06
N LEU A 68 6.13 3.82 -13.43
CA LEU A 68 7.24 4.03 -12.49
C LEU A 68 7.51 5.51 -12.29
N HIS A 69 8.23 5.84 -11.23
CA HIS A 69 8.56 7.22 -10.92
C HIS A 69 7.30 8.09 -10.86
N THR A 70 6.25 7.54 -10.26
CA THR A 70 4.98 8.25 -10.13
C THR A 70 4.27 7.89 -8.83
N ASN A 71 3.70 8.89 -8.18
CA ASN A 71 2.98 8.67 -6.93
C ASN A 71 1.60 8.08 -7.18
N TYR A 72 1.36 6.90 -6.61
CA TYR A 72 0.08 6.23 -6.78
C TYR A 72 -0.63 6.06 -5.43
N THR A 73 -1.87 6.52 -5.36
CA THR A 73 -2.66 6.42 -4.13
C THR A 73 -3.64 5.25 -4.21
N ALA A 74 -3.47 4.30 -3.29
CA ALA A 74 -4.36 3.13 -3.26
C ALA A 74 -5.33 3.22 -2.08
N THR A 75 -6.58 2.82 -2.33
CA THR A 75 -7.61 2.86 -1.29
C THR A 75 -8.27 1.49 -1.13
N VAL A 76 -8.09 0.90 0.04
CA VAL A 76 -8.67 -0.40 0.33
C VAL A 76 -9.82 -0.30 1.33
N ARG A 77 -11.00 -0.76 0.92
CA ARG A 77 -12.18 -0.70 1.78
C ARG A 77 -12.71 -2.11 2.06
N GLY A 78 -13.46 -2.24 3.14
CA GLY A 78 -14.02 -3.53 3.51
C GLY A 78 -15.53 -3.55 3.45
N LEU A 79 -16.08 -4.53 2.73
CA LEU A 79 -17.53 -4.65 2.60
C LEU A 79 -18.10 -5.56 3.68
N ARG A 80 -18.80 -4.95 4.65
CA ARG A 80 -19.39 -5.70 5.74
C ARG A 80 -20.91 -5.48 5.80
N GLY A 81 -21.66 -6.40 5.19
CA GLY A 81 -23.11 -6.28 5.18
C GLY A 81 -23.58 -4.99 4.55
N PRO A 82 -24.74 -4.49 4.99
CA PRO A 82 -25.33 -3.25 4.48
C PRO A 82 -24.54 -2.02 4.90
N ASN A 83 -23.42 -2.24 5.58
CA ASN A 83 -22.57 -1.15 6.04
C ASN A 83 -21.17 -1.26 5.46
N LEU A 84 -20.38 -0.21 5.62
CA LEU A 84 -19.01 -0.19 5.10
C LEU A 84 -18.02 0.20 6.19
N THR A 85 -16.77 -0.22 6.03
CA THR A 85 -15.73 0.10 7.01
C THR A 85 -14.90 1.30 6.55
N SER A 86 -14.00 1.75 7.42
CA SER A 86 -13.15 2.89 7.12
C SER A 86 -12.18 2.56 5.99
N PRO A 87 -12.08 3.47 5.01
CA PRO A 87 -11.20 3.30 3.85
C PRO A 87 -9.73 3.42 4.23
N ALA A 88 -8.91 2.53 3.69
CA ALA A 88 -7.48 2.52 3.96
C ALA A 88 -6.69 3.12 2.80
N SER A 89 -6.06 4.27 3.05
CA SER A 89 -5.28 4.95 2.03
C SER A 89 -3.81 5.00 2.41
N ILE A 90 -2.94 5.07 1.42
CA ILE A 90 -1.50 5.13 1.65
C ILE A 90 -0.76 5.64 0.42
N THR A 91 0.47 6.12 0.62
CA THR A 91 1.28 6.63 -0.48
C THR A 91 2.57 5.83 -0.63
N PHE A 92 2.69 5.12 -1.74
CA PHE A 92 3.88 4.31 -2.02
C PHE A 92 4.40 4.56 -3.42
N THR A 93 5.71 4.71 -3.54
CA THR A 93 6.34 4.96 -4.83
C THR A 93 6.58 3.65 -5.58
N THR A 94 6.22 3.64 -6.86
CA THR A 94 6.40 2.45 -7.69
C THR A 94 7.85 2.31 -8.13
N GLY A 95 8.38 3.34 -8.77
CA GLY A 95 9.75 3.30 -9.24
C GLY A 95 10.67 4.17 -8.41
N LEU A 96 10.66 3.98 -7.10
CA LEU A 96 11.50 4.75 -6.18
C LEU A 96 12.97 4.60 -6.54
N GLU A 97 13.27 3.63 -7.40
CA GLU A 97 14.65 3.38 -7.82
C GLU A 97 15.31 4.68 -8.28
N ALA A 98 16.49 4.96 -7.71
CA ALA A 98 17.23 6.17 -8.05
C ALA A 98 18.64 6.12 -7.48
N PRO A 99 19.59 6.75 -8.19
CA PRO A 99 21.00 6.80 -7.77
C PRO A 99 21.20 7.67 -6.53
N ARG A 100 20.11 8.22 -6.02
CA ARG A 100 20.17 9.07 -4.83
C ARG A 100 19.33 8.50 -3.70
N ASP A 101 19.50 9.04 -2.50
CA ASP A 101 18.75 8.58 -1.34
C ASP A 101 17.37 9.22 -1.29
N LEU A 102 16.34 8.39 -1.19
CA LEU A 102 14.96 8.88 -1.13
C LEU A 102 14.69 9.60 0.18
N GLU A 103 14.77 8.87 1.28
CA GLU A 103 14.53 9.44 2.61
C GLU A 103 15.82 9.47 3.43
N ALA A 104 16.60 8.40 3.33
CA ALA A 104 17.85 8.29 4.06
C ALA A 104 18.81 9.40 3.65
N LYS A 105 19.91 9.53 4.39
CA LYS A 105 20.91 10.55 4.09
C LYS A 105 22.23 10.23 4.80
N GLU A 106 23.26 11.03 4.51
CA GLU A 106 24.57 10.82 5.10
C GLU A 106 24.90 11.94 6.09
N VAL A 107 25.04 11.57 7.36
CA VAL A 107 25.36 12.56 8.40
C VAL A 107 26.25 11.94 9.48
N THR A 108 27.33 12.64 9.81
CA THR A 108 28.27 12.17 10.82
C THR A 108 28.30 13.11 12.03
N PRO A 109 28.43 12.51 13.23
CA PRO A 109 28.47 13.27 14.48
C PRO A 109 29.75 14.08 14.63
N SER A 110 29.87 14.79 15.75
CA SER A 110 31.05 15.61 16.01
C SER A 110 31.32 15.72 17.50
N GLY A 111 32.58 15.50 17.89
CA GLY A 111 32.95 15.56 19.29
C GLY A 111 33.68 16.85 19.63
N PRO A 112 33.45 17.35 20.85
CA PRO A 112 34.09 18.59 21.32
C PRO A 112 35.58 18.41 21.57
N SER A 113 36.20 19.44 22.14
CA SER A 113 37.64 19.39 22.43
C SER A 113 37.97 20.26 23.64
N SER A 114 39.24 20.24 24.05
CA SER A 114 39.69 21.03 25.18
C SER A 114 39.65 22.52 24.87
N GLY A 115 39.92 23.34 25.87
CA GLY A 115 39.92 24.78 25.67
C GLY A 115 39.01 25.49 26.66
N GLY A 1 -21.55 2.09 20.29
CA GLY A 1 -21.25 2.90 21.46
C GLY A 1 -20.27 2.23 22.40
N SER A 2 -19.02 2.69 22.37
CA SER A 2 -17.98 2.12 23.22
C SER A 2 -16.88 3.14 23.49
N SER A 3 -16.29 3.07 24.68
CA SER A 3 -15.23 3.99 25.06
C SER A 3 -13.86 3.39 24.75
N GLY A 4 -13.31 3.78 23.60
CA GLY A 4 -12.01 3.27 23.20
C GLY A 4 -11.65 3.64 21.77
N SER A 5 -12.31 2.98 20.81
CA SER A 5 -12.06 3.25 19.41
C SER A 5 -10.64 2.85 19.01
N SER A 6 -10.27 1.62 19.38
CA SER A 6 -8.94 1.10 19.08
C SER A 6 -8.71 1.04 17.57
N GLY A 7 -9.65 0.42 16.86
CA GLY A 7 -9.53 0.31 15.42
C GLY A 7 -10.87 0.13 14.74
N PRO A 8 -10.94 0.50 13.45
CA PRO A 8 -12.18 0.40 12.66
C PRO A 8 -12.55 -1.05 12.36
N ASP A 9 -13.47 -1.24 11.43
CA ASP A 9 -13.91 -2.58 11.05
C ASP A 9 -13.27 -3.01 9.74
N GLY A 10 -12.56 -2.09 9.10
CA GLY A 10 -11.90 -2.41 7.85
C GLY A 10 -10.41 -2.64 8.01
N PRO A 11 -9.68 -2.58 6.89
CA PRO A 11 -8.22 -2.78 6.89
C PRO A 11 -7.47 -1.64 7.56
N THR A 12 -6.54 -1.99 8.45
CA THR A 12 -5.75 -0.99 9.16
C THR A 12 -4.27 -1.32 9.12
N GLN A 13 -3.45 -0.45 9.70
CA GLN A 13 -2.01 -0.66 9.71
C GLN A 13 -1.48 -0.90 8.31
N LEU A 14 -2.10 -0.26 7.33
CA LEU A 14 -1.69 -0.42 5.94
C LEU A 14 -0.25 0.07 5.74
N ARG A 15 0.60 -0.83 5.25
CA ARG A 15 2.00 -0.51 5.02
C ARG A 15 2.45 -0.99 3.65
N ALA A 16 3.61 -0.52 3.21
CA ALA A 16 4.16 -0.90 1.92
C ALA A 16 5.57 -1.46 2.05
N LEU A 17 5.73 -2.74 1.75
CA LEU A 17 7.02 -3.40 1.85
C LEU A 17 7.82 -3.23 0.55
N ASN A 18 9.09 -3.61 0.58
CA ASN A 18 9.96 -3.50 -0.58
C ASN A 18 9.78 -4.71 -1.50
N LEU A 19 8.79 -4.63 -2.38
CA LEU A 19 8.52 -5.73 -3.32
C LEU A 19 9.21 -5.47 -4.66
N THR A 20 9.13 -6.46 -5.55
CA THR A 20 9.73 -6.34 -6.88
C THR A 20 9.69 -4.90 -7.38
N GLU A 21 10.72 -4.49 -8.09
CA GLU A 21 10.79 -3.14 -8.64
C GLU A 21 10.00 -3.03 -9.94
N GLY A 22 8.84 -3.69 -9.97
CA GLY A 22 8.01 -3.65 -11.15
C GLY A 22 6.53 -3.49 -10.82
N PHE A 23 6.09 -4.20 -9.79
CA PHE A 23 4.69 -4.14 -9.37
C PHE A 23 4.58 -4.09 -7.85
N ALA A 24 3.87 -3.08 -7.34
CA ALA A 24 3.69 -2.92 -5.91
C ALA A 24 2.37 -3.52 -5.45
N VAL A 25 2.35 -4.07 -4.24
CA VAL A 25 1.14 -4.67 -3.69
C VAL A 25 0.74 -4.00 -2.38
N LEU A 26 -0.54 -4.10 -2.03
CA LEU A 26 -1.05 -3.51 -0.80
C LEU A 26 -1.07 -4.53 0.32
N HIS A 27 -0.78 -4.06 1.53
CA HIS A 27 -0.76 -4.93 2.71
C HIS A 27 -1.63 -4.36 3.83
N TRP A 28 -2.65 -5.11 4.22
CA TRP A 28 -3.56 -4.67 5.28
C TRP A 28 -3.73 -5.75 6.34
N LYS A 29 -4.03 -5.34 7.55
CA LYS A 29 -4.22 -6.28 8.65
C LYS A 29 -5.70 -6.64 8.81
N PRO A 30 -5.99 -7.94 8.83
CA PRO A 30 -7.37 -8.45 8.98
C PRO A 30 -7.92 -8.21 10.37
N PRO A 31 -8.98 -7.38 10.44
CA PRO A 31 -9.63 -7.04 11.71
C PRO A 31 -10.40 -8.22 12.30
N GLN A 32 -10.48 -8.27 13.62
CA GLN A 32 -11.18 -9.35 14.31
C GLN A 32 -12.39 -9.81 13.50
N ASN A 33 -13.17 -8.86 13.01
CA ASN A 33 -14.36 -9.16 12.24
C ASN A 33 -14.01 -9.31 10.75
N PRO A 34 -14.08 -10.55 10.25
CA PRO A 34 -13.77 -10.86 8.85
C PRO A 34 -14.82 -10.31 7.90
N VAL A 35 -14.38 -9.48 6.95
CA VAL A 35 -15.28 -8.88 5.98
C VAL A 35 -15.59 -9.85 4.85
N ASP A 36 -16.34 -9.39 3.86
CA ASP A 36 -16.71 -10.22 2.71
C ASP A 36 -15.78 -9.97 1.53
N THR A 37 -15.71 -8.71 1.10
CA THR A 37 -14.86 -8.34 -0.02
C THR A 37 -14.20 -6.98 0.22
N TYR A 38 -12.97 -6.84 -0.26
CA TYR A 38 -12.23 -5.59 -0.09
C TYR A 38 -12.25 -4.77 -1.39
N ASP A 39 -12.61 -3.50 -1.25
CA ASP A 39 -12.67 -2.61 -2.41
C ASP A 39 -11.37 -1.81 -2.55
N ILE A 40 -10.66 -2.05 -3.64
CA ILE A 40 -9.39 -1.37 -3.90
C ILE A 40 -9.48 -0.50 -5.14
N GLN A 41 -9.22 0.78 -4.99
CA GLN A 41 -9.27 1.72 -6.10
C GLN A 41 -7.94 2.46 -6.26
N VAL A 42 -7.21 2.15 -7.33
CA VAL A 42 -5.93 2.78 -7.60
C VAL A 42 -6.09 4.01 -8.50
N THR A 43 -5.57 5.14 -8.05
CA THR A 43 -5.65 6.37 -8.80
C THR A 43 -4.36 7.19 -8.70
N ALA A 44 -4.22 8.18 -9.56
CA ALA A 44 -3.03 9.03 -9.56
C ALA A 44 -3.26 10.30 -10.37
N PRO A 45 -2.55 11.38 -10.00
CA PRO A 45 -2.66 12.67 -10.68
C PRO A 45 -2.08 12.64 -12.08
N GLY A 46 -2.86 12.15 -13.03
CA GLY A 46 -2.40 12.08 -14.41
C GLY A 46 -2.46 10.67 -14.96
N ALA A 47 -3.05 9.76 -14.20
CA ALA A 47 -3.16 8.36 -14.63
C ALA A 47 -4.60 7.88 -14.54
N PRO A 48 -4.97 6.90 -15.39
CA PRO A 48 -6.31 6.34 -15.43
C PRO A 48 -6.63 5.51 -14.19
N PRO A 49 -7.90 5.47 -13.80
CA PRO A 49 -8.36 4.72 -12.63
C PRO A 49 -8.29 3.21 -12.86
N LEU A 50 -8.09 2.47 -11.77
CA LEU A 50 -8.01 1.01 -11.85
C LEU A 50 -8.85 0.36 -10.77
N GLN A 51 -9.70 -0.58 -11.18
CA GLN A 51 -10.58 -1.28 -10.24
C GLN A 51 -9.96 -2.60 -9.80
N ALA A 52 -10.30 -3.05 -8.60
CA ALA A 52 -9.78 -4.29 -8.07
C ALA A 52 -10.54 -4.72 -6.82
N GLU A 53 -10.91 -5.99 -6.77
CA GLU A 53 -11.65 -6.53 -5.63
C GLU A 53 -11.14 -7.92 -5.25
N THR A 54 -11.28 -8.26 -3.97
CA THR A 54 -10.83 -9.56 -3.48
C THR A 54 -11.61 -9.99 -2.25
N PRO A 55 -11.80 -11.30 -2.08
CA PRO A 55 -12.53 -11.87 -0.95
C PRO A 55 -11.78 -11.71 0.36
N GLY A 56 -12.53 -11.55 1.45
CA GLY A 56 -11.92 -11.40 2.76
C GLY A 56 -10.77 -12.36 2.98
N SER A 57 -10.97 -13.62 2.59
CA SER A 57 -9.96 -14.65 2.76
C SER A 57 -8.57 -14.08 2.44
N ALA A 58 -8.51 -13.17 1.48
CA ALA A 58 -7.24 -12.57 1.09
C ALA A 58 -6.87 -11.43 2.03
N VAL A 59 -5.58 -11.16 2.14
CA VAL A 59 -5.08 -10.09 3.02
C VAL A 59 -4.21 -9.11 2.24
N ASP A 60 -4.25 -9.21 0.92
CA ASP A 60 -3.45 -8.33 0.06
C ASP A 60 -3.84 -8.50 -1.40
N TYR A 61 -3.61 -7.46 -2.19
CA TYR A 61 -3.95 -7.49 -3.61
C TYR A 61 -2.84 -6.85 -4.44
N PRO A 62 -2.05 -7.69 -5.12
CA PRO A 62 -0.95 -7.24 -5.97
C PRO A 62 -1.43 -6.52 -7.22
N LEU A 63 -1.12 -5.24 -7.34
CA LEU A 63 -1.52 -4.44 -8.49
C LEU A 63 -0.40 -4.36 -9.51
N HIS A 64 -0.73 -4.63 -10.77
CA HIS A 64 0.25 -4.59 -11.85
C HIS A 64 -0.10 -3.50 -12.86
N ASP A 65 0.75 -3.34 -13.87
CA ASP A 65 0.53 -2.33 -14.89
C ASP A 65 0.46 -0.94 -14.29
N LEU A 66 1.41 -0.64 -13.40
CA LEU A 66 1.46 0.67 -12.75
C LEU A 66 2.65 1.49 -13.25
N VAL A 67 2.38 2.71 -13.66
CA VAL A 67 3.43 3.61 -14.15
C VAL A 67 4.50 3.83 -13.08
N LEU A 68 5.76 3.69 -13.49
CA LEU A 68 6.88 3.89 -12.57
C LEU A 68 7.06 5.36 -12.22
N HIS A 69 8.00 5.65 -11.32
CA HIS A 69 8.26 7.02 -10.90
C HIS A 69 6.97 7.82 -10.84
N THR A 70 5.98 7.30 -10.13
CA THR A 70 4.69 7.97 -9.98
C THR A 70 4.00 7.56 -8.69
N ASN A 71 3.63 8.55 -7.89
CA ASN A 71 2.95 8.30 -6.61
C ASN A 71 1.49 7.93 -6.84
N TYR A 72 1.19 6.64 -6.69
CA TYR A 72 -0.17 6.15 -6.87
C TYR A 72 -0.89 6.02 -5.54
N THR A 73 -2.06 6.65 -5.43
CA THR A 73 -2.84 6.60 -4.20
C THR A 73 -3.89 5.50 -4.27
N ALA A 74 -3.79 4.55 -3.33
CA ALA A 74 -4.74 3.44 -3.28
C ALA A 74 -5.65 3.56 -2.07
N THR A 75 -6.88 3.07 -2.21
CA THR A 75 -7.85 3.11 -1.14
C THR A 75 -8.53 1.76 -0.93
N VAL A 76 -8.24 1.13 0.20
CA VAL A 76 -8.82 -0.17 0.51
C VAL A 76 -9.97 -0.04 1.51
N ARG A 77 -11.14 -0.51 1.11
CA ARG A 77 -12.32 -0.44 1.96
C ARG A 77 -12.78 -1.85 2.36
N GLY A 78 -13.84 -1.91 3.17
CA GLY A 78 -14.36 -3.18 3.61
C GLY A 78 -15.85 -3.31 3.38
N LEU A 79 -16.25 -4.34 2.64
CA LEU A 79 -17.66 -4.57 2.35
C LEU A 79 -18.29 -5.51 3.39
N ARG A 80 -18.98 -4.92 4.36
CA ARG A 80 -19.63 -5.69 5.41
C ARG A 80 -21.13 -5.43 5.43
N GLY A 81 -21.90 -6.30 4.77
CA GLY A 81 -23.33 -6.14 4.73
C GLY A 81 -23.76 -4.87 4.02
N PRO A 82 -24.94 -4.34 4.40
CA PRO A 82 -25.47 -3.12 3.79
C PRO A 82 -24.67 -1.88 4.20
N ASN A 83 -23.59 -2.09 4.94
CA ASN A 83 -22.74 -0.99 5.37
C ASN A 83 -21.31 -1.19 4.91
N LEU A 84 -20.46 -0.20 5.16
CA LEU A 84 -19.05 -0.26 4.77
C LEU A 84 -18.14 0.06 5.94
N THR A 85 -16.90 -0.42 5.88
CA THR A 85 -15.94 -0.18 6.94
C THR A 85 -15.11 1.07 6.65
N SER A 86 -14.22 1.41 7.58
CA SER A 86 -13.38 2.59 7.44
C SER A 86 -12.35 2.38 6.32
N PRO A 87 -12.26 3.35 5.40
CA PRO A 87 -11.33 3.28 4.28
C PRO A 87 -9.87 3.46 4.72
N ALA A 88 -8.96 2.79 4.02
CA ALA A 88 -7.54 2.86 4.34
C ALA A 88 -6.70 3.06 3.09
N SER A 89 -6.04 4.20 2.99
CA SER A 89 -5.20 4.51 1.83
C SER A 89 -3.73 4.65 2.25
N ILE A 90 -2.86 4.68 1.26
CA ILE A 90 -1.43 4.81 1.51
C ILE A 90 -0.69 5.33 0.27
N THR A 91 0.49 5.90 0.50
CA THR A 91 1.29 6.44 -0.59
C THR A 91 2.55 5.63 -0.80
N PHE A 92 2.62 4.91 -1.92
CA PHE A 92 3.78 4.09 -2.23
C PHE A 92 4.27 4.35 -3.65
N THR A 93 5.59 4.42 -3.81
CA THR A 93 6.20 4.67 -5.10
C THR A 93 6.46 3.37 -5.85
N THR A 94 6.06 3.34 -7.13
CA THR A 94 6.25 2.15 -7.96
C THR A 94 7.73 1.92 -8.25
N GLY A 95 8.41 2.98 -8.67
CA GLY A 95 9.83 2.87 -8.97
C GLY A 95 10.71 3.59 -7.97
N LEU A 96 11.09 2.89 -6.91
CA LEU A 96 11.92 3.48 -5.87
C LEU A 96 13.40 3.23 -6.15
N GLU A 97 13.79 3.39 -7.42
CA GLU A 97 15.17 3.19 -7.82
C GLU A 97 15.65 4.32 -8.73
N ALA A 98 16.43 5.23 -8.17
CA ALA A 98 16.94 6.37 -8.93
C ALA A 98 18.02 7.11 -8.15
N PRO A 99 18.81 7.94 -8.85
CA PRO A 99 19.89 8.71 -8.24
C PRO A 99 19.36 9.84 -7.35
N ARG A 100 18.03 9.90 -7.22
CA ARG A 100 17.41 10.92 -6.40
C ARG A 100 17.48 10.55 -4.92
N ASP A 101 18.67 10.16 -4.48
CA ASP A 101 18.86 9.78 -3.08
C ASP A 101 17.87 8.70 -2.66
N LEU A 102 17.77 7.65 -3.46
CA LEU A 102 16.85 6.55 -3.17
C LEU A 102 17.52 5.50 -2.31
N GLU A 103 17.40 5.65 -0.99
CA GLU A 103 18.00 4.70 -0.05
C GLU A 103 17.22 3.38 -0.04
N ALA A 104 17.74 2.40 0.68
CA ALA A 104 17.11 1.10 0.77
C ALA A 104 17.80 0.21 1.80
N LYS A 105 17.05 -0.21 2.81
CA LYS A 105 17.59 -1.06 3.87
C LYS A 105 18.51 -2.14 3.28
N GLU A 106 19.65 -2.34 3.93
CA GLU A 106 20.62 -3.33 3.48
C GLU A 106 20.18 -4.74 3.90
N VAL A 107 20.81 -5.75 3.30
CA VAL A 107 20.51 -7.14 3.62
C VAL A 107 21.62 -7.78 4.46
N THR A 108 21.27 -8.86 5.15
CA THR A 108 22.24 -9.56 5.99
C THR A 108 23.26 -10.31 5.13
N PRO A 109 24.52 -10.30 5.57
CA PRO A 109 25.62 -10.98 4.87
C PRO A 109 25.50 -12.50 4.94
N SER A 110 26.47 -13.19 4.37
CA SER A 110 26.48 -14.65 4.36
C SER A 110 26.53 -15.20 5.79
N GLY A 111 26.23 -16.49 5.92
CA GLY A 111 26.25 -17.11 7.23
C GLY A 111 27.38 -18.12 7.38
N PRO A 112 27.21 -19.05 8.32
CA PRO A 112 28.21 -20.10 8.59
C PRO A 112 28.30 -21.11 7.45
N SER A 113 29.48 -21.70 7.29
CA SER A 113 29.70 -22.68 6.22
C SER A 113 29.58 -24.10 6.78
N SER A 114 29.01 -24.99 5.98
CA SER A 114 28.83 -26.39 6.38
C SER A 114 28.27 -27.22 5.23
N GLY A 115 28.39 -28.53 5.35
CA GLY A 115 27.89 -29.43 4.32
C GLY A 115 26.38 -29.52 4.32
N GLY A 1 -5.90 9.05 5.44
CA GLY A 1 -5.42 8.50 6.69
C GLY A 1 -6.47 7.70 7.43
N SER A 2 -6.15 6.45 7.75
CA SER A 2 -7.07 5.58 8.45
C SER A 2 -6.95 5.76 9.96
N SER A 3 -8.08 5.63 10.66
CA SER A 3 -8.10 5.78 12.10
C SER A 3 -8.23 4.43 12.80
N GLY A 4 -7.43 4.21 13.84
CA GLY A 4 -7.48 2.96 14.56
C GLY A 4 -7.53 3.16 16.07
N SER A 5 -8.51 3.94 16.52
CA SER A 5 -8.66 4.22 17.94
C SER A 5 -9.67 3.25 18.58
N SER A 6 -10.87 3.22 18.01
CA SER A 6 -11.93 2.35 18.51
C SER A 6 -11.74 0.91 18.03
N GLY A 7 -11.90 0.72 16.72
CA GLY A 7 -11.74 -0.61 16.15
C GLY A 7 -12.81 -0.94 15.14
N PRO A 8 -12.63 -0.49 13.89
CA PRO A 8 -13.59 -0.73 12.81
C PRO A 8 -13.62 -2.18 12.38
N ASP A 9 -14.26 -2.45 11.25
CA ASP A 9 -14.37 -3.81 10.73
C ASP A 9 -13.66 -3.93 9.39
N GLY A 10 -12.82 -2.95 9.07
CA GLY A 10 -12.09 -2.98 7.81
C GLY A 10 -10.59 -2.99 8.02
N PRO A 11 -9.84 -2.88 6.91
CA PRO A 11 -8.38 -2.89 6.95
C PRO A 11 -7.81 -1.61 7.56
N THR A 12 -6.79 -1.77 8.41
CA THR A 12 -6.17 -0.63 9.07
C THR A 12 -4.66 -0.81 9.15
N GLN A 13 -3.97 0.20 9.67
CA GLN A 13 -2.52 0.16 9.80
C GLN A 13 -1.87 -0.27 8.49
N LEU A 14 -2.39 0.23 7.39
CA LEU A 14 -1.86 -0.10 6.07
C LEU A 14 -0.40 0.30 5.95
N ARG A 15 0.44 -0.64 5.55
CA ARG A 15 1.87 -0.38 5.40
C ARG A 15 2.33 -0.70 3.98
N ALA A 16 3.62 -0.47 3.72
CA ALA A 16 4.18 -0.73 2.41
C ALA A 16 5.47 -1.55 2.52
N LEU A 17 5.41 -2.80 2.08
CA LEU A 17 6.56 -3.69 2.14
C LEU A 17 7.55 -3.36 1.02
N ASN A 18 8.73 -3.98 1.08
CA ASN A 18 9.75 -3.75 0.07
C ASN A 18 9.38 -4.40 -1.25
N LEU A 19 9.16 -3.58 -2.28
CA LEU A 19 8.78 -4.07 -3.59
C LEU A 19 9.92 -4.89 -4.20
N THR A 20 9.57 -5.73 -5.18
CA THR A 20 10.55 -6.57 -5.85
C THR A 20 10.00 -7.13 -7.16
N GLU A 21 10.88 -7.26 -8.15
CA GLU A 21 10.47 -7.79 -9.45
C GLU A 21 9.37 -6.93 -10.07
N GLY A 22 9.47 -5.62 -9.85
CA GLY A 22 8.48 -4.71 -10.39
C GLY A 22 7.06 -5.13 -10.07
N PHE A 23 6.81 -5.45 -8.80
CA PHE A 23 5.49 -5.87 -8.36
C PHE A 23 5.04 -5.08 -7.14
N ALA A 24 4.04 -4.22 -7.35
CA ALA A 24 3.51 -3.40 -6.26
C ALA A 24 2.23 -4.00 -5.69
N VAL A 25 2.24 -4.26 -4.38
CA VAL A 25 1.09 -4.84 -3.71
C VAL A 25 0.74 -4.06 -2.45
N LEU A 26 -0.46 -4.30 -1.92
CA LEU A 26 -0.92 -3.62 -0.71
C LEU A 26 -0.98 -4.59 0.46
N HIS A 27 -0.71 -4.08 1.66
CA HIS A 27 -0.75 -4.90 2.87
C HIS A 27 -1.60 -4.24 3.95
N TRP A 28 -2.64 -4.94 4.38
CA TRP A 28 -3.53 -4.43 5.41
C TRP A 28 -3.73 -5.45 6.53
N LYS A 29 -4.03 -4.96 7.72
CA LYS A 29 -4.24 -5.83 8.88
C LYS A 29 -5.72 -6.20 9.01
N PRO A 30 -5.99 -7.52 9.08
CA PRO A 30 -7.36 -8.03 9.21
C PRO A 30 -7.95 -7.73 10.59
N PRO A 31 -9.14 -7.10 10.60
CA PRO A 31 -9.83 -6.75 11.84
C PRO A 31 -10.37 -7.98 12.56
N GLN A 32 -10.71 -7.81 13.83
CA GLN A 32 -11.25 -8.89 14.64
C GLN A 32 -12.10 -9.83 13.79
N ASN A 33 -13.04 -9.25 13.05
CA ASN A 33 -13.94 -10.04 12.19
C ASN A 33 -13.62 -9.79 10.72
N PRO A 34 -13.42 -10.87 9.96
CA PRO A 34 -13.12 -10.80 8.52
C PRO A 34 -14.32 -10.32 7.70
N VAL A 35 -14.03 -9.68 6.57
CA VAL A 35 -15.08 -9.18 5.70
C VAL A 35 -15.37 -10.16 4.56
N ASP A 36 -16.27 -9.78 3.68
CA ASP A 36 -16.63 -10.62 2.54
C ASP A 36 -15.78 -10.27 1.32
N THR A 37 -15.73 -9.00 0.97
CA THR A 37 -14.96 -8.53 -0.17
C THR A 37 -14.29 -7.19 0.12
N TYR A 38 -13.03 -7.06 -0.27
CA TYR A 38 -12.29 -5.84 -0.06
C TYR A 38 -12.31 -4.95 -1.30
N ASP A 39 -12.71 -3.70 -1.12
CA ASP A 39 -12.78 -2.74 -2.23
C ASP A 39 -11.52 -1.91 -2.30
N ILE A 40 -10.77 -2.07 -3.38
CA ILE A 40 -9.52 -1.32 -3.58
C ILE A 40 -9.61 -0.44 -4.81
N GLN A 41 -9.13 0.80 -4.68
CA GLN A 41 -9.15 1.75 -5.78
C GLN A 41 -7.79 2.43 -5.93
N VAL A 42 -7.26 2.39 -7.16
CA VAL A 42 -5.96 3.00 -7.43
C VAL A 42 -6.10 4.13 -8.47
N THR A 43 -5.38 5.22 -8.23
CA THR A 43 -5.42 6.37 -9.13
C THR A 43 -4.05 7.04 -9.23
N ALA A 44 -3.90 7.92 -10.22
CA ALA A 44 -2.65 8.62 -10.42
C ALA A 44 -2.82 9.78 -11.40
N PRO A 45 -1.96 10.80 -11.26
CA PRO A 45 -2.00 11.99 -12.12
C PRO A 45 -1.56 11.68 -13.55
N GLY A 46 -2.51 11.73 -14.48
CA GLY A 46 -2.21 11.45 -15.86
C GLY A 46 -2.39 9.99 -16.23
N ALA A 47 -2.97 9.23 -15.31
CA ALA A 47 -3.20 7.80 -15.54
C ALA A 47 -4.68 7.45 -15.32
N PRO A 48 -5.13 6.40 -16.02
CA PRO A 48 -6.52 5.93 -15.93
C PRO A 48 -6.83 5.30 -14.58
N PRO A 49 -8.09 5.44 -14.14
CA PRO A 49 -8.54 4.89 -12.86
C PRO A 49 -8.62 3.36 -12.89
N LEU A 50 -8.16 2.73 -11.81
CA LEU A 50 -8.17 1.28 -11.71
C LEU A 50 -9.06 0.83 -10.56
N GLN A 51 -9.98 -0.09 -10.85
CA GLN A 51 -10.89 -0.61 -9.84
C GLN A 51 -10.88 -2.13 -9.84
N ALA A 52 -10.70 -2.71 -8.66
CA ALA A 52 -10.68 -4.17 -8.51
C ALA A 52 -11.29 -4.60 -7.18
N GLU A 53 -11.47 -5.91 -7.02
CA GLU A 53 -12.05 -6.45 -5.80
C GLU A 53 -11.37 -7.76 -5.40
N THR A 54 -11.46 -8.10 -4.12
CA THR A 54 -10.85 -9.32 -3.61
C THR A 54 -11.70 -9.95 -2.51
N PRO A 55 -11.63 -11.28 -2.39
CA PRO A 55 -12.40 -12.03 -1.39
C PRO A 55 -11.89 -11.78 0.02
N GLY A 56 -12.77 -11.92 1.00
CA GLY A 56 -12.38 -11.70 2.39
C GLY A 56 -11.29 -12.65 2.84
N SER A 57 -11.10 -13.73 2.08
CA SER A 57 -10.08 -14.71 2.42
C SER A 57 -8.70 -14.25 1.96
N ALA A 58 -8.58 -12.97 1.64
CA ALA A 58 -7.32 -12.39 1.19
C ALA A 58 -6.88 -11.25 2.10
N VAL A 59 -5.57 -11.16 2.32
CA VAL A 59 -5.01 -10.11 3.17
C VAL A 59 -4.06 -9.22 2.39
N ASP A 60 -4.17 -9.25 1.07
CA ASP A 60 -3.32 -8.45 0.20
C ASP A 60 -3.81 -8.49 -1.24
N TYR A 61 -3.61 -7.39 -1.96
CA TYR A 61 -4.05 -7.29 -3.35
C TYR A 61 -2.95 -6.70 -4.22
N PRO A 62 -2.17 -7.57 -4.87
CA PRO A 62 -1.07 -7.16 -5.75
C PRO A 62 -1.56 -6.50 -7.03
N LEU A 63 -1.30 -5.20 -7.16
CA LEU A 63 -1.73 -4.45 -8.33
C LEU A 63 -0.59 -4.36 -9.35
N HIS A 64 -0.92 -4.62 -10.61
CA HIS A 64 0.07 -4.57 -11.68
C HIS A 64 -0.31 -3.51 -12.72
N ASP A 65 0.60 -3.26 -13.66
CA ASP A 65 0.36 -2.27 -14.71
C ASP A 65 0.33 -0.86 -14.13
N LEU A 66 1.35 -0.55 -13.33
CA LEU A 66 1.44 0.77 -12.71
C LEU A 66 2.61 1.56 -13.27
N VAL A 67 2.31 2.72 -13.85
CA VAL A 67 3.34 3.57 -14.44
C VAL A 67 4.46 3.86 -13.43
N LEU A 68 5.70 3.69 -13.87
CA LEU A 68 6.85 3.92 -13.01
C LEU A 68 7.14 5.42 -12.89
N HIS A 69 7.78 5.81 -11.80
CA HIS A 69 8.12 7.21 -11.57
C HIS A 69 6.86 8.07 -11.44
N THR A 70 5.88 7.56 -10.70
CA THR A 70 4.63 8.27 -10.50
C THR A 70 3.96 7.85 -9.20
N ASN A 71 3.51 8.83 -8.42
CA ASN A 71 2.85 8.57 -7.16
C ASN A 71 1.44 8.03 -7.38
N TYR A 72 1.20 6.81 -6.90
CA TYR A 72 -0.12 6.18 -7.05
C TYR A 72 -0.78 5.98 -5.70
N THR A 73 -1.92 6.65 -5.50
CA THR A 73 -2.65 6.55 -4.24
C THR A 73 -3.68 5.42 -4.30
N ALA A 74 -3.54 4.46 -3.40
CA ALA A 74 -4.46 3.32 -3.34
C ALA A 74 -5.37 3.41 -2.12
N THR A 75 -6.64 3.11 -2.31
CA THR A 75 -7.61 3.15 -1.22
C THR A 75 -8.29 1.81 -1.04
N VAL A 76 -8.02 1.14 0.08
CA VAL A 76 -8.61 -0.16 0.36
C VAL A 76 -9.78 -0.02 1.34
N ARG A 77 -10.82 -0.83 1.12
CA ARG A 77 -12.00 -0.80 1.97
C ARG A 77 -12.51 -2.20 2.24
N GLY A 78 -13.58 -2.30 3.02
CA GLY A 78 -14.16 -3.59 3.34
C GLY A 78 -15.67 -3.61 3.21
N LEU A 79 -16.17 -4.61 2.48
CA LEU A 79 -17.61 -4.74 2.27
C LEU A 79 -18.25 -5.64 3.32
N ARG A 80 -18.93 -5.05 4.28
CA ARG A 80 -19.58 -5.80 5.35
C ARG A 80 -21.09 -5.54 5.37
N GLY A 81 -21.84 -6.39 4.71
CA GLY A 81 -23.29 -6.23 4.67
C GLY A 81 -23.71 -4.97 3.94
N PRO A 82 -24.88 -4.43 4.31
CA PRO A 82 -25.42 -3.22 3.70
C PRO A 82 -24.63 -1.97 4.08
N ASN A 83 -23.55 -2.18 4.83
CA ASN A 83 -22.70 -1.07 5.27
C ASN A 83 -21.26 -1.26 4.79
N LEU A 84 -20.42 -0.27 5.05
CA LEU A 84 -19.01 -0.33 4.64
C LEU A 84 -18.09 -0.20 5.85
N THR A 85 -16.82 -0.52 5.64
CA THR A 85 -15.83 -0.44 6.71
C THR A 85 -14.94 0.80 6.55
N SER A 86 -14.04 1.00 7.51
CA SER A 86 -13.14 2.15 7.47
C SER A 86 -12.12 1.99 6.35
N PRO A 87 -12.01 3.02 5.49
CA PRO A 87 -11.07 3.02 4.37
C PRO A 87 -9.62 3.12 4.83
N ALA A 88 -8.71 2.62 4.00
CA ALA A 88 -7.28 2.66 4.31
C ALA A 88 -6.44 2.82 3.04
N SER A 89 -5.74 3.94 2.94
CA SER A 89 -4.90 4.22 1.78
C SER A 89 -3.46 4.48 2.20
N ILE A 90 -2.56 4.44 1.23
CA ILE A 90 -1.14 4.67 1.50
C ILE A 90 -0.42 5.18 0.26
N THR A 91 0.71 5.85 0.47
CA THR A 91 1.49 6.39 -0.63
C THR A 91 2.76 5.58 -0.86
N PHE A 92 2.90 5.03 -2.06
CA PHE A 92 4.06 4.22 -2.42
C PHE A 92 4.47 4.45 -3.87
N THR A 93 5.77 4.66 -4.08
CA THR A 93 6.29 4.90 -5.42
C THR A 93 6.52 3.59 -6.17
N THR A 94 6.24 3.59 -7.46
CA THR A 94 6.42 2.40 -8.28
C THR A 94 7.86 2.28 -8.77
N GLY A 95 8.18 1.12 -9.35
CA GLY A 95 9.53 0.90 -9.85
C GLY A 95 10.59 1.19 -8.82
N LEU A 96 10.31 0.83 -7.56
CA LEU A 96 11.25 1.06 -6.47
C LEU A 96 12.04 -0.21 -6.17
N GLU A 97 12.45 -0.92 -7.22
CA GLU A 97 13.21 -2.15 -7.06
C GLU A 97 14.45 -1.91 -6.18
N ALA A 98 15.27 -2.94 -6.06
CA ALA A 98 16.49 -2.85 -5.25
C ALA A 98 17.73 -2.78 -6.14
N PRO A 99 17.91 -1.63 -6.82
CA PRO A 99 19.06 -1.42 -7.71
C PRO A 99 20.37 -1.28 -6.94
N ARG A 100 21.39 -0.76 -7.61
CA ARG A 100 22.69 -0.58 -6.99
C ARG A 100 22.74 0.71 -6.18
N ASP A 101 21.79 1.61 -6.45
CA ASP A 101 21.72 2.88 -5.74
C ASP A 101 20.81 2.77 -4.51
N LEU A 102 19.51 2.69 -4.75
CA LEU A 102 18.54 2.59 -3.68
C LEU A 102 18.97 1.54 -2.65
N GLU A 103 19.28 0.34 -3.14
CA GLU A 103 19.70 -0.75 -2.27
C GLU A 103 21.14 -0.53 -1.79
N ALA A 104 21.28 -0.09 -0.55
CA ALA A 104 22.59 0.16 0.04
C ALA A 104 23.17 -1.11 0.63
N LYS A 105 24.50 -1.19 0.68
CA LYS A 105 25.19 -2.34 1.22
C LYS A 105 26.51 -1.94 1.88
N GLU A 106 26.72 -2.41 3.11
CA GLU A 106 27.93 -2.09 3.85
C GLU A 106 29.06 -3.06 3.46
N VAL A 107 30.26 -2.78 3.98
CA VAL A 107 31.42 -3.62 3.70
C VAL A 107 32.27 -3.81 4.94
N THR A 108 32.87 -4.99 5.07
CA THR A 108 33.72 -5.30 6.21
C THR A 108 35.18 -5.44 5.79
N PRO A 109 35.97 -4.38 6.06
CA PRO A 109 37.40 -4.35 5.72
C PRO A 109 38.21 -5.31 6.59
N SER A 110 38.48 -6.50 6.05
CA SER A 110 39.25 -7.51 6.77
C SER A 110 40.59 -6.94 7.22
N GLY A 111 41.15 -6.04 6.41
CA GLY A 111 42.43 -5.44 6.74
C GLY A 111 42.64 -5.29 8.23
N PRO A 112 43.33 -6.26 8.84
CA PRO A 112 43.61 -6.25 10.28
C PRO A 112 44.60 -5.17 10.67
N SER A 113 45.38 -4.70 9.70
CA SER A 113 46.36 -3.65 9.94
C SER A 113 47.23 -4.01 11.14
N SER A 114 47.74 -5.24 11.15
CA SER A 114 48.59 -5.70 12.25
C SER A 114 50.00 -5.12 12.14
N GLY A 115 50.65 -4.94 13.28
CA GLY A 115 51.99 -4.38 13.28
C GLY A 115 52.15 -3.23 12.31
N GLY A 1 -12.23 13.51 6.47
CA GLY A 1 -11.58 12.31 6.99
C GLY A 1 -12.29 11.76 8.22
N SER A 2 -12.40 10.44 8.29
CA SER A 2 -13.06 9.79 9.42
C SER A 2 -12.56 10.36 10.74
N SER A 3 -13.47 10.49 11.70
CA SER A 3 -13.13 11.02 13.01
C SER A 3 -14.21 10.68 14.03
N GLY A 4 -13.81 9.96 15.08
CA GLY A 4 -14.76 9.57 16.11
C GLY A 4 -15.09 8.09 16.08
N SER A 5 -14.07 7.25 16.17
CA SER A 5 -14.26 5.80 16.14
C SER A 5 -13.18 5.11 16.95
N SER A 6 -13.59 4.10 17.71
CA SER A 6 -12.66 3.33 18.55
C SER A 6 -12.71 1.85 18.19
N GLY A 7 -12.07 1.50 17.08
CA GLY A 7 -12.04 0.10 16.65
C GLY A 7 -12.90 -0.13 15.43
N PRO A 8 -12.35 0.13 14.24
CA PRO A 8 -13.06 -0.04 12.97
C PRO A 8 -13.29 -1.52 12.64
N ASP A 9 -13.91 -1.77 11.50
CA ASP A 9 -14.20 -3.14 11.07
C ASP A 9 -13.56 -3.42 9.71
N GLY A 10 -12.60 -2.59 9.33
CA GLY A 10 -11.93 -2.76 8.06
C GLY A 10 -10.43 -2.88 8.20
N PRO A 11 -9.71 -2.87 7.06
CA PRO A 11 -8.25 -2.97 7.05
C PRO A 11 -7.56 -1.73 7.61
N THR A 12 -6.65 -1.92 8.54
CA THR A 12 -5.93 -0.82 9.16
C THR A 12 -4.43 -1.09 9.20
N GLN A 13 -3.67 -0.10 9.63
CA GLN A 13 -2.21 -0.24 9.71
C GLN A 13 -1.62 -0.64 8.37
N LEU A 14 -2.15 -0.06 7.30
CA LEU A 14 -1.66 -0.37 5.95
C LEU A 14 -0.20 0.01 5.79
N ARG A 15 0.61 -0.94 5.32
CA ARG A 15 2.03 -0.70 5.12
C ARG A 15 2.43 -0.97 3.68
N ALA A 16 3.59 -0.45 3.28
CA ALA A 16 4.08 -0.64 1.92
C ALA A 16 5.48 -1.21 1.92
N LEU A 17 5.59 -2.50 1.58
CA LEU A 17 6.89 -3.17 1.54
C LEU A 17 7.61 -2.89 0.24
N ASN A 18 8.87 -3.31 0.16
CA ASN A 18 9.68 -3.09 -1.04
C ASN A 18 9.19 -3.99 -2.18
N LEU A 19 8.54 -3.39 -3.16
CA LEU A 19 8.02 -4.13 -4.31
C LEU A 19 9.12 -4.36 -5.35
N THR A 20 8.80 -5.12 -6.38
CA THR A 20 9.75 -5.42 -7.44
C THR A 20 9.93 -4.21 -8.37
N GLU A 21 10.18 -3.06 -7.78
CA GLU A 21 10.37 -1.83 -8.55
C GLU A 21 9.51 -1.85 -9.81
N GLY A 22 8.27 -2.31 -9.67
CA GLY A 22 7.36 -2.36 -10.79
C GLY A 22 5.91 -2.56 -10.37
N PHE A 23 5.66 -3.63 -9.62
CA PHE A 23 4.31 -3.92 -9.14
C PHE A 23 4.27 -3.96 -7.62
N ALA A 24 3.44 -3.09 -7.03
CA ALA A 24 3.30 -3.02 -5.60
C ALA A 24 2.05 -3.75 -5.13
N VAL A 25 2.05 -4.17 -3.86
CA VAL A 25 0.91 -4.88 -3.29
C VAL A 25 0.40 -4.19 -2.04
N LEU A 26 -0.91 -4.25 -1.83
CA LEU A 26 -1.53 -3.62 -0.66
C LEU A 26 -1.62 -4.62 0.51
N HIS A 27 -0.84 -4.35 1.56
CA HIS A 27 -0.82 -5.21 2.73
C HIS A 27 -1.64 -4.58 3.86
N TRP A 28 -2.68 -5.29 4.30
CA TRP A 28 -3.54 -4.80 5.38
C TRP A 28 -3.72 -5.87 6.44
N LYS A 29 -4.00 -5.44 7.67
CA LYS A 29 -4.20 -6.37 8.77
C LYS A 29 -5.67 -6.79 8.86
N PRO A 30 -5.90 -8.11 8.79
CA PRO A 30 -7.25 -8.67 8.87
C PRO A 30 -7.86 -8.53 10.26
N PRO A 31 -8.99 -7.81 10.34
CA PRO A 31 -9.69 -7.59 11.62
C PRO A 31 -10.35 -8.85 12.14
N GLN A 32 -10.70 -8.85 13.42
CA GLN A 32 -11.34 -10.00 14.05
C GLN A 32 -12.49 -10.51 13.18
N ASN A 33 -13.33 -9.59 12.72
CA ASN A 33 -14.48 -9.95 11.88
C ASN A 33 -14.07 -10.05 10.41
N PRO A 34 -14.14 -11.26 9.86
CA PRO A 34 -13.79 -11.50 8.45
C PRO A 34 -14.79 -10.89 7.48
N VAL A 35 -14.32 -9.95 6.66
CA VAL A 35 -15.17 -9.28 5.69
C VAL A 35 -15.54 -10.21 4.55
N ASP A 36 -16.25 -9.69 3.57
CA ASP A 36 -16.67 -10.48 2.41
C ASP A 36 -15.81 -10.16 1.19
N THR A 37 -15.76 -8.88 0.83
CA THR A 37 -14.97 -8.44 -0.32
C THR A 37 -14.25 -7.13 -0.03
N TYR A 38 -12.98 -7.06 -0.38
CA TYR A 38 -12.17 -5.87 -0.16
C TYR A 38 -12.20 -4.95 -1.39
N ASP A 39 -12.55 -3.69 -1.18
CA ASP A 39 -12.61 -2.72 -2.26
C ASP A 39 -11.31 -1.94 -2.35
N ILE A 40 -10.69 -1.96 -3.54
CA ILE A 40 -9.44 -1.25 -3.75
C ILE A 40 -9.56 -0.28 -4.92
N GLN A 41 -8.98 0.90 -4.76
CA GLN A 41 -9.02 1.92 -5.81
C GLN A 41 -7.64 2.53 -6.03
N VAL A 42 -7.07 2.29 -7.21
CA VAL A 42 -5.76 2.82 -7.55
C VAL A 42 -5.84 3.85 -8.67
N THR A 43 -5.66 5.12 -8.32
CA THR A 43 -5.72 6.20 -9.30
C THR A 43 -4.49 7.08 -9.22
N ALA A 44 -4.18 7.76 -10.32
CA ALA A 44 -3.03 8.64 -10.36
C ALA A 44 -3.23 9.78 -11.36
N PRO A 45 -2.43 10.84 -11.24
CA PRO A 45 -2.51 12.00 -12.13
C PRO A 45 -2.05 11.69 -13.54
N GLY A 46 -2.99 11.36 -14.41
CA GLY A 46 -2.67 11.05 -15.79
C GLY A 46 -2.96 9.59 -16.14
N ALA A 47 -2.73 8.70 -15.18
CA ALA A 47 -2.96 7.28 -15.39
C ALA A 47 -4.46 6.96 -15.30
N PRO A 48 -4.85 5.83 -15.93
CA PRO A 48 -6.24 5.39 -15.94
C PRO A 48 -6.71 4.91 -14.57
N PRO A 49 -8.03 4.91 -14.37
CA PRO A 49 -8.64 4.47 -13.10
C PRO A 49 -8.50 2.97 -12.88
N LEU A 50 -8.10 2.59 -11.67
CA LEU A 50 -7.94 1.18 -11.33
C LEU A 50 -9.12 0.68 -10.50
N GLN A 51 -9.83 -0.30 -11.04
CA GLN A 51 -10.98 -0.87 -10.35
C GLN A 51 -10.85 -2.39 -10.24
N ALA A 52 -10.83 -2.89 -9.01
CA ALA A 52 -10.71 -4.33 -8.77
C ALA A 52 -11.25 -4.70 -7.39
N GLU A 53 -11.57 -5.97 -7.21
CA GLU A 53 -12.10 -6.45 -5.94
C GLU A 53 -11.45 -7.78 -5.55
N THR A 54 -11.57 -8.13 -4.27
CA THR A 54 -10.99 -9.38 -3.77
C THR A 54 -11.85 -9.96 -2.66
N PRO A 55 -11.81 -11.30 -2.52
CA PRO A 55 -12.57 -12.01 -1.50
C PRO A 55 -12.04 -11.76 -0.09
N GLY A 56 -12.90 -11.91 0.91
CA GLY A 56 -12.50 -11.70 2.28
C GLY A 56 -11.40 -12.64 2.72
N SER A 57 -11.21 -13.72 1.96
CA SER A 57 -10.18 -14.71 2.29
C SER A 57 -8.83 -14.28 1.72
N ALA A 58 -8.63 -12.97 1.60
CA ALA A 58 -7.38 -12.44 1.08
C ALA A 58 -6.86 -11.30 1.96
N VAL A 59 -5.57 -11.35 2.29
CA VAL A 59 -4.96 -10.32 3.12
C VAL A 59 -3.89 -9.56 2.35
N ASP A 60 -3.98 -9.59 1.03
CA ASP A 60 -3.02 -8.89 0.18
C ASP A 60 -3.48 -8.90 -1.28
N TYR A 61 -3.45 -7.73 -1.90
CA TYR A 61 -3.87 -7.59 -3.29
C TYR A 61 -2.79 -6.91 -4.13
N PRO A 62 -1.97 -7.72 -4.81
CA PRO A 62 -0.88 -7.22 -5.65
C PRO A 62 -1.39 -6.52 -6.91
N LEU A 63 -1.17 -5.22 -6.98
CA LEU A 63 -1.61 -4.43 -8.14
C LEU A 63 -0.51 -4.33 -9.19
N HIS A 64 -0.78 -4.83 -10.39
CA HIS A 64 0.19 -4.80 -11.47
C HIS A 64 -0.20 -3.76 -12.51
N ASP A 65 0.72 -3.46 -13.42
CA ASP A 65 0.47 -2.47 -14.47
C ASP A 65 0.46 -1.06 -13.90
N LEU A 66 1.50 -0.72 -13.15
CA LEU A 66 1.60 0.61 -12.55
C LEU A 66 2.78 1.39 -13.14
N VAL A 67 2.49 2.55 -13.70
CA VAL A 67 3.52 3.40 -14.30
C VAL A 67 4.63 3.71 -13.30
N LEU A 68 5.87 3.49 -13.72
CA LEU A 68 7.02 3.76 -12.85
C LEU A 68 7.25 5.26 -12.69
N HIS A 69 8.03 5.62 -11.69
CA HIS A 69 8.34 7.02 -11.43
C HIS A 69 7.05 7.86 -11.38
N THR A 70 6.11 7.43 -10.54
CA THR A 70 4.85 8.14 -10.40
C THR A 70 4.19 7.83 -9.05
N ASN A 71 3.57 8.85 -8.46
CA ASN A 71 2.91 8.69 -7.17
C ASN A 71 1.50 8.15 -7.35
N TYR A 72 1.28 6.91 -6.91
CA TYR A 72 -0.02 6.26 -7.03
C TYR A 72 -0.71 6.22 -5.67
N THR A 73 -1.97 6.64 -5.64
CA THR A 73 -2.75 6.64 -4.40
C THR A 73 -3.75 5.48 -4.39
N ALA A 74 -3.62 4.60 -3.41
CA ALA A 74 -4.51 3.46 -3.27
C ALA A 74 -5.40 3.59 -2.04
N THR A 75 -6.62 3.06 -2.14
CA THR A 75 -7.57 3.12 -1.03
C THR A 75 -8.26 1.78 -0.83
N VAL A 76 -7.95 1.12 0.28
CA VAL A 76 -8.55 -0.16 0.60
C VAL A 76 -9.74 0.00 1.53
N ARG A 77 -10.81 -0.74 1.23
CA ARG A 77 -12.02 -0.68 2.04
C ARG A 77 -12.57 -2.08 2.31
N GLY A 78 -13.50 -2.19 3.25
CA GLY A 78 -14.09 -3.47 3.58
C GLY A 78 -15.59 -3.47 3.39
N LEU A 79 -16.08 -4.44 2.61
CA LEU A 79 -17.51 -4.56 2.35
C LEU A 79 -18.17 -5.49 3.35
N ARG A 80 -18.91 -4.90 4.30
CA ARG A 80 -19.59 -5.69 5.32
C ARG A 80 -21.09 -5.41 5.30
N GLY A 81 -21.83 -6.25 4.58
CA GLY A 81 -23.27 -6.08 4.49
C GLY A 81 -23.66 -4.78 3.80
N PRO A 82 -24.84 -4.26 4.14
CA PRO A 82 -25.36 -3.02 3.55
C PRO A 82 -24.56 -1.79 4.01
N ASN A 83 -23.51 -2.02 4.78
CA ASN A 83 -22.68 -0.94 5.29
C ASN A 83 -21.25 -1.10 4.80
N LEU A 84 -20.40 -0.12 5.14
CA LEU A 84 -19.00 -0.14 4.72
C LEU A 84 -18.09 0.00 5.94
N THR A 85 -16.82 -0.36 5.77
CA THR A 85 -15.85 -0.27 6.84
C THR A 85 -14.94 0.95 6.67
N SER A 86 -14.04 1.15 7.63
CA SER A 86 -13.13 2.28 7.59
C SER A 86 -12.09 2.10 6.48
N PRO A 87 -12.06 3.05 5.55
CA PRO A 87 -11.12 3.02 4.42
C PRO A 87 -9.68 3.27 4.86
N ALA A 88 -8.73 2.78 4.07
CA ALA A 88 -7.32 2.94 4.37
C ALA A 88 -6.51 3.22 3.11
N SER A 89 -5.93 4.41 3.04
CA SER A 89 -5.13 4.82 1.88
C SER A 89 -3.67 5.02 2.27
N ILE A 90 -2.78 4.96 1.29
CA ILE A 90 -1.36 5.15 1.51
C ILE A 90 -0.64 5.60 0.24
N THR A 91 0.55 6.17 0.42
CA THR A 91 1.33 6.65 -0.71
C THR A 91 2.60 5.83 -0.88
N PHE A 92 2.77 5.24 -2.06
CA PHE A 92 3.95 4.43 -2.35
C PHE A 92 4.42 4.64 -3.78
N THR A 93 5.69 4.98 -3.95
CA THR A 93 6.26 5.21 -5.26
C THR A 93 6.69 3.90 -5.92
N THR A 94 6.49 3.81 -7.24
CA THR A 94 6.84 2.61 -7.98
C THR A 94 8.26 2.71 -8.52
N GLY A 95 9.09 1.71 -8.20
CA GLY A 95 10.47 1.71 -8.68
C GLY A 95 11.46 1.80 -7.54
N LEU A 96 12.16 2.92 -7.46
CA LEU A 96 13.16 3.13 -6.42
C LEU A 96 13.85 1.82 -6.06
N GLU A 97 14.18 1.03 -7.07
CA GLU A 97 14.84 -0.25 -6.86
C GLU A 97 16.13 -0.07 -6.07
N ALA A 98 16.61 1.17 -6.01
CA ALA A 98 17.83 1.48 -5.28
C ALA A 98 17.60 2.61 -4.27
N PRO A 99 17.08 2.24 -3.09
CA PRO A 99 16.81 3.21 -2.01
C PRO A 99 18.08 3.77 -1.40
N ARG A 100 19.22 3.32 -1.90
CA ARG A 100 20.51 3.79 -1.40
C ARG A 100 20.82 5.19 -1.91
N ASP A 101 20.94 5.33 -3.22
CA ASP A 101 21.23 6.63 -3.84
C ASP A 101 21.20 6.53 -5.36
N LEU A 102 20.26 7.24 -5.96
CA LEU A 102 20.11 7.24 -7.42
C LEU A 102 21.14 8.15 -8.07
N GLU A 103 21.75 7.68 -9.15
CA GLU A 103 22.74 8.46 -9.88
C GLU A 103 24.04 8.56 -9.06
N ALA A 104 24.48 7.43 -8.51
CA ALA A 104 25.70 7.40 -7.72
C ALA A 104 26.74 8.37 -8.25
N LYS A 105 27.45 9.04 -7.35
CA LYS A 105 28.48 10.00 -7.74
C LYS A 105 29.31 9.47 -8.89
N GLU A 106 29.88 10.38 -9.68
CA GLU A 106 30.71 10.00 -10.81
C GLU A 106 31.61 11.15 -11.24
N VAL A 107 32.45 10.91 -12.24
CA VAL A 107 33.35 11.92 -12.75
C VAL A 107 32.71 13.31 -12.71
N THR A 108 33.52 14.31 -12.36
CA THR A 108 33.03 15.68 -12.29
C THR A 108 34.17 16.67 -12.09
N PRO A 109 34.08 17.83 -12.75
CA PRO A 109 35.10 18.88 -12.65
C PRO A 109 35.13 19.55 -11.29
N SER A 110 35.84 20.67 -11.20
CA SER A 110 35.95 21.40 -9.94
C SER A 110 34.63 21.37 -9.17
N GLY A 111 34.64 20.74 -8.00
CA GLY A 111 33.45 20.65 -7.19
C GLY A 111 32.67 21.95 -7.17
N PRO A 112 31.33 21.83 -7.13
CA PRO A 112 30.44 23.00 -7.11
C PRO A 112 30.51 23.76 -5.79
N SER A 113 29.61 24.72 -5.62
CA SER A 113 29.56 25.52 -4.39
C SER A 113 28.78 24.80 -3.30
N SER A 114 29.40 24.66 -2.13
CA SER A 114 28.77 23.99 -1.00
C SER A 114 28.10 25.00 -0.07
N GLY A 115 27.25 24.50 0.81
CA GLY A 115 26.56 25.38 1.75
C GLY A 115 25.57 26.30 1.06
N GLY A 1 -19.50 -0.16 21.52
CA GLY A 1 -19.24 0.15 22.91
C GLY A 1 -17.93 0.90 23.09
N SER A 2 -17.99 2.04 23.77
CA SER A 2 -16.80 2.85 24.00
C SER A 2 -16.24 2.61 25.41
N SER A 3 -15.35 1.64 25.52
CA SER A 3 -14.74 1.30 26.80
C SER A 3 -13.28 1.75 26.85
N GLY A 4 -12.50 1.31 25.87
CA GLY A 4 -11.10 1.67 25.82
C GLY A 4 -10.57 1.76 24.40
N SER A 5 -10.09 0.64 23.88
CA SER A 5 -9.56 0.60 22.52
C SER A 5 -10.62 0.17 21.53
N SER A 6 -11.02 1.08 20.65
CA SER A 6 -12.03 0.79 19.64
C SER A 6 -11.53 1.13 18.25
N GLY A 7 -11.73 0.20 17.31
CA GLY A 7 -11.29 0.42 15.95
C GLY A 7 -12.39 0.16 14.93
N PRO A 8 -12.08 0.39 13.65
CA PRO A 8 -13.04 0.18 12.56
C PRO A 8 -13.34 -1.30 12.33
N ASP A 9 -13.98 -1.59 11.20
CA ASP A 9 -14.34 -2.97 10.87
C ASP A 9 -13.65 -3.40 9.58
N GLY A 10 -12.84 -2.51 9.01
CA GLY A 10 -12.14 -2.82 7.78
C GLY A 10 -10.64 -2.94 7.98
N PRO A 11 -9.89 -2.94 6.88
CA PRO A 11 -8.43 -3.04 6.91
C PRO A 11 -7.77 -1.80 7.48
N THR A 12 -6.86 -2.00 8.43
CA THR A 12 -6.15 -0.89 9.06
C THR A 12 -4.66 -1.19 9.17
N GLN A 13 -3.92 -0.24 9.73
CA GLN A 13 -2.47 -0.40 9.90
C GLN A 13 -1.81 -0.77 8.59
N LEU A 14 -2.32 -0.21 7.49
CA LEU A 14 -1.77 -0.49 6.16
C LEU A 14 -0.29 -0.12 6.10
N ARG A 15 0.54 -1.09 5.71
CA ARG A 15 1.98 -0.87 5.61
C ARG A 15 2.45 -1.04 4.16
N ALA A 16 3.51 -0.33 3.81
CA ALA A 16 4.06 -0.41 2.46
C ALA A 16 5.37 -1.20 2.44
N LEU A 17 5.30 -2.43 1.95
CA LEU A 17 6.47 -3.29 1.87
C LEU A 17 7.41 -2.84 0.76
N ASN A 18 8.60 -3.43 0.71
CA ASN A 18 9.59 -3.09 -0.31
C ASN A 18 9.15 -3.61 -1.68
N LEU A 19 8.82 -2.69 -2.58
CA LEU A 19 8.39 -3.05 -3.92
C LEU A 19 9.50 -3.77 -4.68
N THR A 20 9.11 -4.74 -5.49
CA THR A 20 10.08 -5.51 -6.27
C THR A 20 10.33 -4.86 -7.63
N GLU A 21 11.12 -5.53 -8.47
CA GLU A 21 11.43 -5.02 -9.79
C GLU A 21 10.25 -4.22 -10.36
N GLY A 22 9.13 -4.91 -10.58
CA GLY A 22 7.96 -4.25 -11.12
C GLY A 22 6.67 -4.89 -10.65
N PHE A 23 6.50 -4.98 -9.33
CA PHE A 23 5.31 -5.58 -8.74
C PHE A 23 4.85 -4.78 -7.52
N ALA A 24 3.74 -4.07 -7.68
CA ALA A 24 3.19 -3.27 -6.58
C ALA A 24 2.03 -3.99 -5.91
N VAL A 25 2.14 -4.16 -4.59
CA VAL A 25 1.09 -4.83 -3.83
C VAL A 25 0.78 -4.07 -2.54
N LEU A 26 -0.36 -4.40 -1.93
CA LEU A 26 -0.77 -3.74 -0.69
C LEU A 26 -0.76 -4.73 0.47
N HIS A 27 -0.77 -4.21 1.69
CA HIS A 27 -0.77 -5.03 2.88
C HIS A 27 -1.63 -4.41 3.98
N TRP A 28 -2.66 -5.15 4.41
CA TRP A 28 -3.56 -4.68 5.45
C TRP A 28 -3.72 -5.73 6.54
N LYS A 29 -4.04 -5.26 7.74
CA LYS A 29 -4.23 -6.15 8.89
C LYS A 29 -5.69 -6.58 9.02
N PRO A 30 -5.93 -7.90 8.98
CA PRO A 30 -7.28 -8.45 9.09
C PRO A 30 -7.85 -8.28 10.50
N PRO A 31 -8.93 -7.48 10.61
CA PRO A 31 -9.59 -7.21 11.88
C PRO A 31 -10.35 -8.44 12.40
N GLN A 32 -10.49 -8.52 13.72
CA GLN A 32 -11.20 -9.63 14.34
C GLN A 32 -12.35 -10.11 13.46
N ASN A 33 -13.05 -9.16 12.85
CA ASN A 33 -14.18 -9.49 11.99
C ASN A 33 -13.76 -9.44 10.52
N PRO A 34 -13.52 -10.62 9.94
CA PRO A 34 -13.12 -10.75 8.53
C PRO A 34 -14.24 -10.39 7.57
N VAL A 35 -14.09 -9.27 6.87
CA VAL A 35 -15.09 -8.82 5.91
C VAL A 35 -15.30 -9.86 4.80
N ASP A 36 -16.12 -9.50 3.82
CA ASP A 36 -16.41 -10.40 2.70
C ASP A 36 -15.47 -10.12 1.53
N THR A 37 -15.48 -8.87 1.06
CA THR A 37 -14.64 -8.46 -0.05
C THR A 37 -14.05 -7.08 0.17
N TYR A 38 -12.80 -6.91 -0.23
CA TYR A 38 -12.11 -5.62 -0.07
C TYR A 38 -12.20 -4.80 -1.35
N ASP A 39 -12.61 -3.54 -1.22
CA ASP A 39 -12.73 -2.66 -2.37
C ASP A 39 -11.50 -1.77 -2.50
N ILE A 40 -10.66 -2.07 -3.48
CA ILE A 40 -9.44 -1.30 -3.71
C ILE A 40 -9.59 -0.39 -4.93
N GLN A 41 -9.13 0.86 -4.79
CA GLN A 41 -9.22 1.82 -5.88
C GLN A 41 -7.87 2.48 -6.11
N VAL A 42 -7.28 2.22 -7.28
CA VAL A 42 -5.99 2.78 -7.63
C VAL A 42 -6.15 3.99 -8.56
N THR A 43 -5.60 5.13 -8.13
CA THR A 43 -5.70 6.35 -8.92
C THR A 43 -4.40 7.14 -8.86
N ALA A 44 -4.28 8.16 -9.70
CA ALA A 44 -3.09 9.00 -9.73
C ALA A 44 -3.27 10.17 -10.68
N PRO A 45 -2.57 11.29 -10.39
CA PRO A 45 -2.64 12.50 -11.20
C PRO A 45 -1.98 12.32 -12.56
N GLY A 46 -2.73 11.79 -13.52
CA GLY A 46 -2.20 11.58 -14.85
C GLY A 46 -2.25 10.12 -15.28
N ALA A 47 -3.17 9.37 -14.68
CA ALA A 47 -3.31 7.95 -14.99
C ALA A 47 -4.78 7.53 -14.92
N PRO A 48 -5.13 6.49 -15.68
CA PRO A 48 -6.50 5.96 -15.72
C PRO A 48 -6.90 5.26 -14.43
N PRO A 49 -8.19 5.36 -14.07
CA PRO A 49 -8.72 4.74 -12.85
C PRO A 49 -8.74 3.22 -12.94
N LEU A 50 -8.51 2.56 -11.81
CA LEU A 50 -8.51 1.11 -11.76
C LEU A 50 -9.39 0.60 -10.62
N GLN A 51 -10.28 -0.33 -10.94
CA GLN A 51 -11.18 -0.90 -9.94
C GLN A 51 -11.02 -2.41 -9.86
N ALA A 52 -10.88 -2.92 -8.64
CA ALA A 52 -10.71 -4.35 -8.42
C ALA A 52 -11.32 -4.78 -7.09
N GLU A 53 -11.45 -6.09 -6.89
CA GLU A 53 -12.02 -6.62 -5.67
C GLU A 53 -11.36 -7.95 -5.29
N THR A 54 -11.47 -8.32 -4.02
CA THR A 54 -10.88 -9.56 -3.53
C THR A 54 -11.57 -10.03 -2.26
N PRO A 55 -11.68 -11.36 -2.11
CA PRO A 55 -12.32 -11.97 -0.93
C PRO A 55 -11.49 -11.79 0.35
N GLY A 56 -12.18 -11.68 1.47
CA GLY A 56 -11.49 -11.49 2.74
C GLY A 56 -10.36 -12.47 2.93
N SER A 57 -10.58 -13.73 2.50
CA SER A 57 -9.57 -14.76 2.63
C SER A 57 -8.19 -14.24 2.24
N ALA A 58 -8.18 -13.21 1.40
CA ALA A 58 -6.93 -12.62 0.94
C ALA A 58 -6.53 -11.43 1.82
N VAL A 59 -5.24 -11.36 2.15
CA VAL A 59 -4.73 -10.28 2.98
C VAL A 59 -3.76 -9.39 2.20
N ASP A 60 -3.89 -9.41 0.88
CA ASP A 60 -3.02 -8.61 0.02
C ASP A 60 -3.52 -8.63 -1.41
N TYR A 61 -3.38 -7.50 -2.11
CA TYR A 61 -3.82 -7.39 -3.49
C TYR A 61 -2.72 -6.78 -4.37
N PRO A 62 -1.95 -7.66 -5.04
CA PRO A 62 -0.86 -7.24 -5.91
C PRO A 62 -1.36 -6.54 -7.18
N LEU A 63 -1.21 -5.23 -7.24
CA LEU A 63 -1.65 -4.46 -8.40
C LEU A 63 -0.55 -4.37 -9.44
N HIS A 64 -0.90 -4.64 -10.70
CA HIS A 64 0.06 -4.58 -11.79
C HIS A 64 -0.33 -3.51 -12.80
N ASP A 65 0.57 -3.23 -13.74
CA ASP A 65 0.32 -2.23 -14.77
C ASP A 65 0.32 -0.82 -14.16
N LEU A 66 1.37 -0.51 -13.42
CA LEU A 66 1.49 0.80 -12.78
C LEU A 66 2.66 1.58 -13.35
N VAL A 67 2.40 2.81 -13.78
CA VAL A 67 3.44 3.67 -14.35
C VAL A 67 4.55 3.92 -13.33
N LEU A 68 5.80 3.80 -13.77
CA LEU A 68 6.95 4.02 -12.90
C LEU A 68 7.25 5.50 -12.77
N HIS A 69 7.85 5.88 -11.65
CA HIS A 69 8.20 7.27 -11.41
C HIS A 69 6.95 8.14 -11.28
N THR A 70 5.94 7.62 -10.57
CA THR A 70 4.70 8.34 -10.39
C THR A 70 4.03 7.95 -9.06
N ASN A 71 3.70 8.96 -8.25
CA ASN A 71 3.07 8.71 -6.96
C ASN A 71 1.64 8.22 -7.15
N TYR A 72 1.40 6.95 -6.83
CA TYR A 72 0.08 6.35 -6.96
C TYR A 72 -0.58 6.19 -5.59
N THR A 73 -1.83 6.65 -5.49
CA THR A 73 -2.57 6.55 -4.24
C THR A 73 -3.57 5.41 -4.28
N ALA A 74 -3.42 4.46 -3.37
CA ALA A 74 -4.31 3.31 -3.30
C ALA A 74 -5.21 3.38 -2.07
N THR A 75 -6.49 3.04 -2.26
CA THR A 75 -7.44 3.06 -1.16
C THR A 75 -8.17 1.73 -1.02
N VAL A 76 -8.02 1.09 0.13
CA VAL A 76 -8.67 -0.19 0.39
C VAL A 76 -9.84 -0.03 1.35
N ARG A 77 -10.95 -0.70 1.03
CA ARG A 77 -12.15 -0.63 1.85
C ARG A 77 -12.65 -2.03 2.20
N GLY A 78 -13.62 -2.11 3.09
CA GLY A 78 -14.18 -3.39 3.49
C GLY A 78 -15.68 -3.46 3.28
N LEU A 79 -16.12 -4.45 2.53
CA LEU A 79 -17.55 -4.63 2.25
C LEU A 79 -18.19 -5.51 3.32
N ARG A 80 -18.91 -4.89 4.25
CA ARG A 80 -19.59 -5.62 5.31
C ARG A 80 -21.09 -5.35 5.29
N GLY A 81 -21.84 -6.25 4.67
CA GLY A 81 -23.28 -6.09 4.59
C GLY A 81 -23.68 -4.83 3.85
N PRO A 82 -24.86 -4.30 4.19
CA PRO A 82 -25.39 -3.08 3.57
C PRO A 82 -24.59 -1.84 3.96
N ASN A 83 -23.52 -2.04 4.72
CA ASN A 83 -22.68 -0.94 5.16
C ASN A 83 -21.24 -1.12 4.67
N LEU A 84 -20.39 -0.14 4.96
CA LEU A 84 -19.00 -0.20 4.54
C LEU A 84 -18.07 0.09 5.73
N THR A 85 -16.82 -0.36 5.63
CA THR A 85 -15.85 -0.16 6.69
C THR A 85 -15.02 1.10 6.44
N SER A 86 -14.13 1.41 7.37
CA SER A 86 -13.27 2.58 7.25
C SER A 86 -12.23 2.39 6.16
N PRO A 87 -12.15 3.35 5.23
CA PRO A 87 -11.20 3.31 4.12
C PRO A 87 -9.76 3.50 4.58
N ALA A 88 -8.84 2.75 3.98
CA ALA A 88 -7.43 2.85 4.33
C ALA A 88 -6.57 3.05 3.08
N SER A 89 -5.90 4.20 3.01
CA SER A 89 -5.05 4.51 1.87
C SER A 89 -3.61 4.73 2.31
N ILE A 90 -2.68 4.62 1.37
CA ILE A 90 -1.26 4.81 1.67
C ILE A 90 -0.50 5.29 0.43
N THR A 91 0.60 6.01 0.66
CA THR A 91 1.41 6.53 -0.42
C THR A 91 2.62 5.63 -0.68
N PHE A 92 2.83 5.26 -1.94
CA PHE A 92 3.95 4.41 -2.32
C PHE A 92 4.42 4.72 -3.74
N THR A 93 5.73 4.89 -3.89
CA THR A 93 6.31 5.20 -5.19
C THR A 93 6.67 3.92 -5.95
N THR A 94 6.28 3.85 -7.22
CA THR A 94 6.56 2.69 -8.05
C THR A 94 7.91 2.82 -8.75
N GLY A 95 8.55 1.68 -9.01
CA GLY A 95 9.84 1.70 -9.68
C GLY A 95 10.90 2.43 -8.87
N LEU A 96 11.57 1.70 -7.97
CA LEU A 96 12.61 2.29 -7.14
C LEU A 96 13.89 1.46 -7.22
N GLU A 97 14.18 0.94 -8.41
CA GLU A 97 15.39 0.14 -8.61
C GLU A 97 16.61 0.83 -7.99
N ALA A 98 17.14 0.21 -6.93
CA ALA A 98 18.30 0.74 -6.25
C ALA A 98 18.90 -0.28 -5.29
N PRO A 99 20.17 -0.64 -5.54
CA PRO A 99 20.89 -1.61 -4.70
C PRO A 99 21.20 -1.07 -3.31
N ARG A 100 20.96 0.22 -3.12
CA ARG A 100 21.22 0.86 -1.83
C ARG A 100 20.02 1.68 -1.38
N ASP A 101 19.65 2.68 -2.18
CA ASP A 101 18.52 3.55 -1.86
C ASP A 101 18.16 4.43 -3.05
N LEU A 102 17.03 5.12 -2.95
CA LEU A 102 16.57 6.00 -4.01
C LEU A 102 17.36 7.31 -4.02
N GLU A 103 17.61 7.85 -2.82
CA GLU A 103 18.36 9.09 -2.70
C GLU A 103 19.86 8.84 -2.88
N ALA A 104 20.41 9.33 -3.98
CA ALA A 104 21.82 9.17 -4.28
C ALA A 104 22.60 10.43 -3.92
N LYS A 105 23.92 10.30 -3.84
CA LYS A 105 24.78 11.43 -3.51
C LYS A 105 25.28 12.11 -4.79
N GLU A 106 24.87 13.37 -4.97
CA GLU A 106 25.28 14.14 -6.15
C GLU A 106 25.75 15.53 -5.75
N VAL A 107 26.89 15.60 -5.07
CA VAL A 107 27.45 16.86 -4.63
C VAL A 107 28.75 17.18 -5.35
N THR A 108 29.10 18.46 -5.43
CA THR A 108 30.32 18.88 -6.09
C THR A 108 31.32 19.44 -5.09
N PRO A 109 32.09 18.53 -4.46
CA PRO A 109 33.10 18.91 -3.46
C PRO A 109 34.29 19.61 -4.10
N SER A 110 34.60 19.25 -5.34
CA SER A 110 35.72 19.85 -6.06
C SER A 110 35.53 19.72 -7.57
N GLY A 111 36.00 20.72 -8.29
CA GLY A 111 35.88 20.71 -9.75
C GLY A 111 37.21 20.88 -10.45
N PRO A 112 37.99 19.79 -10.54
CA PRO A 112 39.30 19.80 -11.19
C PRO A 112 39.19 19.98 -12.70
N SER A 113 40.35 19.97 -13.37
CA SER A 113 40.39 20.13 -14.82
C SER A 113 41.47 19.25 -15.43
N SER A 114 41.38 19.02 -16.73
CA SER A 114 42.35 18.20 -17.44
C SER A 114 43.09 19.02 -18.50
N GLY A 115 44.16 18.44 -19.04
CA GLY A 115 44.93 19.14 -20.06
C GLY A 115 45.36 20.52 -19.62
N GLY A 1 0.78 -2.33 20.18
CA GLY A 1 -0.24 -3.22 20.69
C GLY A 1 -1.48 -2.48 21.15
N SER A 2 -2.51 -3.23 21.52
CA SER A 2 -3.77 -2.63 21.98
C SER A 2 -4.56 -3.62 22.82
N SER A 3 -4.83 -3.23 24.07
CA SER A 3 -5.57 -4.08 24.99
C SER A 3 -7.08 -3.94 24.77
N GLY A 4 -7.65 -4.84 24.00
CA GLY A 4 -9.08 -4.80 23.72
C GLY A 4 -9.37 -4.64 22.25
N SER A 5 -10.66 -4.49 21.92
CA SER A 5 -11.08 -4.33 20.53
C SER A 5 -11.25 -2.86 20.18
N SER A 6 -10.22 -2.28 19.58
CA SER A 6 -10.25 -0.87 19.19
C SER A 6 -9.91 -0.70 17.72
N GLY A 7 -10.76 0.03 16.99
CA GLY A 7 -10.54 0.25 15.58
C GLY A 7 -11.71 -0.17 14.73
N PRO A 8 -11.67 0.17 13.43
CA PRO A 8 -12.74 -0.16 12.48
C PRO A 8 -12.80 -1.66 12.19
N ASP A 9 -13.79 -2.06 11.40
CA ASP A 9 -13.96 -3.45 11.03
C ASP A 9 -13.33 -3.75 9.67
N GLY A 10 -12.52 -2.80 9.19
CA GLY A 10 -11.87 -2.98 7.91
C GLY A 10 -10.36 -3.07 8.03
N PRO A 11 -9.66 -2.97 6.90
CA PRO A 11 -8.20 -3.04 6.86
C PRO A 11 -7.54 -1.82 7.49
N THR A 12 -6.72 -2.05 8.51
CA THR A 12 -6.04 -0.97 9.21
C THR A 12 -4.53 -1.20 9.21
N GLN A 13 -3.78 -0.14 9.53
CA GLN A 13 -2.32 -0.24 9.58
C GLN A 13 -1.77 -0.70 8.24
N LEU A 14 -2.35 -0.19 7.15
CA LEU A 14 -1.91 -0.56 5.81
C LEU A 14 -0.46 -0.18 5.59
N ARG A 15 0.36 -1.18 5.26
CA ARG A 15 1.78 -0.95 5.02
C ARG A 15 2.15 -1.25 3.57
N ALA A 16 3.30 -0.76 3.13
CA ALA A 16 3.77 -0.99 1.77
C ALA A 16 4.96 -1.93 1.76
N LEU A 17 4.72 -3.16 1.30
CA LEU A 17 5.79 -4.16 1.24
C LEU A 17 6.77 -3.84 0.12
N ASN A 18 7.89 -4.55 0.09
CA ASN A 18 8.92 -4.34 -0.92
C ASN A 18 8.44 -4.82 -2.29
N LEU A 19 8.56 -3.95 -3.29
CA LEU A 19 8.14 -4.29 -4.65
C LEU A 19 8.95 -5.47 -5.20
N THR A 20 8.44 -6.09 -6.25
CA THR A 20 9.11 -7.22 -6.87
C THR A 20 9.52 -6.90 -8.30
N GLU A 21 10.79 -6.55 -8.48
CA GLU A 21 11.31 -6.21 -9.80
C GLU A 21 10.33 -5.31 -10.56
N GLY A 22 9.64 -4.45 -9.81
CA GLY A 22 8.69 -3.54 -10.42
C GLY A 22 7.25 -3.96 -10.19
N PHE A 23 6.99 -4.52 -9.01
CA PHE A 23 5.64 -4.96 -8.66
C PHE A 23 5.32 -4.61 -7.21
N ALA A 24 4.44 -3.63 -7.03
CA ALA A 24 4.04 -3.21 -5.69
C ALA A 24 2.73 -3.86 -5.28
N VAL A 25 2.58 -4.11 -3.98
CA VAL A 25 1.37 -4.72 -3.46
C VAL A 25 0.88 -4.00 -2.20
N LEU A 26 -0.37 -4.27 -1.82
CA LEU A 26 -0.95 -3.65 -0.64
C LEU A 26 -1.08 -4.65 0.50
N HIS A 27 -0.64 -4.24 1.69
CA HIS A 27 -0.70 -5.11 2.86
C HIS A 27 -1.56 -4.48 3.95
N TRP A 28 -2.63 -5.18 4.33
CA TRP A 28 -3.53 -4.70 5.36
C TRP A 28 -3.73 -5.75 6.45
N LYS A 29 -4.05 -5.29 7.66
CA LYS A 29 -4.27 -6.18 8.80
C LYS A 29 -5.74 -6.49 8.96
N PRO A 30 -6.08 -7.80 8.98
CA PRO A 30 -7.46 -8.26 9.15
C PRO A 30 -8.01 -7.99 10.54
N PRO A 31 -9.09 -7.20 10.61
CA PRO A 31 -9.73 -6.85 11.88
C PRO A 31 -10.44 -8.04 12.51
N GLN A 32 -10.72 -7.92 13.82
CA GLN A 32 -11.39 -9.00 14.54
C GLN A 32 -12.48 -9.64 13.68
N ASN A 33 -13.40 -8.81 13.18
CA ASN A 33 -14.49 -9.30 12.35
C ASN A 33 -14.08 -9.32 10.88
N PRO A 34 -14.04 -10.52 10.29
CA PRO A 34 -13.68 -10.70 8.89
C PRO A 34 -14.73 -10.15 7.93
N VAL A 35 -14.28 -9.56 6.82
CA VAL A 35 -15.18 -9.00 5.84
C VAL A 35 -15.48 -9.99 4.73
N ASP A 36 -16.20 -9.54 3.71
CA ASP A 36 -16.55 -10.40 2.57
C ASP A 36 -15.70 -10.05 1.35
N THR A 37 -15.70 -8.78 0.98
CA THR A 37 -14.94 -8.31 -0.17
C THR A 37 -14.34 -6.94 0.09
N TYR A 38 -13.05 -6.79 -0.25
CA TYR A 38 -12.36 -5.53 -0.06
C TYR A 38 -12.41 -4.67 -1.32
N ASP A 39 -12.81 -3.42 -1.16
CA ASP A 39 -12.90 -2.50 -2.29
C ASP A 39 -11.63 -1.67 -2.42
N ILE A 40 -10.87 -1.91 -3.49
CA ILE A 40 -9.64 -1.18 -3.73
C ILE A 40 -9.76 -0.26 -4.94
N GLN A 41 -9.19 0.93 -4.84
CA GLN A 41 -9.23 1.90 -5.93
C GLN A 41 -7.88 2.58 -6.10
N VAL A 42 -7.29 2.41 -7.29
CA VAL A 42 -6.00 3.02 -7.58
C VAL A 42 -6.15 4.20 -8.54
N THR A 43 -5.57 5.34 -8.16
CA THR A 43 -5.64 6.54 -8.97
C THR A 43 -4.37 7.37 -8.84
N ALA A 44 -4.03 8.10 -9.90
CA ALA A 44 -2.84 8.95 -9.88
C ALA A 44 -2.98 10.09 -10.87
N PRO A 45 -2.16 11.15 -10.68
CA PRO A 45 -2.18 12.32 -11.55
C PRO A 45 -1.63 12.04 -12.95
N GLY A 46 -2.52 11.93 -13.92
CA GLY A 46 -2.11 11.65 -15.28
C GLY A 46 -2.08 10.17 -15.58
N ALA A 47 -2.92 9.40 -14.89
CA ALA A 47 -3.00 7.96 -15.10
C ALA A 47 -4.44 7.48 -15.07
N PRO A 48 -4.70 6.38 -15.79
CA PRO A 48 -6.04 5.78 -15.87
C PRO A 48 -6.48 5.15 -14.55
N PRO A 49 -7.78 5.25 -14.25
CA PRO A 49 -8.34 4.68 -13.01
C PRO A 49 -8.36 3.16 -13.02
N LEU A 50 -8.03 2.57 -11.89
CA LEU A 50 -8.01 1.11 -11.76
C LEU A 50 -8.87 0.65 -10.58
N GLN A 51 -9.78 -0.29 -10.85
CA GLN A 51 -10.65 -0.81 -9.81
C GLN A 51 -10.57 -2.33 -9.75
N ALA A 52 -10.50 -2.86 -8.54
CA ALA A 52 -10.42 -4.30 -8.34
C ALA A 52 -11.02 -4.71 -7.00
N GLU A 53 -11.37 -5.98 -6.87
CA GLU A 53 -11.95 -6.50 -5.64
C GLU A 53 -11.33 -7.83 -5.25
N THR A 54 -11.47 -8.20 -3.98
CA THR A 54 -10.91 -9.46 -3.48
C THR A 54 -11.70 -9.97 -2.29
N PRO A 55 -11.82 -11.30 -2.18
CA PRO A 55 -12.56 -11.95 -1.09
C PRO A 55 -11.84 -11.81 0.24
N GLY A 56 -12.61 -11.76 1.33
CA GLY A 56 -12.04 -11.63 2.65
C GLY A 56 -11.00 -12.69 2.94
N SER A 57 -10.96 -13.72 2.10
CA SER A 57 -10.01 -14.81 2.27
C SER A 57 -8.61 -14.40 1.81
N ALA A 58 -8.46 -13.12 1.52
CA ALA A 58 -7.17 -12.58 1.07
C ALA A 58 -6.73 -11.42 1.94
N VAL A 59 -5.43 -11.37 2.24
CA VAL A 59 -4.88 -10.30 3.07
C VAL A 59 -3.82 -9.51 2.30
N ASP A 60 -3.93 -9.50 0.98
CA ASP A 60 -2.99 -8.78 0.13
C ASP A 60 -3.48 -8.74 -1.31
N TYR A 61 -3.33 -7.58 -1.95
CA TYR A 61 -3.76 -7.41 -3.33
C TYR A 61 -2.68 -6.71 -4.15
N PRO A 62 -1.87 -7.52 -4.86
CA PRO A 62 -0.79 -7.01 -5.70
C PRO A 62 -1.30 -6.27 -6.93
N LEU A 63 -0.88 -5.03 -7.10
CA LEU A 63 -1.30 -4.22 -8.24
C LEU A 63 -0.23 -4.22 -9.34
N HIS A 64 -0.67 -4.42 -10.58
CA HIS A 64 0.24 -4.44 -11.72
C HIS A 64 -0.12 -3.35 -12.72
N ASP A 65 0.67 -3.26 -13.80
CA ASP A 65 0.43 -2.26 -14.83
C ASP A 65 0.47 -0.86 -14.25
N LEU A 66 1.40 -0.62 -13.33
CA LEU A 66 1.53 0.68 -12.69
C LEU A 66 2.75 1.43 -13.24
N VAL A 67 2.50 2.57 -13.86
CA VAL A 67 3.58 3.38 -14.42
C VAL A 67 4.65 3.68 -13.37
N LEU A 68 5.91 3.53 -13.77
CA LEU A 68 7.03 3.77 -12.87
C LEU A 68 7.26 5.28 -12.69
N HIS A 69 7.95 5.63 -11.61
CA HIS A 69 8.24 7.03 -11.33
C HIS A 69 6.96 7.85 -11.24
N THR A 70 5.99 7.34 -10.47
CA THR A 70 4.72 8.02 -10.30
C THR A 70 4.08 7.68 -8.96
N ASN A 71 3.67 8.71 -8.22
CA ASN A 71 3.05 8.52 -6.92
C ASN A 71 1.60 8.09 -7.06
N TYR A 72 1.35 6.79 -6.94
CA TYR A 72 0.02 6.24 -7.06
C TYR A 72 -0.67 6.16 -5.69
N THR A 73 -1.96 6.48 -5.67
CA THR A 73 -2.72 6.45 -4.43
C THR A 73 -3.80 5.37 -4.47
N ALA A 74 -3.72 4.44 -3.53
CA ALA A 74 -4.69 3.34 -3.47
C ALA A 74 -5.56 3.46 -2.22
N THR A 75 -6.85 3.15 -2.36
CA THR A 75 -7.79 3.22 -1.25
C THR A 75 -8.50 1.89 -1.04
N VAL A 76 -8.20 1.22 0.06
CA VAL A 76 -8.83 -0.06 0.37
C VAL A 76 -10.02 0.12 1.30
N ARG A 77 -11.01 -0.74 1.14
CA ARG A 77 -12.22 -0.68 1.98
C ARG A 77 -12.73 -2.08 2.29
N GLY A 78 -13.71 -2.16 3.20
CA GLY A 78 -14.27 -3.43 3.58
C GLY A 78 -15.77 -3.48 3.43
N LEU A 79 -16.25 -4.36 2.56
CA LEU A 79 -17.69 -4.50 2.32
C LEU A 79 -18.29 -5.53 3.27
N ARG A 80 -18.93 -5.04 4.33
CA ARG A 80 -19.55 -5.91 5.32
C ARG A 80 -21.06 -5.68 5.37
N GLY A 81 -21.80 -6.48 4.62
CA GLY A 81 -23.25 -6.34 4.59
C GLY A 81 -23.70 -5.01 4.01
N PRO A 82 -24.86 -4.53 4.46
CA PRO A 82 -25.42 -3.26 3.99
C PRO A 82 -24.63 -2.06 4.48
N ASN A 83 -23.52 -2.33 5.18
CA ASN A 83 -22.67 -1.26 5.71
C ASN A 83 -21.25 -1.39 5.17
N LEU A 84 -20.44 -0.38 5.43
CA LEU A 84 -19.05 -0.38 4.97
C LEU A 84 -18.09 -0.10 6.13
N THR A 85 -16.81 -0.38 5.91
CA THR A 85 -15.79 -0.17 6.94
C THR A 85 -14.98 1.08 6.65
N SER A 86 -14.06 1.40 7.55
CA SER A 86 -13.21 2.58 7.39
C SER A 86 -12.19 2.38 6.26
N PRO A 87 -12.15 3.33 5.33
CA PRO A 87 -11.22 3.29 4.19
C PRO A 87 -9.78 3.49 4.61
N ALA A 88 -8.88 2.73 3.98
CA ALA A 88 -7.45 2.84 4.29
C ALA A 88 -6.63 3.00 3.02
N SER A 89 -5.97 4.15 2.89
CA SER A 89 -5.15 4.44 1.72
C SER A 89 -3.68 4.59 2.11
N ILE A 90 -2.82 4.68 1.11
CA ILE A 90 -1.39 4.83 1.34
C ILE A 90 -0.68 5.32 0.09
N THR A 91 0.48 5.96 0.28
CA THR A 91 1.27 6.47 -0.84
C THR A 91 2.55 5.68 -1.02
N PHE A 92 2.65 4.97 -2.14
CA PHE A 92 3.83 4.17 -2.43
C PHE A 92 4.40 4.52 -3.81
N THR A 93 5.73 4.54 -3.90
CA THR A 93 6.40 4.87 -5.16
C THR A 93 6.70 3.60 -5.96
N THR A 94 6.33 3.61 -7.23
CA THR A 94 6.55 2.47 -8.11
C THR A 94 7.94 2.54 -8.75
N GLY A 95 8.32 1.47 -9.44
CA GLY A 95 9.61 1.42 -10.10
C GLY A 95 10.76 1.39 -9.10
N LEU A 96 11.87 2.02 -9.46
CA LEU A 96 13.04 2.06 -8.58
C LEU A 96 13.58 0.66 -8.34
N GLU A 97 13.66 -0.14 -9.42
CA GLU A 97 14.16 -1.50 -9.33
C GLU A 97 15.47 -1.65 -10.11
N ALA A 98 15.58 -0.91 -11.20
CA ALA A 98 16.78 -0.97 -12.03
C ALA A 98 18.04 -1.03 -11.17
N PRO A 99 19.13 -1.58 -11.74
CA PRO A 99 20.41 -1.70 -11.05
C PRO A 99 21.09 -0.36 -10.85
N ARG A 100 20.61 0.65 -11.55
CA ARG A 100 21.18 1.99 -11.45
C ARG A 100 21.22 2.45 -10.00
N ASP A 101 22.30 3.13 -9.63
CA ASP A 101 22.48 3.63 -8.26
C ASP A 101 21.18 4.26 -7.75
N LEU A 102 20.62 3.67 -6.70
CA LEU A 102 19.39 4.17 -6.12
C LEU A 102 19.67 5.13 -4.96
N GLU A 103 18.61 5.68 -4.37
CA GLU A 103 18.75 6.60 -3.25
C GLU A 103 18.73 5.85 -1.92
N ALA A 104 19.83 5.17 -1.61
CA ALA A 104 19.94 4.41 -0.37
C ALA A 104 20.69 5.21 0.69
N LYS A 105 20.27 6.46 0.88
CA LYS A 105 20.90 7.33 1.87
C LYS A 105 22.40 7.08 1.93
N GLU A 106 23.03 7.02 0.76
CA GLU A 106 24.48 6.79 0.69
C GLU A 106 25.25 8.09 0.90
N VAL A 107 24.85 8.85 1.92
CA VAL A 107 25.50 10.12 2.23
C VAL A 107 26.97 9.90 2.61
N THR A 108 27.20 9.07 3.61
CA THR A 108 28.55 8.79 4.08
C THR A 108 29.53 8.73 2.91
N PRO A 109 30.47 9.68 2.87
CA PRO A 109 31.48 9.76 1.81
C PRO A 109 32.49 8.62 1.89
N SER A 110 33.49 8.66 1.01
CA SER A 110 34.52 7.63 0.98
C SER A 110 35.90 8.24 0.74
N GLY A 111 36.84 7.94 1.63
CA GLY A 111 38.18 8.47 1.49
C GLY A 111 38.52 9.49 2.56
N PRO A 112 39.79 9.50 3.00
CA PRO A 112 40.26 10.42 4.03
C PRO A 112 40.32 11.86 3.54
N SER A 113 40.64 12.78 4.44
CA SER A 113 40.72 14.19 4.10
C SER A 113 41.22 15.01 5.29
N SER A 114 41.72 16.22 5.01
CA SER A 114 42.23 17.09 6.05
C SER A 114 41.82 18.53 5.79
N GLY A 115 41.21 19.16 6.80
CA GLY A 115 40.77 20.53 6.66
C GLY A 115 40.16 21.08 7.95
N GLY A 1 -4.14 14.35 12.34
CA GLY A 1 -5.29 14.50 13.21
C GLY A 1 -5.29 13.49 14.34
N SER A 2 -6.46 12.93 14.63
CA SER A 2 -6.60 11.94 15.71
C SER A 2 -6.06 10.59 15.27
N SER A 3 -5.88 9.68 16.24
CA SER A 3 -5.37 8.35 15.95
C SER A 3 -6.37 7.56 15.10
N GLY A 4 -7.63 7.55 15.53
CA GLY A 4 -8.66 6.84 14.80
C GLY A 4 -9.81 6.41 15.68
N SER A 5 -10.10 5.11 15.68
CA SER A 5 -11.20 4.58 16.50
C SER A 5 -10.68 3.50 17.45
N SER A 6 -11.58 3.00 18.29
CA SER A 6 -11.23 1.96 19.25
C SER A 6 -11.43 0.57 18.66
N GLY A 7 -11.05 0.41 17.40
CA GLY A 7 -11.21 -0.87 16.74
C GLY A 7 -12.24 -0.83 15.63
N PRO A 8 -11.81 -0.45 14.42
CA PRO A 8 -12.70 -0.37 13.26
C PRO A 8 -13.15 -1.74 12.77
N ASP A 9 -13.68 -1.79 11.56
CA ASP A 9 -14.15 -3.03 10.97
C ASP A 9 -13.42 -3.35 9.67
N GLY A 10 -12.78 -2.33 9.10
CA GLY A 10 -12.04 -2.50 7.87
C GLY A 10 -10.56 -2.72 8.10
N PRO A 11 -9.78 -2.69 7.01
CA PRO A 11 -8.33 -2.88 7.07
C PRO A 11 -7.61 -1.70 7.72
N THR A 12 -6.64 -2.01 8.58
CA THR A 12 -5.89 -0.98 9.27
C THR A 12 -4.39 -1.28 9.26
N GLN A 13 -3.58 -0.28 9.55
CA GLN A 13 -2.13 -0.44 9.57
C GLN A 13 -1.61 -0.85 8.19
N LEU A 14 -2.22 -0.31 7.15
CA LEU A 14 -1.82 -0.61 5.78
C LEU A 14 -0.37 -0.22 5.53
N ARG A 15 0.50 -1.21 5.39
CA ARG A 15 1.91 -0.96 5.15
C ARG A 15 2.34 -1.54 3.80
N ALA A 16 3.37 -0.95 3.21
CA ALA A 16 3.89 -1.40 1.93
C ALA A 16 5.17 -2.22 2.10
N LEU A 17 5.09 -3.50 1.80
CA LEU A 17 6.25 -4.39 1.92
C LEU A 17 7.27 -4.11 0.83
N ASN A 18 8.44 -4.71 0.95
CA ASN A 18 9.51 -4.52 -0.03
C ASN A 18 9.16 -5.21 -1.35
N LEU A 19 9.00 -4.41 -2.40
CA LEU A 19 8.67 -4.94 -3.72
C LEU A 19 9.83 -5.75 -4.29
N THR A 20 9.61 -7.05 -4.44
CA THR A 20 10.64 -7.94 -4.97
C THR A 20 11.05 -7.51 -6.37
N GLU A 21 10.20 -7.80 -7.36
CA GLU A 21 10.48 -7.45 -8.74
C GLU A 21 9.57 -6.31 -9.21
N GLY A 22 9.98 -5.08 -8.91
CA GLY A 22 9.19 -3.92 -9.30
C GLY A 22 7.70 -4.19 -9.24
N PHE A 23 7.29 -5.05 -8.30
CA PHE A 23 5.88 -5.38 -8.15
C PHE A 23 5.31 -4.76 -6.87
N ALA A 24 4.48 -3.74 -7.05
CA ALA A 24 3.86 -3.06 -5.92
C ALA A 24 2.61 -3.80 -5.44
N VAL A 25 2.54 -4.08 -4.14
CA VAL A 25 1.40 -4.78 -3.57
C VAL A 25 0.94 -4.11 -2.28
N LEU A 26 -0.31 -4.34 -1.92
CA LEU A 26 -0.87 -3.76 -0.70
C LEU A 26 -0.88 -4.78 0.44
N HIS A 27 -0.82 -4.28 1.68
CA HIS A 27 -0.81 -5.14 2.84
C HIS A 27 -1.66 -4.54 3.97
N TRP A 28 -2.70 -5.25 4.37
CA TRP A 28 -3.59 -4.79 5.43
C TRP A 28 -3.79 -5.87 6.48
N LYS A 29 -4.10 -5.45 7.70
CA LYS A 29 -4.32 -6.39 8.80
C LYS A 29 -5.80 -6.70 8.96
N PRO A 30 -6.13 -8.00 8.98
CA PRO A 30 -7.52 -8.45 9.13
C PRO A 30 -8.06 -8.20 10.53
N PRO A 31 -9.16 -7.43 10.60
CA PRO A 31 -9.81 -7.09 11.89
C PRO A 31 -10.48 -8.29 12.52
N GLN A 32 -10.92 -8.13 13.77
CA GLN A 32 -11.58 -9.20 14.50
C GLN A 32 -12.43 -10.05 13.55
N ASN A 33 -13.29 -9.39 12.78
CA ASN A 33 -14.15 -10.08 11.84
C ASN A 33 -13.71 -9.84 10.40
N PRO A 34 -13.38 -10.93 9.69
CA PRO A 34 -12.93 -10.85 8.29
C PRO A 34 -14.06 -10.44 7.34
N VAL A 35 -13.89 -9.30 6.69
CA VAL A 35 -14.89 -8.80 5.75
C VAL A 35 -15.15 -9.80 4.64
N ASP A 36 -16.02 -9.43 3.71
CA ASP A 36 -16.35 -10.29 2.59
C ASP A 36 -15.49 -9.98 1.37
N THR A 37 -15.48 -8.71 0.97
CA THR A 37 -14.69 -8.27 -0.18
C THR A 37 -14.09 -6.89 0.06
N TYR A 38 -12.82 -6.75 -0.27
CA TYR A 38 -12.12 -5.47 -0.09
C TYR A 38 -12.20 -4.63 -1.35
N ASP A 39 -12.65 -3.38 -1.20
CA ASP A 39 -12.78 -2.48 -2.34
C ASP A 39 -11.55 -1.58 -2.45
N ILE A 40 -10.72 -1.86 -3.46
CA ILE A 40 -9.51 -1.08 -3.67
C ILE A 40 -9.65 -0.16 -4.89
N GLN A 41 -9.21 1.08 -4.75
CA GLN A 41 -9.29 2.05 -5.83
C GLN A 41 -7.94 2.74 -6.04
N VAL A 42 -7.36 2.53 -7.22
CA VAL A 42 -6.06 3.12 -7.55
C VAL A 42 -6.23 4.22 -8.60
N THR A 43 -5.58 5.36 -8.37
CA THR A 43 -5.64 6.48 -9.28
C THR A 43 -4.33 7.26 -9.31
N ALA A 44 -4.16 8.09 -10.32
CA ALA A 44 -2.94 8.90 -10.45
C ALA A 44 -3.18 10.09 -11.37
N PRO A 45 -2.28 11.09 -11.28
CA PRO A 45 -2.36 12.30 -12.09
C PRO A 45 -2.08 12.03 -13.56
N GLY A 46 -3.12 11.64 -14.30
CA GLY A 46 -2.96 11.36 -15.72
C GLY A 46 -3.21 9.91 -16.05
N ALA A 47 -2.79 9.02 -15.17
CA ALA A 47 -2.97 7.58 -15.38
C ALA A 47 -4.44 7.20 -15.29
N PRO A 48 -4.82 6.13 -16.01
CA PRO A 48 -6.20 5.64 -16.02
C PRO A 48 -6.63 5.03 -14.69
N PRO A 49 -7.92 5.15 -14.36
CA PRO A 49 -8.47 4.61 -13.12
C PRO A 49 -8.51 3.09 -13.11
N LEU A 50 -8.15 2.49 -11.98
CA LEU A 50 -8.15 1.04 -11.84
C LEU A 50 -9.09 0.59 -10.73
N GLN A 51 -9.95 -0.37 -11.05
CA GLN A 51 -10.90 -0.89 -10.07
C GLN A 51 -10.77 -2.40 -9.93
N ALA A 52 -10.51 -2.87 -8.72
CA ALA A 52 -10.37 -4.29 -8.46
C ALA A 52 -11.00 -4.67 -7.12
N GLU A 53 -11.12 -5.97 -6.87
CA GLU A 53 -11.70 -6.46 -5.63
C GLU A 53 -11.05 -7.77 -5.20
N THR A 54 -11.29 -8.17 -3.96
CA THR A 54 -10.71 -9.40 -3.43
C THR A 54 -11.49 -9.89 -2.21
N PRO A 55 -11.64 -11.21 -2.09
CA PRO A 55 -12.36 -11.84 -0.98
C PRO A 55 -11.63 -11.69 0.35
N GLY A 56 -12.38 -11.66 1.45
CA GLY A 56 -11.79 -11.52 2.76
C GLY A 56 -10.74 -12.59 3.03
N SER A 57 -10.73 -13.63 2.21
CA SER A 57 -9.77 -14.72 2.37
C SER A 57 -8.38 -14.30 1.89
N ALA A 58 -8.25 -13.03 1.54
CA ALA A 58 -6.97 -12.50 1.07
C ALA A 58 -6.55 -11.29 1.90
N VAL A 59 -5.29 -11.28 2.33
CA VAL A 59 -4.76 -10.19 3.13
C VAL A 59 -3.71 -9.41 2.36
N ASP A 60 -3.83 -9.39 1.04
CA ASP A 60 -2.89 -8.68 0.19
C ASP A 60 -3.40 -8.61 -1.25
N TYR A 61 -3.18 -7.47 -1.90
CA TYR A 61 -3.62 -7.28 -3.28
C TYR A 61 -2.51 -6.66 -4.12
N PRO A 62 -1.76 -7.52 -4.83
CA PRO A 62 -0.67 -7.08 -5.69
C PRO A 62 -1.15 -6.33 -6.93
N LEU A 63 -0.97 -5.01 -6.92
CA LEU A 63 -1.39 -4.18 -8.03
C LEU A 63 -0.39 -4.25 -9.18
N HIS A 64 -0.87 -4.55 -10.38
CA HIS A 64 -0.02 -4.63 -11.55
C HIS A 64 -0.39 -3.56 -12.57
N ASP A 65 0.41 -3.47 -13.63
CA ASP A 65 0.18 -2.49 -14.68
C ASP A 65 0.20 -1.07 -14.12
N LEU A 66 1.26 -0.75 -13.38
CA LEU A 66 1.40 0.58 -12.78
C LEU A 66 2.65 1.28 -13.32
N VAL A 67 2.44 2.39 -14.00
CA VAL A 67 3.54 3.17 -14.56
C VAL A 67 4.56 3.53 -13.49
N LEU A 68 5.83 3.31 -13.79
CA LEU A 68 6.90 3.61 -12.85
C LEU A 68 7.16 5.12 -12.78
N HIS A 69 7.91 5.53 -11.77
CA HIS A 69 8.24 6.95 -11.59
C HIS A 69 6.97 7.80 -11.58
N THR A 70 5.93 7.29 -10.92
CA THR A 70 4.67 7.99 -10.83
C THR A 70 3.98 7.72 -9.50
N ASN A 71 3.54 8.79 -8.83
CA ASN A 71 2.86 8.66 -7.55
C ASN A 71 1.47 8.06 -7.73
N TYR A 72 1.23 6.93 -7.07
CA TYR A 72 -0.06 6.25 -7.16
C TYR A 72 -0.71 6.14 -5.78
N THR A 73 -1.96 6.58 -5.68
CA THR A 73 -2.69 6.53 -4.43
C THR A 73 -3.77 5.45 -4.45
N ALA A 74 -3.67 4.51 -3.53
CA ALA A 74 -4.63 3.41 -3.46
C ALA A 74 -5.50 3.54 -2.21
N THR A 75 -6.78 3.19 -2.34
CA THR A 75 -7.71 3.28 -1.22
C THR A 75 -8.46 1.95 -1.04
N VAL A 76 -8.18 1.28 0.06
CA VAL A 76 -8.83 0.00 0.35
C VAL A 76 -10.02 0.19 1.27
N ARG A 77 -11.01 -0.69 1.14
CA ARG A 77 -12.21 -0.62 1.96
C ARG A 77 -12.70 -2.01 2.33
N GLY A 78 -13.71 -2.07 3.20
CA GLY A 78 -14.26 -3.35 3.62
C GLY A 78 -15.76 -3.44 3.42
N LEU A 79 -16.17 -4.33 2.53
CA LEU A 79 -17.60 -4.51 2.24
C LEU A 79 -18.23 -5.50 3.21
N ARG A 80 -18.93 -4.97 4.21
CA ARG A 80 -19.59 -5.81 5.20
C ARG A 80 -21.10 -5.55 5.24
N GLY A 81 -21.85 -6.37 4.51
CA GLY A 81 -23.29 -6.21 4.46
C GLY A 81 -23.71 -4.89 3.84
N PRO A 82 -24.89 -4.40 4.22
CA PRO A 82 -25.43 -3.14 3.70
C PRO A 82 -24.65 -1.93 4.20
N ASN A 83 -23.58 -2.18 4.94
CA ASN A 83 -22.75 -1.11 5.48
C ASN A 83 -21.32 -1.23 4.97
N LEU A 84 -20.50 -0.22 5.28
CA LEU A 84 -19.10 -0.21 4.85
C LEU A 84 -18.18 0.06 6.03
N THR A 85 -16.92 -0.36 5.90
CA THR A 85 -15.94 -0.17 6.96
C THR A 85 -15.07 1.06 6.68
N SER A 86 -14.20 1.39 7.62
CA SER A 86 -13.32 2.54 7.49
C SER A 86 -12.30 2.31 6.38
N PRO A 87 -12.23 3.27 5.44
CA PRO A 87 -11.29 3.20 4.31
C PRO A 87 -9.84 3.37 4.74
N ALA A 88 -8.94 2.71 4.03
CA ALA A 88 -7.51 2.80 4.34
C ALA A 88 -6.69 3.00 3.08
N SER A 89 -6.03 4.16 2.99
CA SER A 89 -5.21 4.48 1.83
C SER A 89 -3.75 4.67 2.23
N ILE A 90 -2.85 4.57 1.25
CA ILE A 90 -1.43 4.72 1.51
C ILE A 90 -0.70 5.23 0.27
N THR A 91 0.39 5.97 0.47
CA THR A 91 1.17 6.50 -0.63
C THR A 91 2.44 5.68 -0.85
N PHE A 92 2.51 5.01 -2.00
CA PHE A 92 3.67 4.19 -2.34
C PHE A 92 4.07 4.39 -3.79
N THR A 93 5.35 4.65 -4.02
CA THR A 93 5.88 4.86 -5.37
C THR A 93 5.97 3.55 -6.13
N THR A 94 5.78 3.60 -7.44
CA THR A 94 5.84 2.42 -8.28
C THR A 94 7.20 2.30 -8.97
N GLY A 95 7.59 1.07 -9.28
CA GLY A 95 8.87 0.85 -9.93
C GLY A 95 10.04 1.33 -9.09
N LEU A 96 10.40 0.55 -8.08
CA LEU A 96 11.50 0.91 -7.19
C LEU A 96 12.75 0.10 -7.53
N GLU A 97 13.14 0.12 -8.80
CA GLU A 97 14.31 -0.61 -9.25
C GLU A 97 15.58 0.21 -9.02
N ALA A 98 15.60 1.43 -9.54
CA ALA A 98 16.75 2.31 -9.38
C ALA A 98 16.31 3.72 -9.02
N PRO A 99 16.70 4.17 -7.82
CA PRO A 99 16.36 5.51 -7.32
C PRO A 99 17.10 6.61 -8.08
N ARG A 100 17.91 6.20 -9.05
CA ARG A 100 18.68 7.16 -9.85
C ARG A 100 17.76 8.20 -10.48
N ASP A 101 16.47 7.91 -10.48
CA ASP A 101 15.48 8.82 -11.06
C ASP A 101 14.41 9.18 -10.04
N LEU A 102 13.55 8.21 -9.72
CA LEU A 102 12.48 8.42 -8.76
C LEU A 102 13.03 8.95 -7.44
N GLU A 103 12.21 9.73 -6.73
CA GLU A 103 12.62 10.29 -5.45
C GLU A 103 12.81 9.20 -4.41
N ALA A 104 13.87 9.32 -3.62
CA ALA A 104 14.17 8.34 -2.58
C ALA A 104 14.84 9.00 -1.38
N LYS A 105 14.29 8.76 -0.20
CA LYS A 105 14.84 9.33 1.03
C LYS A 105 15.89 8.40 1.64
N GLU A 106 16.97 8.98 2.14
CA GLU A 106 18.05 8.20 2.75
C GLU A 106 18.57 8.89 4.01
N VAL A 107 19.09 8.10 4.94
CA VAL A 107 19.63 8.64 6.19
C VAL A 107 20.43 9.90 5.93
N THR A 108 20.58 10.72 6.97
CA THR A 108 21.33 11.97 6.86
C THR A 108 22.52 11.98 7.82
N PRO A 109 23.61 12.64 7.40
CA PRO A 109 24.82 12.74 8.20
C PRO A 109 24.64 13.61 9.43
N SER A 110 25.55 13.48 10.39
CA SER A 110 25.49 14.26 11.62
C SER A 110 26.65 15.24 11.71
N GLY A 111 26.43 16.36 12.39
CA GLY A 111 27.47 17.37 12.54
C GLY A 111 27.16 18.37 13.63
N PRO A 112 28.21 19.05 14.12
CA PRO A 112 28.07 20.04 15.18
C PRO A 112 27.34 21.31 14.70
N SER A 113 26.97 22.16 15.65
CA SER A 113 26.26 23.40 15.34
C SER A 113 26.94 24.59 15.98
N SER A 114 26.47 25.79 15.65
CA SER A 114 27.03 27.01 16.20
C SER A 114 25.92 27.99 16.58
N GLY A 115 26.32 29.14 17.14
CA GLY A 115 25.35 30.14 17.55
C GLY A 115 25.94 31.15 18.52
N GLY A 1 2.88 7.28 10.48
CA GLY A 1 2.01 8.29 9.88
C GLY A 1 0.85 8.65 10.79
N SER A 2 0.24 7.64 11.40
CA SER A 2 -0.90 7.86 12.29
C SER A 2 -0.67 7.18 13.64
N SER A 3 -1.40 7.63 14.65
CA SER A 3 -1.28 7.07 16.00
C SER A 3 -2.62 7.11 16.73
N GLY A 4 -3.07 5.95 17.20
CA GLY A 4 -4.33 5.88 17.91
C GLY A 4 -4.85 4.47 18.03
N SER A 5 -5.91 4.29 18.81
CA SER A 5 -6.50 2.97 19.01
C SER A 5 -7.85 2.87 18.30
N SER A 6 -7.83 2.38 17.08
CA SER A 6 -9.05 2.24 16.29
C SER A 6 -9.17 0.83 15.72
N GLY A 7 -10.24 0.13 16.11
CA GLY A 7 -10.46 -1.22 15.63
C GLY A 7 -11.72 -1.36 14.81
N PRO A 8 -11.71 -0.78 13.60
CA PRO A 8 -12.87 -0.82 12.70
C PRO A 8 -13.12 -2.22 12.14
N ASP A 9 -14.09 -2.33 11.24
CA ASP A 9 -14.42 -3.60 10.63
C ASP A 9 -13.65 -3.80 9.32
N GLY A 10 -12.88 -2.79 8.93
CA GLY A 10 -12.11 -2.87 7.71
C GLY A 10 -10.62 -2.99 7.97
N PRO A 11 -9.82 -2.93 6.90
CA PRO A 11 -8.35 -3.03 6.99
C PRO A 11 -7.73 -1.80 7.64
N THR A 12 -6.77 -2.03 8.53
CA THR A 12 -6.09 -0.93 9.21
C THR A 12 -4.60 -1.19 9.31
N GLN A 13 -3.84 -0.16 9.66
CA GLN A 13 -2.39 -0.27 9.79
C GLN A 13 -1.75 -0.63 8.45
N LEU A 14 -2.25 -0.01 7.38
CA LEU A 14 -1.72 -0.27 6.05
C LEU A 14 -0.31 0.28 5.90
N ARG A 15 0.54 -0.47 5.21
CA ARG A 15 1.93 -0.06 4.99
C ARG A 15 2.39 -0.42 3.59
N ALA A 16 3.48 0.22 3.15
CA ALA A 16 4.02 -0.04 1.81
C ALA A 16 5.22 -0.98 1.89
N LEU A 17 5.01 -2.24 1.50
CA LEU A 17 6.07 -3.23 1.53
C LEU A 17 7.03 -3.04 0.35
N ASN A 18 8.13 -3.76 0.36
CA ASN A 18 9.13 -3.67 -0.70
C ASN A 18 8.60 -4.30 -1.98
N LEU A 19 8.63 -3.54 -3.08
CA LEU A 19 8.16 -4.02 -4.37
C LEU A 19 9.00 -5.21 -4.84
N THR A 20 8.41 -6.03 -5.71
CA THR A 20 9.09 -7.20 -6.24
C THR A 20 9.91 -6.84 -7.47
N GLU A 21 10.40 -5.61 -7.52
CA GLU A 21 11.19 -5.13 -8.64
C GLU A 21 10.40 -5.23 -9.94
N GLY A 22 9.09 -4.99 -9.85
CA GLY A 22 8.24 -5.05 -11.03
C GLY A 22 6.84 -4.54 -10.75
N PHE A 23 6.21 -5.09 -9.71
CA PHE A 23 4.86 -4.69 -9.35
C PHE A 23 4.72 -4.54 -7.83
N ALA A 24 3.97 -3.54 -7.41
CA ALA A 24 3.76 -3.30 -5.98
C ALA A 24 2.44 -3.90 -5.51
N VAL A 25 2.40 -4.31 -4.24
CA VAL A 25 1.21 -4.90 -3.67
C VAL A 25 0.80 -4.18 -2.39
N LEU A 26 -0.44 -4.41 -1.96
CA LEU A 26 -0.97 -3.79 -0.75
C LEU A 26 -1.03 -4.79 0.39
N HIS A 27 -0.67 -4.34 1.59
CA HIS A 27 -0.69 -5.21 2.77
C HIS A 27 -1.53 -4.58 3.88
N TRP A 28 -2.59 -5.29 4.27
CA TRP A 28 -3.48 -4.80 5.32
C TRP A 28 -3.70 -5.87 6.38
N LYS A 29 -3.96 -5.44 7.61
CA LYS A 29 -4.21 -6.37 8.71
C LYS A 29 -5.70 -6.64 8.88
N PRO A 30 -6.06 -7.94 8.92
CA PRO A 30 -7.45 -8.36 9.08
C PRO A 30 -7.99 -8.07 10.46
N PRO A 31 -9.14 -7.37 10.52
CA PRO A 31 -9.78 -7.00 11.78
C PRO A 31 -10.39 -8.22 12.49
N GLN A 32 -10.88 -7.99 13.71
CA GLN A 32 -11.47 -9.06 14.49
C GLN A 32 -12.44 -9.89 13.65
N ASN A 33 -13.33 -9.19 12.94
CA ASN A 33 -14.31 -9.86 12.10
C ASN A 33 -13.91 -9.75 10.62
N PRO A 34 -13.79 -10.91 9.96
CA PRO A 34 -13.41 -10.98 8.54
C PRO A 34 -14.53 -10.47 7.62
N VAL A 35 -14.16 -9.61 6.68
CA VAL A 35 -15.12 -9.05 5.75
C VAL A 35 -15.41 -10.02 4.61
N ASP A 36 -16.25 -9.60 3.66
CA ASP A 36 -16.60 -10.43 2.53
C ASP A 36 -15.75 -10.10 1.31
N THR A 37 -15.75 -8.83 0.92
CA THR A 37 -14.97 -8.37 -0.23
C THR A 37 -14.37 -6.99 0.02
N TYR A 38 -13.11 -6.84 -0.32
CA TYR A 38 -12.42 -5.56 -0.14
C TYR A 38 -12.52 -4.69 -1.38
N ASP A 39 -12.85 -3.42 -1.18
CA ASP A 39 -12.98 -2.48 -2.29
C ASP A 39 -11.72 -1.65 -2.45
N ILE A 40 -10.89 -2.02 -3.43
CA ILE A 40 -9.65 -1.31 -3.69
C ILE A 40 -9.79 -0.38 -4.89
N GLN A 41 -9.23 0.83 -4.77
CA GLN A 41 -9.30 1.81 -5.85
C GLN A 41 -7.95 2.51 -6.02
N VAL A 42 -7.31 2.27 -7.16
CA VAL A 42 -6.01 2.88 -7.45
C VAL A 42 -6.17 4.08 -8.38
N THR A 43 -5.58 5.21 -7.99
CA THR A 43 -5.66 6.42 -8.79
C THR A 43 -4.34 7.19 -8.75
N ALA A 44 -4.12 8.02 -9.77
CA ALA A 44 -2.90 8.82 -9.85
C ALA A 44 -3.11 10.06 -10.69
N PRO A 45 -2.19 11.04 -10.55
CA PRO A 45 -2.26 12.30 -11.30
C PRO A 45 -1.98 12.10 -12.79
N GLY A 46 -3.01 11.71 -13.53
CA GLY A 46 -2.86 11.51 -14.96
C GLY A 46 -3.11 10.06 -15.36
N ALA A 47 -2.73 9.13 -14.50
CA ALA A 47 -2.91 7.71 -14.77
C ALA A 47 -4.39 7.33 -14.72
N PRO A 48 -4.76 6.30 -15.49
CA PRO A 48 -6.15 5.81 -15.56
C PRO A 48 -6.59 5.14 -14.26
N PRO A 49 -7.89 5.26 -13.95
CA PRO A 49 -8.47 4.68 -12.74
C PRO A 49 -8.52 3.15 -12.80
N LEU A 50 -8.33 2.51 -11.65
CA LEU A 50 -8.35 1.06 -11.58
C LEU A 50 -9.29 0.59 -10.47
N GLN A 51 -10.17 -0.35 -10.81
CA GLN A 51 -11.13 -0.89 -9.85
C GLN A 51 -11.00 -2.40 -9.74
N ALA A 52 -10.61 -2.87 -8.56
CA ALA A 52 -10.46 -4.30 -8.32
C ALA A 52 -11.03 -4.70 -6.97
N GLU A 53 -11.40 -5.96 -6.84
CA GLU A 53 -11.96 -6.47 -5.59
C GLU A 53 -11.28 -7.77 -5.18
N THR A 54 -11.44 -8.14 -3.91
CA THR A 54 -10.84 -9.36 -3.38
C THR A 54 -11.66 -9.92 -2.23
N PRO A 55 -11.69 -11.26 -2.12
CA PRO A 55 -12.43 -11.95 -1.06
C PRO A 55 -11.80 -11.76 0.30
N GLY A 56 -12.63 -11.75 1.34
CA GLY A 56 -12.13 -11.56 2.70
C GLY A 56 -11.06 -12.57 3.05
N SER A 57 -10.96 -13.63 2.26
CA SER A 57 -9.97 -14.68 2.52
C SER A 57 -8.62 -14.28 1.93
N ALA A 58 -8.43 -12.98 1.68
CA ALA A 58 -7.19 -12.48 1.13
C ALA A 58 -6.66 -11.31 1.94
N VAL A 59 -5.37 -11.36 2.29
CA VAL A 59 -4.74 -10.30 3.07
C VAL A 59 -3.67 -9.58 2.26
N ASP A 60 -3.84 -9.58 0.94
CA ASP A 60 -2.88 -8.92 0.05
C ASP A 60 -3.42 -8.87 -1.37
N TYR A 61 -3.31 -7.70 -2.00
CA TYR A 61 -3.78 -7.51 -3.37
C TYR A 61 -2.73 -6.82 -4.23
N PRO A 62 -1.97 -7.62 -4.98
CA PRO A 62 -0.91 -7.11 -5.85
C PRO A 62 -1.47 -6.34 -7.06
N LEU A 63 -1.02 -5.11 -7.22
CA LEU A 63 -1.48 -4.27 -8.32
C LEU A 63 -0.37 -4.09 -9.36
N HIS A 64 -0.65 -4.52 -10.59
CA HIS A 64 0.32 -4.40 -11.67
C HIS A 64 -0.07 -3.28 -12.63
N ASP A 65 0.73 -3.08 -13.67
CA ASP A 65 0.47 -2.05 -14.66
C ASP A 65 0.54 -0.66 -14.02
N LEU A 66 1.61 -0.40 -13.29
CA LEU A 66 1.80 0.88 -12.63
C LEU A 66 3.00 1.63 -13.20
N VAL A 67 2.74 2.82 -13.72
CA VAL A 67 3.80 3.65 -14.31
C VAL A 67 4.93 3.87 -13.31
N LEU A 68 6.17 3.69 -13.77
CA LEU A 68 7.33 3.89 -12.92
C LEU A 68 7.64 5.37 -12.74
N HIS A 69 8.31 5.69 -11.64
CA HIS A 69 8.68 7.08 -11.35
C HIS A 69 7.43 7.95 -11.22
N THR A 70 6.47 7.49 -10.42
CA THR A 70 5.23 8.22 -10.20
C THR A 70 4.52 7.75 -8.95
N ASN A 71 3.97 8.69 -8.19
CA ASN A 71 3.26 8.37 -6.97
C ASN A 71 1.87 7.81 -7.27
N TYR A 72 1.52 6.72 -6.60
CA TYR A 72 0.22 6.08 -6.80
C TYR A 72 -0.54 5.97 -5.48
N THR A 73 -1.82 6.33 -5.52
CA THR A 73 -2.66 6.26 -4.33
C THR A 73 -3.64 5.10 -4.40
N ALA A 74 -3.55 4.19 -3.43
CA ALA A 74 -4.42 3.03 -3.38
C ALA A 74 -5.32 3.08 -2.15
N THR A 75 -6.64 3.15 -2.39
CA THR A 75 -7.60 3.20 -1.30
C THR A 75 -8.35 1.88 -1.18
N VAL A 76 -8.18 1.21 -0.03
CA VAL A 76 -8.84 -0.07 0.22
C VAL A 76 -10.00 0.10 1.19
N ARG A 77 -11.05 -0.67 0.99
CA ARG A 77 -12.23 -0.62 1.86
C ARG A 77 -12.75 -2.02 2.16
N GLY A 78 -13.72 -2.10 3.05
CA GLY A 78 -14.30 -3.38 3.41
C GLY A 78 -15.80 -3.43 3.24
N LEU A 79 -16.29 -4.44 2.54
CA LEU A 79 -17.71 -4.59 2.30
C LEU A 79 -18.35 -5.51 3.33
N ARG A 80 -19.00 -4.92 4.33
CA ARG A 80 -19.65 -5.68 5.39
C ARG A 80 -21.15 -5.39 5.42
N GLY A 81 -21.93 -6.25 4.76
CA GLY A 81 -23.36 -6.07 4.72
C GLY A 81 -23.77 -4.80 4.00
N PRO A 82 -24.94 -4.25 4.38
CA PRO A 82 -25.47 -3.02 3.77
C PRO A 82 -24.65 -1.79 4.15
N ASN A 83 -23.56 -2.00 4.88
CA ASN A 83 -22.69 -0.92 5.30
C ASN A 83 -21.27 -1.12 4.79
N LEU A 84 -20.40 -0.16 5.09
CA LEU A 84 -19.01 -0.24 4.66
C LEU A 84 -18.06 -0.05 5.84
N THR A 85 -16.81 -0.44 5.66
CA THR A 85 -15.80 -0.31 6.71
C THR A 85 -14.95 0.94 6.50
N SER A 86 -14.06 1.20 7.46
CA SER A 86 -13.18 2.36 7.38
C SER A 86 -12.17 2.20 6.26
N PRO A 87 -12.11 3.21 5.37
CA PRO A 87 -11.18 3.20 4.23
C PRO A 87 -9.73 3.38 4.67
N ALA A 88 -8.83 2.69 3.98
CA ALA A 88 -7.41 2.78 4.30
C ALA A 88 -6.58 2.94 3.03
N SER A 89 -5.88 4.06 2.91
CA SER A 89 -5.05 4.33 1.76
C SER A 89 -3.62 4.67 2.17
N ILE A 90 -2.67 4.38 1.28
CA ILE A 90 -1.26 4.66 1.56
C ILE A 90 -0.53 5.14 0.31
N THR A 91 0.58 5.83 0.51
CA THR A 91 1.37 6.34 -0.61
C THR A 91 2.63 5.51 -0.81
N PHE A 92 2.81 5.02 -2.04
CA PHE A 92 3.98 4.21 -2.37
C PHE A 92 4.48 4.52 -3.78
N THR A 93 5.77 4.80 -3.90
CA THR A 93 6.37 5.11 -5.19
C THR A 93 6.90 3.85 -5.86
N THR A 94 6.59 3.71 -7.16
CA THR A 94 7.04 2.54 -7.92
C THR A 94 8.47 2.72 -8.39
N GLY A 95 9.16 1.60 -8.61
CA GLY A 95 10.55 1.66 -9.06
C GLY A 95 11.54 1.36 -7.96
N LEU A 96 12.17 2.40 -7.42
CA LEU A 96 13.14 2.24 -6.35
C LEU A 96 14.18 1.19 -6.71
N GLU A 97 14.79 1.34 -7.89
CA GLU A 97 15.81 0.41 -8.35
C GLU A 97 17.19 1.05 -8.33
N ALA A 98 18.20 0.26 -7.95
CA ALA A 98 19.56 0.75 -7.89
C ALA A 98 20.56 -0.39 -8.02
N PRO A 99 21.65 -0.16 -8.76
CA PRO A 99 22.70 -1.15 -8.97
C PRO A 99 23.51 -1.43 -7.72
N ARG A 100 23.63 -0.42 -6.86
CA ARG A 100 24.38 -0.55 -5.62
C ARG A 100 23.43 -0.64 -4.41
N ASP A 101 22.85 0.50 -4.05
CA ASP A 101 21.93 0.54 -2.93
C ASP A 101 21.19 1.89 -2.88
N LEU A 102 19.89 1.83 -2.63
CA LEU A 102 19.08 3.05 -2.57
C LEU A 102 18.70 3.37 -1.13
N GLU A 103 18.09 2.39 -0.45
CA GLU A 103 17.68 2.58 0.94
C GLU A 103 18.47 1.66 1.86
N ALA A 104 18.65 0.41 1.43
CA ALA A 104 19.39 -0.57 2.23
C ALA A 104 20.89 -0.33 2.13
N LYS A 105 21.46 0.22 3.21
CA LYS A 105 22.89 0.50 3.24
C LYS A 105 23.67 -0.71 3.77
N GLU A 106 24.41 -1.36 2.88
CA GLU A 106 25.20 -2.53 3.26
C GLU A 106 26.12 -2.21 4.43
N VAL A 107 26.05 -3.04 5.47
CA VAL A 107 26.87 -2.85 6.65
C VAL A 107 27.69 -4.10 6.97
N THR A 108 28.91 -3.89 7.47
CA THR A 108 29.78 -5.01 7.81
C THR A 108 29.97 -5.13 9.31
N PRO A 109 28.99 -5.75 9.99
CA PRO A 109 29.02 -5.95 11.44
C PRO A 109 30.09 -6.94 11.87
N SER A 110 30.55 -6.80 13.10
CA SER A 110 31.58 -7.69 13.64
C SER A 110 31.01 -8.58 14.75
N GLY A 111 31.74 -9.65 15.07
CA GLY A 111 31.29 -10.55 16.11
C GLY A 111 32.37 -10.85 17.13
N PRO A 112 32.06 -10.59 18.41
CA PRO A 112 33.00 -10.81 19.52
C PRO A 112 33.24 -12.29 19.77
N SER A 113 34.37 -12.60 20.43
CA SER A 113 34.72 -13.98 20.73
C SER A 113 35.63 -14.05 21.96
N SER A 114 35.34 -14.98 22.86
CA SER A 114 36.13 -15.15 24.06
C SER A 114 37.61 -14.93 23.78
N GLY A 115 38.16 -15.77 22.91
CA GLY A 115 39.58 -15.65 22.57
C GLY A 115 39.86 -14.43 21.71
N GLY A 1 0.81 9.82 16.39
CA GLY A 1 -0.43 9.12 16.09
C GLY A 1 -1.12 8.59 17.34
N SER A 2 -2.28 9.16 17.65
CA SER A 2 -3.03 8.74 18.83
C SER A 2 -3.90 7.52 18.51
N SER A 3 -3.34 6.58 17.78
CA SER A 3 -4.06 5.37 17.41
C SER A 3 -4.11 4.38 18.58
N GLY A 4 -5.15 3.56 18.60
CA GLY A 4 -5.30 2.58 19.67
C GLY A 4 -5.23 1.16 19.16
N SER A 5 -5.66 0.21 19.99
CA SER A 5 -5.64 -1.19 19.62
C SER A 5 -6.26 -1.41 18.25
N SER A 6 -7.53 -0.99 18.11
CA SER A 6 -8.24 -1.13 16.85
C SER A 6 -9.33 -0.08 16.72
N GLY A 7 -9.66 0.27 15.48
CA GLY A 7 -10.69 1.27 15.24
C GLY A 7 -11.88 0.71 14.48
N PRO A 8 -11.83 0.83 13.14
CA PRO A 8 -12.89 0.34 12.27
C PRO A 8 -12.95 -1.19 12.22
N ASP A 9 -13.76 -1.71 11.30
CA ASP A 9 -13.90 -3.16 11.16
C ASP A 9 -13.28 -3.63 9.85
N GLY A 10 -12.53 -2.75 9.20
CA GLY A 10 -11.89 -3.10 7.94
C GLY A 10 -10.39 -3.17 8.06
N PRO A 11 -9.70 -3.02 6.92
CA PRO A 11 -8.23 -3.06 6.87
C PRO A 11 -7.60 -1.84 7.53
N THR A 12 -6.76 -2.09 8.54
CA THR A 12 -6.09 -1.02 9.25
C THR A 12 -4.59 -1.26 9.35
N GLN A 13 -3.84 -0.23 9.71
CA GLN A 13 -2.39 -0.34 9.83
C GLN A 13 -1.75 -0.64 8.47
N LEU A 14 -2.33 -0.09 7.42
CA LEU A 14 -1.83 -0.29 6.07
C LEU A 14 -0.37 0.16 5.96
N ARG A 15 0.50 -0.74 5.50
CA ARG A 15 1.91 -0.42 5.35
C ARG A 15 2.39 -0.77 3.94
N ALA A 16 3.62 -0.38 3.63
CA ALA A 16 4.21 -0.64 2.32
C ALA A 16 5.53 -1.38 2.44
N LEU A 17 5.51 -2.68 2.14
CA LEU A 17 6.71 -3.50 2.22
C LEU A 17 7.50 -3.45 0.91
N ASN A 18 8.79 -3.70 1.00
CA ASN A 18 9.66 -3.69 -0.18
C ASN A 18 9.40 -4.90 -1.07
N LEU A 19 8.40 -4.80 -1.93
CA LEU A 19 8.05 -5.89 -2.84
C LEU A 19 8.92 -5.85 -4.09
N THR A 20 8.86 -6.93 -4.87
CA THR A 20 9.64 -7.02 -6.10
C THR A 20 9.76 -5.67 -6.77
N GLU A 21 10.97 -5.34 -7.22
CA GLU A 21 11.22 -4.07 -7.90
C GLU A 21 10.40 -3.95 -9.17
N GLY A 22 9.15 -3.51 -9.03
CA GLY A 22 8.28 -3.37 -10.19
C GLY A 22 6.84 -3.69 -9.87
N PHE A 23 6.62 -4.80 -9.16
CA PHE A 23 5.27 -5.21 -8.79
C PHE A 23 4.89 -4.67 -7.42
N ALA A 24 3.98 -3.69 -7.41
CA ALA A 24 3.53 -3.07 -6.18
C ALA A 24 2.28 -3.77 -5.65
N VAL A 25 2.25 -4.00 -4.34
CA VAL A 25 1.11 -4.67 -3.71
C VAL A 25 0.70 -3.95 -2.42
N LEU A 26 -0.53 -4.17 -1.99
CA LEU A 26 -1.05 -3.54 -0.78
C LEU A 26 -1.05 -4.53 0.38
N HIS A 27 -0.75 -4.02 1.57
CA HIS A 27 -0.71 -4.86 2.77
C HIS A 27 -1.60 -4.27 3.86
N TRP A 28 -2.61 -5.04 4.28
CA TRP A 28 -3.53 -4.59 5.32
C TRP A 28 -3.67 -5.65 6.40
N LYS A 29 -4.01 -5.21 7.61
CA LYS A 29 -4.17 -6.12 8.74
C LYS A 29 -5.63 -6.55 8.87
N PRO A 30 -5.85 -7.88 8.83
CA PRO A 30 -7.20 -8.45 8.95
C PRO A 30 -7.77 -8.30 10.36
N PRO A 31 -8.84 -7.51 10.48
CA PRO A 31 -9.50 -7.27 11.76
C PRO A 31 -10.24 -8.50 12.28
N GLN A 32 -10.34 -8.61 13.60
CA GLN A 32 -11.01 -9.75 14.21
C GLN A 32 -12.20 -10.21 13.36
N ASN A 33 -12.90 -9.25 12.79
CA ASN A 33 -14.06 -9.56 11.95
C ASN A 33 -13.68 -9.56 10.47
N PRO A 34 -13.60 -10.76 9.89
CA PRO A 34 -13.25 -10.94 8.48
C PRO A 34 -14.34 -10.44 7.54
N VAL A 35 -14.06 -9.35 6.83
CA VAL A 35 -15.02 -8.77 5.90
C VAL A 35 -15.36 -9.75 4.80
N ASP A 36 -16.17 -9.30 3.83
CA ASP A 36 -16.57 -10.14 2.72
C ASP A 36 -15.70 -9.88 1.50
N THR A 37 -15.65 -8.62 1.08
CA THR A 37 -14.85 -8.24 -0.09
C THR A 37 -14.18 -6.89 0.12
N TYR A 38 -12.93 -6.78 -0.33
CA TYR A 38 -12.17 -5.53 -0.19
C TYR A 38 -12.25 -4.69 -1.46
N ASP A 39 -12.65 -3.44 -1.31
CA ASP A 39 -12.78 -2.54 -2.45
C ASP A 39 -11.51 -1.70 -2.60
N ILE A 40 -10.66 -2.10 -3.54
CA ILE A 40 -9.41 -1.39 -3.80
C ILE A 40 -9.53 -0.47 -5.03
N GLN A 41 -9.04 0.75 -4.89
CA GLN A 41 -9.10 1.71 -5.99
C GLN A 41 -7.75 2.39 -6.19
N VAL A 42 -7.10 2.09 -7.30
CA VAL A 42 -5.79 2.66 -7.61
C VAL A 42 -5.93 3.87 -8.55
N THR A 43 -5.29 4.97 -8.18
CA THR A 43 -5.34 6.19 -8.99
C THR A 43 -4.02 6.95 -8.92
N ALA A 44 -3.81 7.83 -9.88
CA ALA A 44 -2.58 8.62 -9.93
C ALA A 44 -2.73 9.80 -10.89
N PRO A 45 -1.90 10.84 -10.69
CA PRO A 45 -1.92 12.04 -11.53
C PRO A 45 -1.41 11.78 -12.93
N GLY A 46 -2.32 11.62 -13.88
CA GLY A 46 -1.94 11.35 -15.25
C GLY A 46 -2.03 9.88 -15.61
N ALA A 47 -2.91 9.17 -14.93
CA ALA A 47 -3.10 7.74 -15.19
C ALA A 47 -4.56 7.35 -15.09
N PRO A 48 -4.94 6.29 -15.82
CA PRO A 48 -6.32 5.79 -15.83
C PRO A 48 -6.71 5.14 -14.51
N PRO A 49 -7.99 5.28 -14.13
CA PRO A 49 -8.52 4.71 -12.89
C PRO A 49 -8.60 3.18 -12.94
N LEU A 50 -8.24 2.54 -11.83
CA LEU A 50 -8.28 1.08 -11.75
C LEU A 50 -9.19 0.62 -10.62
N GLN A 51 -10.11 -0.29 -10.93
CA GLN A 51 -11.04 -0.81 -9.93
C GLN A 51 -10.98 -2.33 -9.88
N ALA A 52 -10.88 -2.87 -8.67
CA ALA A 52 -10.82 -4.31 -8.48
C ALA A 52 -11.46 -4.72 -7.16
N GLU A 53 -11.55 -6.03 -6.93
CA GLU A 53 -12.14 -6.55 -5.71
C GLU A 53 -11.53 -7.90 -5.34
N THR A 54 -11.66 -8.29 -4.07
CA THR A 54 -11.12 -9.55 -3.60
C THR A 54 -11.84 -10.01 -2.33
N PRO A 55 -12.03 -11.33 -2.20
CA PRO A 55 -12.69 -11.93 -1.05
C PRO A 55 -11.86 -11.82 0.23
N GLY A 56 -12.53 -11.61 1.36
CA GLY A 56 -11.82 -11.50 2.63
C GLY A 56 -10.67 -12.49 2.74
N SER A 57 -10.93 -13.73 2.37
CA SER A 57 -9.91 -14.77 2.44
C SER A 57 -8.53 -14.20 2.12
N ALA A 58 -8.47 -13.31 1.14
CA ALA A 58 -7.21 -12.70 0.73
C ALA A 58 -6.84 -11.56 1.68
N VAL A 59 -5.54 -11.39 1.90
CA VAL A 59 -5.05 -10.33 2.78
C VAL A 59 -4.06 -9.42 2.06
N ASP A 60 -4.12 -9.44 0.73
CA ASP A 60 -3.23 -8.62 -0.08
C ASP A 60 -3.67 -8.61 -1.55
N TYR A 61 -3.52 -7.47 -2.19
CA TYR A 61 -3.90 -7.34 -3.60
C TYR A 61 -2.80 -6.67 -4.40
N PRO A 62 -1.97 -7.50 -5.07
CA PRO A 62 -0.87 -7.00 -5.89
C PRO A 62 -1.35 -6.31 -7.16
N LEU A 63 -1.18 -4.98 -7.20
CA LEU A 63 -1.60 -4.20 -8.35
C LEU A 63 -0.49 -4.15 -9.41
N HIS A 64 -0.87 -4.41 -10.65
CA HIS A 64 0.09 -4.39 -11.76
C HIS A 64 -0.30 -3.36 -12.81
N ASP A 65 0.57 -3.15 -13.78
CA ASP A 65 0.31 -2.19 -14.85
C ASP A 65 0.32 -0.76 -14.31
N LEU A 66 1.31 -0.46 -13.48
CA LEU A 66 1.44 0.87 -12.89
C LEU A 66 2.62 1.62 -13.49
N VAL A 67 2.47 2.94 -13.63
CA VAL A 67 3.53 3.77 -14.19
C VAL A 67 4.69 3.91 -13.21
N LEU A 68 5.90 3.63 -13.68
CA LEU A 68 7.09 3.73 -12.85
C LEU A 68 7.33 5.18 -12.43
N HIS A 69 8.27 5.37 -11.50
CA HIS A 69 8.61 6.70 -11.01
C HIS A 69 7.37 7.59 -10.96
N THR A 70 6.30 7.08 -10.34
CA THR A 70 5.06 7.82 -10.23
C THR A 70 4.35 7.51 -8.92
N ASN A 71 3.89 8.55 -8.23
CA ASN A 71 3.19 8.38 -6.96
C ASN A 71 1.77 7.87 -7.18
N TYR A 72 1.50 6.66 -6.71
CA TYR A 72 0.19 6.05 -6.86
C TYR A 72 -0.51 5.94 -5.51
N THR A 73 -1.72 6.48 -5.43
CA THR A 73 -2.50 6.44 -4.20
C THR A 73 -3.58 5.36 -4.27
N ALA A 74 -3.55 4.44 -3.32
CA ALA A 74 -4.53 3.35 -3.26
C ALA A 74 -5.48 3.54 -2.08
N THR A 75 -6.69 3.01 -2.23
CA THR A 75 -7.70 3.11 -1.19
C THR A 75 -8.40 1.77 -0.96
N VAL A 76 -8.08 1.12 0.15
CA VAL A 76 -8.67 -0.16 0.48
C VAL A 76 -9.88 0.01 1.39
N ARG A 77 -10.87 -0.87 1.23
CA ARG A 77 -12.08 -0.80 2.03
C ARG A 77 -12.58 -2.21 2.38
N GLY A 78 -13.53 -2.28 3.30
CA GLY A 78 -14.07 -3.57 3.70
C GLY A 78 -15.58 -3.62 3.59
N LEU A 79 -16.07 -4.40 2.63
CA LEU A 79 -17.52 -4.55 2.42
C LEU A 79 -18.12 -5.57 3.38
N ARG A 80 -18.65 -5.08 4.49
CA ARG A 80 -19.25 -5.95 5.50
C ARG A 80 -20.78 -5.82 5.48
N GLY A 81 -21.43 -6.70 4.73
CA GLY A 81 -22.88 -6.66 4.64
C GLY A 81 -23.39 -5.40 4.00
N PRO A 82 -24.59 -4.96 4.42
CA PRO A 82 -25.22 -3.74 3.89
C PRO A 82 -24.49 -2.48 4.34
N ASN A 83 -23.37 -2.66 5.02
CA ASN A 83 -22.58 -1.52 5.51
C ASN A 83 -21.14 -1.62 5.03
N LEU A 84 -20.41 -0.52 5.14
CA LEU A 84 -19.01 -0.48 4.72
C LEU A 84 -18.12 -0.02 5.86
N THR A 85 -16.84 -0.40 5.80
CA THR A 85 -15.87 -0.02 6.82
C THR A 85 -15.08 1.22 6.41
N SER A 86 -14.31 1.75 7.34
CA SER A 86 -13.50 2.94 7.07
C SER A 86 -12.41 2.63 6.05
N PRO A 87 -12.31 3.48 5.02
CA PRO A 87 -11.31 3.33 3.96
C PRO A 87 -9.89 3.60 4.44
N ALA A 88 -8.93 2.89 3.87
CA ALA A 88 -7.53 3.04 4.24
C ALA A 88 -6.64 3.21 3.02
N SER A 89 -6.02 4.38 2.89
CA SER A 89 -5.15 4.67 1.75
C SER A 89 -3.71 4.91 2.22
N ILE A 90 -2.76 4.65 1.33
CA ILE A 90 -1.35 4.84 1.65
C ILE A 90 -0.56 5.26 0.42
N THR A 91 0.61 5.86 0.63
CA THR A 91 1.45 6.31 -0.45
C THR A 91 2.66 5.41 -0.63
N PHE A 92 2.92 4.99 -1.87
CA PHE A 92 4.04 4.11 -2.17
C PHE A 92 4.48 4.27 -3.62
N THR A 93 5.78 4.43 -3.83
CA THR A 93 6.33 4.58 -5.17
C THR A 93 6.46 3.23 -5.87
N THR A 94 6.25 3.23 -7.19
CA THR A 94 6.34 2.01 -7.98
C THR A 94 7.72 1.86 -8.59
N GLY A 95 8.72 2.52 -8.00
CA GLY A 95 10.07 2.44 -8.50
C GLY A 95 11.10 2.47 -7.39
N LEU A 96 11.17 3.58 -6.67
CA LEU A 96 12.12 3.72 -5.58
C LEU A 96 13.44 3.03 -5.90
N GLU A 97 13.94 3.27 -7.11
CA GLU A 97 15.20 2.68 -7.55
C GLU A 97 16.15 3.73 -8.09
N ALA A 98 16.68 4.56 -7.19
CA ALA A 98 17.60 5.62 -7.57
C ALA A 98 18.22 6.28 -6.34
N PRO A 99 19.50 6.68 -6.46
CA PRO A 99 20.23 7.33 -5.37
C PRO A 99 19.70 8.73 -5.07
N ARG A 100 18.79 9.21 -5.92
CA ARG A 100 18.22 10.53 -5.74
C ARG A 100 17.85 10.79 -4.28
N ASP A 101 17.28 9.77 -3.63
CA ASP A 101 16.89 9.88 -2.24
C ASP A 101 17.52 8.77 -1.41
N LEU A 102 17.11 7.53 -1.66
CA LEU A 102 17.64 6.39 -0.93
C LEU A 102 19.16 6.30 -1.08
N GLU A 103 19.87 6.60 0.01
CA GLU A 103 21.33 6.55 0.00
C GLU A 103 21.83 5.27 0.65
N ALA A 104 22.96 4.76 0.15
CA ALA A 104 23.55 3.55 0.68
C ALA A 104 23.80 3.67 2.18
N LYS A 105 24.00 2.52 2.83
CA LYS A 105 24.26 2.50 4.26
C LYS A 105 25.75 2.65 4.55
N GLU A 106 26.08 3.47 5.55
CA GLU A 106 27.47 3.70 5.91
C GLU A 106 28.18 2.37 6.21
N VAL A 107 29.48 2.35 6.01
CA VAL A 107 30.28 1.16 6.25
C VAL A 107 30.95 1.21 7.62
N THR A 108 30.84 0.11 8.36
CA THR A 108 31.43 0.02 9.70
C THR A 108 32.85 0.60 9.69
N PRO A 109 33.17 1.36 10.76
CA PRO A 109 34.49 1.97 10.91
C PRO A 109 35.59 0.95 11.18
N SER A 110 36.48 0.76 10.21
CA SER A 110 37.57 -0.19 10.35
C SER A 110 38.56 0.26 11.41
N GLY A 111 39.08 -0.70 12.18
CA GLY A 111 40.03 -0.37 13.23
C GLY A 111 41.41 -0.89 12.93
N PRO A 112 42.01 -0.38 11.84
CA PRO A 112 43.36 -0.79 11.42
C PRO A 112 44.44 -0.28 12.37
N SER A 113 45.34 -1.18 12.76
CA SER A 113 46.43 -0.82 13.67
C SER A 113 47.66 -0.37 12.89
N SER A 114 48.58 0.28 13.60
CA SER A 114 49.81 0.78 12.97
C SER A 114 50.86 1.11 14.03
N GLY A 115 52.04 1.51 13.58
CA GLY A 115 53.11 1.85 14.49
C GLY A 115 53.79 0.62 15.07
N GLY A 1 -6.89 9.57 25.86
CA GLY A 1 -6.53 9.71 24.46
C GLY A 1 -6.46 8.38 23.74
N SER A 2 -7.56 7.65 23.73
CA SER A 2 -7.63 6.35 23.07
C SER A 2 -9.04 5.79 23.08
N SER A 3 -9.39 5.03 22.06
CA SER A 3 -10.72 4.44 21.96
C SER A 3 -10.64 2.92 21.96
N GLY A 4 -9.74 2.38 21.14
CA GLY A 4 -9.58 0.93 21.07
C GLY A 4 -9.84 0.39 19.68
N SER A 5 -10.43 -0.79 19.61
CA SER A 5 -10.73 -1.42 18.32
C SER A 5 -12.23 -1.67 18.17
N SER A 6 -13.02 -0.67 18.55
CA SER A 6 -14.47 -0.78 18.47
C SER A 6 -15.03 0.23 17.47
N GLY A 7 -15.48 -0.28 16.32
CA GLY A 7 -16.03 0.59 15.30
C GLY A 7 -15.70 0.11 13.90
N PRO A 8 -14.50 0.47 13.42
CA PRO A 8 -14.03 0.09 12.08
C PRO A 8 -13.74 -1.41 11.98
N ASP A 9 -14.46 -2.08 11.10
CA ASP A 9 -14.27 -3.52 10.90
C ASP A 9 -13.58 -3.80 9.57
N GLY A 10 -12.89 -2.79 9.05
CA GLY A 10 -12.19 -2.94 7.79
C GLY A 10 -10.68 -3.03 7.97
N PRO A 11 -9.95 -2.96 6.86
CA PRO A 11 -8.47 -3.03 6.87
C PRO A 11 -7.85 -1.78 7.48
N THR A 12 -6.90 -1.99 8.40
CA THR A 12 -6.23 -0.88 9.06
C THR A 12 -4.73 -1.13 9.16
N GLN A 13 -3.99 -0.14 9.66
CA GLN A 13 -2.55 -0.26 9.80
C GLN A 13 -1.89 -0.63 8.48
N LEU A 14 -2.41 -0.08 7.39
CA LEU A 14 -1.88 -0.35 6.06
C LEU A 14 -0.41 0.05 5.96
N ARG A 15 0.45 -0.90 5.64
CA ARG A 15 1.87 -0.64 5.51
C ARG A 15 2.37 -0.93 4.10
N ALA A 16 3.50 -0.34 3.73
CA ALA A 16 4.07 -0.54 2.41
C ALA A 16 5.09 -1.67 2.42
N LEU A 17 4.73 -2.81 1.86
CA LEU A 17 5.61 -3.96 1.81
C LEU A 17 6.75 -3.73 0.82
N ASN A 18 7.72 -4.63 0.81
CA ASN A 18 8.86 -4.53 -0.10
C ASN A 18 8.44 -4.83 -1.54
N LEU A 19 8.37 -3.77 -2.35
CA LEU A 19 7.98 -3.92 -3.75
C LEU A 19 8.98 -4.78 -4.50
N THR A 20 8.51 -5.92 -5.00
CA THR A 20 9.36 -6.83 -5.75
C THR A 20 10.03 -6.13 -6.93
N GLU A 21 11.00 -6.80 -7.54
CA GLU A 21 11.71 -6.25 -8.68
C GLU A 21 10.78 -5.43 -9.56
N GLY A 22 9.50 -5.81 -9.57
CA GLY A 22 8.52 -5.09 -10.38
C GLY A 22 7.10 -5.52 -10.06
N PHE A 23 6.82 -5.73 -8.78
CA PHE A 23 5.49 -6.13 -8.34
C PHE A 23 5.07 -5.38 -7.08
N ALA A 24 4.13 -4.44 -7.24
CA ALA A 24 3.64 -3.65 -6.12
C ALA A 24 2.33 -4.21 -5.58
N VAL A 25 2.28 -4.47 -4.28
CA VAL A 25 1.08 -4.99 -3.65
C VAL A 25 0.76 -4.25 -2.36
N LEU A 26 -0.49 -4.33 -1.92
CA LEU A 26 -0.92 -3.67 -0.70
C LEU A 26 -0.97 -4.65 0.47
N HIS A 27 -0.75 -4.14 1.68
CA HIS A 27 -0.77 -4.96 2.88
C HIS A 27 -1.66 -4.34 3.94
N TRP A 28 -2.69 -5.07 4.35
CA TRP A 28 -3.62 -4.59 5.37
C TRP A 28 -3.79 -5.63 6.48
N LYS A 29 -4.13 -5.16 7.67
CA LYS A 29 -4.33 -6.04 8.82
C LYS A 29 -5.79 -6.46 8.93
N PRO A 30 -6.03 -7.78 8.96
CA PRO A 30 -7.37 -8.34 9.07
C PRO A 30 -7.99 -8.10 10.45
N PRO A 31 -9.16 -7.46 10.46
CA PRO A 31 -9.88 -7.15 11.70
C PRO A 31 -10.44 -8.41 12.36
N GLN A 32 -10.74 -8.31 13.66
CA GLN A 32 -11.29 -9.44 14.40
C GLN A 32 -12.25 -10.25 13.55
N ASN A 33 -13.07 -9.56 12.77
CA ASN A 33 -14.03 -10.21 11.89
C ASN A 33 -13.63 -10.06 10.43
N PRO A 34 -13.46 -11.20 9.74
CA PRO A 34 -13.08 -11.23 8.33
C PRO A 34 -14.19 -10.73 7.42
N VAL A 35 -13.94 -9.62 6.73
CA VAL A 35 -14.93 -9.04 5.83
C VAL A 35 -15.22 -9.98 4.67
N ASP A 36 -16.11 -9.55 3.77
CA ASP A 36 -16.48 -10.35 2.62
C ASP A 36 -15.56 -10.05 1.43
N THR A 37 -15.52 -8.79 1.02
CA THR A 37 -14.69 -8.38 -0.09
C THR A 37 -14.06 -7.01 0.16
N TYR A 38 -12.83 -6.84 -0.32
CA TYR A 38 -12.12 -5.58 -0.14
C TYR A 38 -12.23 -4.70 -1.38
N ASP A 39 -12.60 -3.44 -1.17
CA ASP A 39 -12.75 -2.49 -2.27
C ASP A 39 -11.47 -1.68 -2.45
N ILE A 40 -10.70 -2.03 -3.48
CA ILE A 40 -9.45 -1.33 -3.76
C ILE A 40 -9.59 -0.44 -4.99
N GLN A 41 -9.07 0.77 -4.89
CA GLN A 41 -9.13 1.72 -6.01
C GLN A 41 -7.81 2.46 -6.17
N VAL A 42 -7.18 2.29 -7.33
CA VAL A 42 -5.91 2.94 -7.61
C VAL A 42 -6.08 4.08 -8.60
N THR A 43 -5.49 5.23 -8.29
CA THR A 43 -5.59 6.40 -9.16
C THR A 43 -4.28 7.20 -9.13
N ALA A 44 -4.12 8.08 -10.12
CA ALA A 44 -2.94 8.92 -10.21
C ALA A 44 -3.17 10.12 -11.11
N PRO A 45 -2.44 11.21 -10.84
CA PRO A 45 -2.56 12.45 -11.62
C PRO A 45 -2.00 12.30 -13.04
N GLY A 46 -2.82 11.74 -13.93
CA GLY A 46 -2.39 11.55 -15.30
C GLY A 46 -2.59 10.13 -15.78
N ALA A 47 -2.96 9.24 -14.86
CA ALA A 47 -3.18 7.84 -15.19
C ALA A 47 -4.66 7.48 -15.09
N PRO A 48 -5.06 6.44 -15.84
CA PRO A 48 -6.45 5.98 -15.85
C PRO A 48 -6.85 5.31 -14.54
N PRO A 49 -8.16 5.37 -14.22
CA PRO A 49 -8.70 4.77 -12.99
C PRO A 49 -8.68 3.25 -13.02
N LEU A 50 -8.29 2.65 -11.90
CA LEU A 50 -8.22 1.19 -11.80
C LEU A 50 -9.06 0.69 -10.62
N GLN A 51 -9.90 -0.30 -10.88
CA GLN A 51 -10.74 -0.87 -9.83
C GLN A 51 -10.55 -2.38 -9.73
N ALA A 52 -10.44 -2.88 -8.51
CA ALA A 52 -10.25 -4.31 -8.28
C ALA A 52 -10.85 -4.73 -6.94
N GLU A 53 -11.29 -5.98 -6.86
CA GLU A 53 -11.89 -6.51 -5.63
C GLU A 53 -11.30 -7.87 -5.30
N THR A 54 -11.43 -8.26 -4.03
CA THR A 54 -10.92 -9.55 -3.58
C THR A 54 -11.62 -10.00 -2.30
N PRO A 55 -11.77 -11.33 -2.15
CA PRO A 55 -12.43 -11.92 -0.99
C PRO A 55 -11.60 -11.78 0.28
N GLY A 56 -12.29 -11.59 1.41
CA GLY A 56 -11.58 -11.44 2.68
C GLY A 56 -10.47 -12.45 2.85
N SER A 57 -10.71 -13.68 2.41
CA SER A 57 -9.71 -14.74 2.52
C SER A 57 -8.31 -14.21 2.22
N ALA A 58 -8.25 -13.19 1.37
CA ALA A 58 -6.97 -12.58 1.00
C ALA A 58 -6.63 -11.42 1.92
N VAL A 59 -5.33 -11.21 2.14
CA VAL A 59 -4.87 -10.12 3.00
C VAL A 59 -3.98 -9.15 2.23
N ASP A 60 -4.03 -9.23 0.91
CA ASP A 60 -3.23 -8.36 0.06
C ASP A 60 -3.63 -8.50 -1.40
N TYR A 61 -3.43 -7.43 -2.17
CA TYR A 61 -3.79 -7.43 -3.59
C TYR A 61 -2.72 -6.71 -4.42
N PRO A 62 -2.01 -7.49 -5.24
CA PRO A 62 -0.95 -6.96 -6.10
C PRO A 62 -1.50 -6.08 -7.23
N LEU A 63 -1.15 -4.81 -7.21
CA LEU A 63 -1.61 -3.87 -8.23
C LEU A 63 -0.57 -3.71 -9.34
N HIS A 64 -0.84 -4.34 -10.48
CA HIS A 64 0.07 -4.27 -11.62
C HIS A 64 -0.33 -3.13 -12.56
N ASP A 65 0.49 -2.92 -13.60
CA ASP A 65 0.22 -1.87 -14.57
C ASP A 65 0.29 -0.50 -13.91
N LEU A 66 1.39 -0.23 -13.21
CA LEU A 66 1.56 1.04 -12.53
C LEU A 66 2.75 1.80 -13.11
N VAL A 67 2.47 2.89 -13.83
CA VAL A 67 3.50 3.70 -14.44
C VAL A 67 4.68 3.90 -13.48
N LEU A 68 5.89 3.74 -14.00
CA LEU A 68 7.09 3.91 -13.19
C LEU A 68 7.45 5.38 -13.03
N HIS A 69 8.12 5.71 -11.94
CA HIS A 69 8.53 7.09 -11.67
C HIS A 69 7.31 7.99 -11.49
N THR A 70 6.31 7.49 -10.77
CA THR A 70 5.09 8.24 -10.53
C THR A 70 4.38 7.75 -9.27
N ASN A 71 3.88 8.70 -8.47
CA ASN A 71 3.18 8.36 -7.23
C ASN A 71 1.77 7.84 -7.52
N TYR A 72 1.35 6.82 -6.79
CA TYR A 72 0.03 6.24 -6.97
C TYR A 72 -0.69 6.11 -5.63
N THR A 73 -1.93 6.58 -5.58
CA THR A 73 -2.73 6.52 -4.36
C THR A 73 -3.71 5.36 -4.41
N ALA A 74 -3.63 4.48 -3.42
CA ALA A 74 -4.52 3.32 -3.34
C ALA A 74 -5.42 3.40 -2.12
N THR A 75 -6.69 3.05 -2.31
CA THR A 75 -7.66 3.08 -1.21
C THR A 75 -8.38 1.75 -1.09
N VAL A 76 -8.21 1.10 0.06
CA VAL A 76 -8.84 -0.19 0.31
C VAL A 76 -9.94 -0.06 1.37
N ARG A 77 -11.08 -0.68 1.11
CA ARG A 77 -12.21 -0.64 2.04
C ARG A 77 -12.74 -2.05 2.30
N GLY A 78 -13.62 -2.16 3.30
CA GLY A 78 -14.20 -3.45 3.64
C GLY A 78 -15.69 -3.51 3.36
N LEU A 79 -16.13 -4.57 2.71
CA LEU A 79 -17.54 -4.74 2.39
C LEU A 79 -18.23 -5.65 3.41
N ARG A 80 -18.95 -5.05 4.34
CA ARG A 80 -19.65 -5.80 5.36
C ARG A 80 -21.14 -5.50 5.34
N GLY A 81 -21.90 -6.33 4.62
CA GLY A 81 -23.33 -6.14 4.53
C GLY A 81 -23.70 -4.83 3.86
N PRO A 82 -24.87 -4.28 4.20
CA PRO A 82 -25.36 -3.03 3.64
C PRO A 82 -24.55 -1.82 4.13
N ASN A 83 -23.50 -2.09 4.90
CA ASN A 83 -22.65 -1.04 5.42
C ASN A 83 -21.23 -1.18 4.90
N LEU A 84 -20.39 -0.20 5.21
CA LEU A 84 -19.00 -0.21 4.78
C LEU A 84 -18.06 0.03 5.95
N THR A 85 -16.81 -0.41 5.81
CA THR A 85 -15.81 -0.23 6.86
C THR A 85 -14.97 1.01 6.61
N SER A 86 -14.06 1.29 7.54
CA SER A 86 -13.18 2.46 7.41
C SER A 86 -12.19 2.28 6.29
N PRO A 87 -12.09 3.29 5.41
CA PRO A 87 -11.17 3.26 4.26
C PRO A 87 -9.70 3.36 4.69
N ALA A 88 -8.84 2.62 3.99
CA ALA A 88 -7.41 2.63 4.30
C ALA A 88 -6.58 2.79 3.04
N SER A 89 -5.86 3.90 2.94
CA SER A 89 -5.02 4.17 1.77
C SER A 89 -3.57 4.38 2.19
N ILE A 90 -2.69 4.42 1.20
CA ILE A 90 -1.27 4.62 1.46
C ILE A 90 -0.54 5.11 0.20
N THR A 91 0.53 5.87 0.40
CA THR A 91 1.31 6.39 -0.72
C THR A 91 2.56 5.55 -0.94
N PHE A 92 2.73 5.08 -2.17
CA PHE A 92 3.89 4.26 -2.53
C PHE A 92 4.41 4.63 -3.92
N THR A 93 5.73 4.56 -4.08
CA THR A 93 6.35 4.88 -5.35
C THR A 93 6.68 3.62 -6.14
N THR A 94 6.56 3.70 -7.46
CA THR A 94 6.84 2.56 -8.33
C THR A 94 8.24 2.65 -8.92
N GLY A 95 8.65 1.61 -9.63
CA GLY A 95 9.97 1.60 -10.23
C GLY A 95 11.01 2.27 -9.37
N LEU A 96 10.91 2.05 -8.06
CA LEU A 96 11.86 2.64 -7.11
C LEU A 96 13.22 1.98 -7.22
N GLU A 97 13.27 0.85 -7.91
CA GLU A 97 14.53 0.12 -8.09
C GLU A 97 15.57 0.98 -8.79
N ALA A 98 15.11 2.08 -9.40
CA ALA A 98 16.00 2.99 -10.09
C ALA A 98 16.98 3.66 -9.13
N PRO A 99 18.29 3.47 -9.39
CA PRO A 99 19.35 4.04 -8.55
C PRO A 99 19.43 5.55 -8.68
N ARG A 100 18.57 6.26 -7.96
CA ARG A 100 18.55 7.71 -7.99
C ARG A 100 18.45 8.29 -6.57
N ASP A 101 19.59 8.36 -5.89
CA ASP A 101 19.63 8.88 -4.54
C ASP A 101 18.62 8.18 -3.64
N LEU A 102 18.41 6.89 -3.91
CA LEU A 102 17.46 6.10 -3.12
C LEU A 102 18.04 5.76 -1.75
N GLU A 103 19.19 5.13 -1.75
CA GLU A 103 19.86 4.75 -0.50
C GLU A 103 20.63 5.92 0.09
N ALA A 104 20.98 5.82 1.37
CA ALA A 104 21.72 6.87 2.04
C ALA A 104 22.94 6.31 2.76
N LYS A 105 24.08 6.29 2.08
CA LYS A 105 25.31 5.76 2.66
C LYS A 105 25.90 6.75 3.66
N GLU A 106 26.74 6.25 4.56
CA GLU A 106 27.37 7.09 5.57
C GLU A 106 28.87 6.84 5.62
N VAL A 107 29.64 7.93 5.66
CA VAL A 107 31.10 7.84 5.70
C VAL A 107 31.65 8.63 6.88
N THR A 108 32.58 8.01 7.62
CA THR A 108 33.19 8.65 8.77
C THR A 108 34.67 8.94 8.52
N PRO A 109 35.13 10.12 8.96
CA PRO A 109 36.52 10.54 8.78
C PRO A 109 37.48 9.73 9.66
N SER A 110 38.68 9.49 9.15
CA SER A 110 39.69 8.73 9.87
C SER A 110 41.09 9.19 9.50
N GLY A 111 42.01 9.09 10.46
CA GLY A 111 43.38 9.51 10.22
C GLY A 111 44.20 9.56 11.49
N PRO A 112 44.65 8.39 11.97
CA PRO A 112 45.45 8.29 13.19
C PRO A 112 46.86 8.86 13.00
N SER A 113 47.36 9.51 14.04
CA SER A 113 48.70 10.11 14.00
C SER A 113 49.40 9.95 15.34
N SER A 114 50.61 9.41 15.31
CA SER A 114 51.40 9.21 16.52
C SER A 114 52.12 10.49 16.91
N GLY A 115 52.85 11.07 15.96
CA GLY A 115 53.58 12.29 16.23
C GLY A 115 52.75 13.53 15.98
N GLY A 1 -10.23 12.52 17.89
CA GLY A 1 -10.65 11.94 19.15
C GLY A 1 -10.33 10.46 19.24
N SER A 2 -11.24 9.63 18.74
CA SER A 2 -11.05 8.19 18.78
C SER A 2 -11.20 7.58 17.38
N SER A 3 -10.06 7.32 16.74
CA SER A 3 -10.06 6.74 15.40
C SER A 3 -11.01 5.55 15.33
N GLY A 4 -10.90 4.65 16.30
CA GLY A 4 -11.73 3.47 16.32
C GLY A 4 -11.96 2.95 17.72
N SER A 5 -12.52 1.74 17.83
CA SER A 5 -12.80 1.13 19.13
C SER A 5 -12.42 -0.34 19.11
N SER A 6 -11.34 -0.69 19.82
CA SER A 6 -10.88 -2.07 19.90
C SER A 6 -10.69 -2.65 18.50
N GLY A 7 -10.32 -1.80 17.56
CA GLY A 7 -10.11 -2.25 16.19
C GLY A 7 -11.30 -1.97 15.30
N PRO A 8 -11.05 -1.44 14.10
CA PRO A 8 -12.09 -1.11 13.13
C PRO A 8 -12.74 -2.36 12.53
N ASP A 9 -13.62 -2.17 11.57
CA ASP A 9 -14.30 -3.28 10.93
C ASP A 9 -13.63 -3.63 9.59
N GLY A 10 -12.82 -2.70 9.09
CA GLY A 10 -12.13 -2.93 7.84
C GLY A 10 -10.61 -2.92 7.99
N PRO A 11 -9.90 -2.92 6.86
CA PRO A 11 -8.43 -2.90 6.86
C PRO A 11 -7.86 -1.57 7.33
N THR A 12 -6.88 -1.64 8.23
CA THR A 12 -6.26 -0.44 8.77
C THR A 12 -4.76 -0.64 8.93
N GLN A 13 -4.06 0.43 9.29
CA GLN A 13 -2.61 0.38 9.49
C GLN A 13 -1.91 -0.13 8.24
N LEU A 14 -2.38 0.31 7.08
CA LEU A 14 -1.80 -0.10 5.81
C LEU A 14 -0.31 0.24 5.75
N ARG A 15 0.51 -0.77 5.48
CA ARG A 15 1.95 -0.57 5.40
C ARG A 15 2.45 -0.81 3.98
N ALA A 16 3.53 -0.12 3.61
CA ALA A 16 4.11 -0.26 2.27
C ALA A 16 5.07 -1.44 2.22
N LEU A 17 4.63 -2.52 1.59
CA LEU A 17 5.46 -3.72 1.47
C LEU A 17 6.61 -3.49 0.48
N ASN A 18 7.57 -4.39 0.49
CA ASN A 18 8.72 -4.30 -0.40
C ASN A 18 8.31 -4.57 -1.85
N LEU A 19 8.33 -3.53 -2.67
CA LEU A 19 7.96 -3.65 -4.08
C LEU A 19 8.93 -4.57 -4.81
N THR A 20 8.41 -5.68 -5.33
CA THR A 20 9.24 -6.64 -6.06
C THR A 20 9.88 -5.98 -7.28
N GLU A 21 10.88 -6.67 -7.85
CA GLU A 21 11.57 -6.16 -9.03
C GLU A 21 10.60 -5.47 -9.99
N GLY A 22 9.33 -5.90 -9.93
CA GLY A 22 8.33 -5.31 -10.80
C GLY A 22 6.92 -5.74 -10.42
N PHE A 23 6.69 -5.94 -9.12
CA PHE A 23 5.39 -6.34 -8.63
C PHE A 23 5.03 -5.61 -7.33
N ALA A 24 4.09 -4.69 -7.43
CA ALA A 24 3.66 -3.91 -6.26
C ALA A 24 2.37 -4.48 -5.67
N VAL A 25 2.36 -4.67 -4.36
CA VAL A 25 1.19 -5.21 -3.67
C VAL A 25 0.88 -4.42 -2.41
N LEU A 26 -0.36 -4.50 -1.95
CA LEU A 26 -0.78 -3.79 -0.75
C LEU A 26 -0.77 -4.72 0.46
N HIS A 27 -0.75 -4.13 1.65
CA HIS A 27 -0.74 -4.90 2.90
C HIS A 27 -1.61 -4.24 3.95
N TRP A 28 -2.64 -4.95 4.40
CA TRP A 28 -3.56 -4.42 5.41
C TRP A 28 -3.74 -5.43 6.54
N LYS A 29 -4.07 -4.92 7.72
CA LYS A 29 -4.28 -5.77 8.89
C LYS A 29 -5.72 -6.26 8.96
N PRO A 30 -5.90 -7.59 8.88
CA PRO A 30 -7.22 -8.22 8.93
C PRO A 30 -7.85 -8.12 10.31
N PRO A 31 -9.03 -7.47 10.39
CA PRO A 31 -9.75 -7.29 11.64
C PRO A 31 -10.34 -8.60 12.17
N GLN A 32 -10.65 -8.64 13.45
CA GLN A 32 -11.22 -9.83 14.07
C GLN A 32 -12.32 -10.43 13.19
N ASN A 33 -13.15 -9.55 12.61
CA ASN A 33 -14.23 -9.99 11.75
C ASN A 33 -13.83 -9.93 10.28
N PRO A 34 -13.66 -11.11 9.67
CA PRO A 34 -13.27 -11.22 8.25
C PRO A 34 -14.39 -10.78 7.31
N VAL A 35 -14.17 -9.66 6.63
CA VAL A 35 -15.15 -9.13 5.69
C VAL A 35 -15.42 -10.11 4.56
N ASP A 36 -16.26 -9.71 3.61
CA ASP A 36 -16.60 -10.56 2.48
C ASP A 36 -15.73 -10.21 1.26
N THR A 37 -15.70 -8.94 0.91
CA THR A 37 -14.91 -8.48 -0.23
C THR A 37 -14.27 -7.13 0.04
N TYR A 38 -13.01 -6.99 -0.32
CA TYR A 38 -12.28 -5.74 -0.11
C TYR A 38 -12.32 -4.87 -1.36
N ASP A 39 -12.69 -3.61 -1.19
CA ASP A 39 -12.76 -2.67 -2.30
C ASP A 39 -11.50 -1.82 -2.38
N ILE A 40 -10.75 -1.99 -3.47
CA ILE A 40 -9.51 -1.24 -3.67
C ILE A 40 -9.64 -0.28 -4.85
N GLN A 41 -9.16 0.94 -4.66
CA GLN A 41 -9.21 1.95 -5.71
C GLN A 41 -7.85 2.61 -5.92
N VAL A 42 -7.26 2.39 -7.09
CA VAL A 42 -5.96 2.96 -7.42
C VAL A 42 -6.09 4.13 -8.38
N THR A 43 -5.50 5.26 -8.01
CA THR A 43 -5.55 6.46 -8.84
C THR A 43 -4.22 7.22 -8.81
N ALA A 44 -4.03 8.11 -9.77
CA ALA A 44 -2.81 8.90 -9.84
C ALA A 44 -3.01 10.14 -10.70
N PRO A 45 -2.06 11.09 -10.61
CA PRO A 45 -2.11 12.33 -11.38
C PRO A 45 -1.87 12.10 -12.87
N GLY A 46 -2.94 11.79 -13.60
CA GLY A 46 -2.81 11.55 -15.03
C GLY A 46 -3.14 10.12 -15.40
N ALA A 47 -2.71 9.18 -14.57
CA ALA A 47 -2.97 7.76 -14.82
C ALA A 47 -4.46 7.45 -14.76
N PRO A 48 -4.89 6.44 -15.54
CA PRO A 48 -6.30 6.03 -15.58
C PRO A 48 -6.74 5.36 -14.29
N PRO A 49 -8.03 5.49 -13.96
CA PRO A 49 -8.61 4.90 -12.75
C PRO A 49 -8.69 3.37 -12.83
N LEU A 50 -8.31 2.71 -11.75
CA LEU A 50 -8.34 1.25 -11.69
C LEU A 50 -9.30 0.77 -10.61
N GLN A 51 -10.18 -0.16 -10.99
CA GLN A 51 -11.16 -0.70 -10.05
C GLN A 51 -11.05 -2.22 -9.97
N ALA A 52 -10.78 -2.73 -8.77
CA ALA A 52 -10.65 -4.16 -8.56
C ALA A 52 -11.22 -4.57 -7.21
N GLU A 53 -11.41 -5.87 -7.02
CA GLU A 53 -11.95 -6.40 -5.76
C GLU A 53 -11.23 -7.68 -5.37
N THR A 54 -11.49 -8.14 -4.14
CA THR A 54 -10.87 -9.35 -3.63
C THR A 54 -11.69 -9.95 -2.49
N PRO A 55 -11.65 -11.28 -2.38
CA PRO A 55 -12.39 -12.01 -1.34
C PRO A 55 -11.80 -11.79 0.04
N GLY A 56 -12.65 -11.86 1.07
CA GLY A 56 -12.19 -11.66 2.44
C GLY A 56 -11.12 -12.65 2.84
N SER A 57 -11.01 -13.75 2.08
CA SER A 57 -10.02 -14.78 2.37
C SER A 57 -8.63 -14.33 1.95
N ALA A 58 -8.52 -13.07 1.51
CA ALA A 58 -7.24 -12.52 1.09
C ALA A 58 -6.80 -11.39 2.03
N VAL A 59 -5.49 -11.26 2.19
CA VAL A 59 -4.93 -10.22 3.05
C VAL A 59 -3.95 -9.33 2.28
N ASP A 60 -4.06 -9.35 0.96
CA ASP A 60 -3.19 -8.55 0.12
C ASP A 60 -3.67 -8.55 -1.33
N TYR A 61 -3.57 -7.41 -1.99
CA TYR A 61 -4.01 -7.28 -3.38
C TYR A 61 -2.87 -6.75 -4.25
N PRO A 62 -2.20 -7.67 -4.95
CA PRO A 62 -1.08 -7.32 -5.85
C PRO A 62 -1.55 -6.58 -7.09
N LEU A 63 -1.19 -5.31 -7.19
CA LEU A 63 -1.56 -4.48 -8.33
C LEU A 63 -0.44 -4.42 -9.35
N HIS A 64 -0.78 -4.66 -10.62
CA HIS A 64 0.21 -4.63 -11.69
C HIS A 64 -0.14 -3.55 -12.72
N ASP A 65 0.70 -3.41 -13.73
CA ASP A 65 0.48 -2.42 -14.78
C ASP A 65 0.47 -1.01 -14.19
N LEU A 66 1.50 -0.69 -13.43
CA LEU A 66 1.61 0.63 -12.81
C LEU A 66 2.81 1.39 -13.36
N VAL A 67 2.56 2.62 -13.83
CA VAL A 67 3.62 3.46 -14.38
C VAL A 67 4.71 3.72 -13.34
N LEU A 68 5.96 3.54 -13.73
CA LEU A 68 7.09 3.76 -12.84
C LEU A 68 7.38 5.25 -12.70
N HIS A 69 8.04 5.62 -11.61
CA HIS A 69 8.39 7.01 -11.35
C HIS A 69 7.14 7.88 -11.30
N THR A 70 6.12 7.42 -10.58
CA THR A 70 4.87 8.15 -10.46
C THR A 70 4.20 7.87 -9.12
N ASN A 71 3.66 8.91 -8.50
CA ASN A 71 2.99 8.79 -7.22
C ASN A 71 1.59 8.21 -7.39
N TYR A 72 1.40 6.97 -6.94
CA TYR A 72 0.12 6.30 -7.04
C TYR A 72 -0.54 6.16 -5.67
N THR A 73 -1.79 6.59 -5.58
CA THR A 73 -2.53 6.50 -4.32
C THR A 73 -3.55 5.38 -4.35
N ALA A 74 -3.40 4.43 -3.43
CA ALA A 74 -4.31 3.28 -3.35
C ALA A 74 -5.19 3.37 -2.12
N THR A 75 -6.45 2.99 -2.27
CA THR A 75 -7.41 3.02 -1.17
C THR A 75 -8.20 1.73 -1.08
N VAL A 76 -8.08 1.04 0.05
CA VAL A 76 -8.80 -0.21 0.27
C VAL A 76 -9.97 -0.03 1.22
N ARG A 77 -10.99 -0.86 1.06
CA ARG A 77 -12.17 -0.78 1.92
C ARG A 77 -12.70 -2.18 2.23
N GLY A 78 -13.67 -2.26 3.15
CA GLY A 78 -14.24 -3.53 3.52
C GLY A 78 -15.75 -3.56 3.34
N LEU A 79 -16.24 -4.55 2.60
CA LEU A 79 -17.66 -4.69 2.35
C LEU A 79 -18.29 -5.68 3.32
N ARG A 80 -18.98 -5.16 4.33
CA ARG A 80 -19.64 -6.00 5.33
C ARG A 80 -21.13 -5.72 5.38
N GLY A 81 -21.90 -6.52 4.63
CA GLY A 81 -23.35 -6.34 4.60
C GLY A 81 -23.75 -5.03 3.96
N PRO A 82 -24.92 -4.51 4.35
CA PRO A 82 -25.46 -3.26 3.81
C PRO A 82 -24.65 -2.04 4.28
N ASN A 83 -23.58 -2.29 5.01
CA ASN A 83 -22.73 -1.23 5.52
C ASN A 83 -21.30 -1.37 5.00
N LEU A 84 -20.46 -0.39 5.31
CA LEU A 84 -19.07 -0.41 4.87
C LEU A 84 -18.13 -0.21 6.06
N THR A 85 -16.84 -0.48 5.83
CA THR A 85 -15.84 -0.34 6.88
C THR A 85 -14.97 0.91 6.64
N SER A 86 -14.05 1.16 7.57
CA SER A 86 -13.17 2.32 7.46
C SER A 86 -12.15 2.12 6.33
N PRO A 87 -12.05 3.13 5.45
CA PRO A 87 -11.12 3.09 4.32
C PRO A 87 -9.66 3.20 4.76
N ALA A 88 -8.77 2.57 4.00
CA ALA A 88 -7.34 2.60 4.31
C ALA A 88 -6.51 2.79 3.05
N SER A 89 -5.81 3.92 2.98
CA SER A 89 -4.97 4.23 1.83
C SER A 89 -3.52 4.43 2.24
N ILE A 90 -2.63 4.50 1.26
CA ILE A 90 -1.21 4.69 1.52
C ILE A 90 -0.51 5.27 0.30
N THR A 91 0.63 5.93 0.55
CA THR A 91 1.41 6.53 -0.53
C THR A 91 2.71 5.77 -0.76
N PHE A 92 2.83 5.15 -1.93
CA PHE A 92 4.03 4.39 -2.27
C PHE A 92 4.55 4.78 -3.65
N THR A 93 5.85 4.59 -3.85
CA THR A 93 6.48 4.93 -5.13
C THR A 93 6.83 3.68 -5.91
N THR A 94 6.39 3.62 -7.17
CA THR A 94 6.67 2.47 -8.02
C THR A 94 8.03 2.60 -8.68
N GLY A 95 8.48 1.51 -9.29
CA GLY A 95 9.77 1.52 -9.96
C GLY A 95 10.84 2.21 -9.14
N LEU A 96 10.92 1.86 -7.86
CA LEU A 96 11.91 2.46 -6.97
C LEU A 96 13.27 1.80 -7.15
N GLU A 97 13.35 0.84 -8.07
CA GLU A 97 14.60 0.13 -8.33
C GLU A 97 15.61 1.05 -8.99
N ALA A 98 16.44 1.70 -8.18
CA ALA A 98 17.46 2.61 -8.70
C ALA A 98 18.80 2.38 -8.01
N PRO A 99 19.89 2.52 -8.78
CA PRO A 99 21.25 2.32 -8.27
C PRO A 99 21.67 3.42 -7.29
N ARG A 100 20.80 4.40 -7.11
CA ARG A 100 21.07 5.52 -6.21
C ARG A 100 20.35 5.33 -4.88
N ASP A 101 21.06 5.61 -3.79
CA ASP A 101 20.49 5.47 -2.46
C ASP A 101 19.03 5.92 -2.44
N LEU A 102 18.18 5.12 -1.81
CA LEU A 102 16.76 5.43 -1.72
C LEU A 102 16.36 5.75 -0.28
N GLU A 103 16.60 6.99 0.13
CA GLU A 103 16.26 7.43 1.48
C GLU A 103 16.37 8.94 1.62
N ALA A 104 15.59 9.51 2.54
CA ALA A 104 15.61 10.95 2.76
C ALA A 104 16.40 11.30 4.01
N LYS A 105 17.64 11.72 3.82
CA LYS A 105 18.51 12.09 4.94
C LYS A 105 19.41 13.26 4.56
N GLU A 106 19.44 14.28 5.41
CA GLU A 106 20.27 15.46 5.18
C GLU A 106 21.59 15.35 5.92
N VAL A 107 22.60 14.81 5.23
CA VAL A 107 23.93 14.65 5.83
C VAL A 107 24.82 15.85 5.50
N THR A 108 25.01 16.73 6.49
CA THR A 108 25.84 17.91 6.31
C THR A 108 27.30 17.62 6.68
N PRO A 109 28.20 17.83 5.72
CA PRO A 109 29.63 17.60 5.92
C PRO A 109 30.26 18.63 6.86
N SER A 110 31.46 18.32 7.34
CA SER A 110 32.17 19.22 8.26
C SER A 110 33.57 18.70 8.54
N GLY A 111 34.39 19.55 9.14
CA GLY A 111 35.76 19.18 9.46
C GLY A 111 36.33 19.96 10.62
N PRO A 112 37.09 19.28 11.49
CA PRO A 112 37.72 19.90 12.66
C PRO A 112 38.83 20.87 12.28
N SER A 113 39.02 21.89 13.11
CA SER A 113 40.05 22.89 12.86
C SER A 113 41.25 22.69 13.79
N SER A 114 42.45 22.77 13.23
CA SER A 114 43.67 22.60 14.01
C SER A 114 44.17 23.94 14.54
N GLY A 115 44.97 23.88 15.60
CA GLY A 115 45.52 25.10 16.19
C GLY A 115 44.47 25.87 16.98
N GLY A 1 -14.78 -2.81 23.93
CA GLY A 1 -13.38 -3.16 23.84
C GLY A 1 -12.46 -2.02 24.21
N SER A 2 -12.02 -2.00 25.46
CA SER A 2 -11.14 -0.95 25.94
C SER A 2 -9.90 -0.82 25.05
N SER A 3 -9.97 0.05 24.06
CA SER A 3 -8.87 0.26 23.13
C SER A 3 -8.71 1.73 22.79
N GLY A 4 -7.50 2.13 22.40
CA GLY A 4 -7.24 3.51 22.04
C GLY A 4 -7.95 3.93 20.77
N SER A 5 -7.28 3.77 19.64
CA SER A 5 -7.85 4.13 18.35
C SER A 5 -9.19 3.45 18.14
N SER A 6 -10.01 4.03 17.27
CA SER A 6 -11.33 3.48 16.98
C SER A 6 -11.24 1.99 16.67
N GLY A 7 -12.39 1.32 16.65
CA GLY A 7 -12.42 -0.10 16.36
C GLY A 7 -13.20 -0.43 15.11
N PRO A 8 -12.57 -0.21 13.94
CA PRO A 8 -13.19 -0.47 12.64
C PRO A 8 -13.37 -1.96 12.38
N ASP A 9 -14.12 -2.29 11.32
CA ASP A 9 -14.35 -3.68 10.95
C ASP A 9 -13.70 -4.01 9.62
N GLY A 10 -12.87 -3.10 9.13
CA GLY A 10 -12.20 -3.32 7.87
C GLY A 10 -10.68 -3.38 8.02
N PRO A 11 -9.97 -3.26 6.89
CA PRO A 11 -8.51 -3.29 6.88
C PRO A 11 -7.88 -2.06 7.53
N THR A 12 -7.03 -2.28 8.52
CA THR A 12 -6.37 -1.19 9.22
C THR A 12 -4.86 -1.39 9.25
N GLN A 13 -4.15 -0.37 9.73
CA GLN A 13 -2.70 -0.43 9.81
C GLN A 13 -2.08 -0.72 8.43
N LEU A 14 -2.67 -0.13 7.40
CA LEU A 14 -2.19 -0.33 6.04
C LEU A 14 -0.77 0.21 5.88
N ARG A 15 0.12 -0.62 5.34
CA ARG A 15 1.51 -0.25 5.13
C ARG A 15 2.04 -0.79 3.81
N ALA A 16 3.16 -0.25 3.36
CA ALA A 16 3.78 -0.70 2.12
C ALA A 16 5.22 -1.15 2.34
N LEU A 17 5.43 -2.46 2.32
CA LEU A 17 6.75 -3.03 2.51
C LEU A 17 7.63 -2.78 1.29
N ASN A 18 8.95 -2.81 1.50
CA ASN A 18 9.91 -2.59 0.43
C ASN A 18 10.06 -3.84 -0.43
N LEU A 19 9.24 -3.96 -1.46
CA LEU A 19 9.28 -5.12 -2.35
C LEU A 19 10.18 -4.84 -3.55
N THR A 20 10.52 -5.89 -4.29
CA THR A 20 11.37 -5.76 -5.46
C THR A 20 10.92 -4.58 -6.33
N GLU A 21 11.82 -3.61 -6.49
CA GLU A 21 11.53 -2.43 -7.30
C GLU A 21 10.92 -2.82 -8.63
N GLY A 22 9.59 -2.82 -8.69
CA GLY A 22 8.91 -3.18 -9.92
C GLY A 22 7.45 -3.50 -9.70
N PHE A 23 7.19 -4.47 -8.83
CA PHE A 23 5.82 -4.89 -8.53
C PHE A 23 5.46 -4.56 -7.08
N ALA A 24 4.60 -3.56 -6.91
CA ALA A 24 4.18 -3.14 -5.58
C ALA A 24 2.81 -3.71 -5.24
N VAL A 25 2.60 -4.04 -3.97
CA VAL A 25 1.32 -4.59 -3.52
C VAL A 25 0.86 -3.93 -2.23
N LEU A 26 -0.42 -4.09 -1.91
CA LEU A 26 -0.99 -3.50 -0.70
C LEU A 26 -0.95 -4.50 0.45
N HIS A 27 -0.83 -3.98 1.67
CA HIS A 27 -0.80 -4.83 2.86
C HIS A 27 -1.70 -4.27 3.95
N TRP A 28 -2.69 -5.04 4.35
CA TRP A 28 -3.62 -4.62 5.39
C TRP A 28 -3.77 -5.69 6.47
N LYS A 29 -4.11 -5.27 7.67
CA LYS A 29 -4.28 -6.20 8.79
C LYS A 29 -5.74 -6.65 8.91
N PRO A 30 -5.95 -7.97 8.83
CA PRO A 30 -7.30 -8.56 8.93
C PRO A 30 -7.87 -8.44 10.33
N PRO A 31 -9.04 -7.78 10.44
CA PRO A 31 -9.72 -7.58 11.73
C PRO A 31 -10.30 -8.88 12.27
N GLN A 32 -10.60 -8.90 13.57
CA GLN A 32 -11.16 -10.08 14.21
C GLN A 32 -12.08 -10.84 13.26
N ASN A 33 -13.06 -10.13 12.71
CA ASN A 33 -14.01 -10.75 11.78
C ASN A 33 -13.63 -10.43 10.34
N PRO A 34 -13.41 -11.49 9.54
CA PRO A 34 -13.03 -11.35 8.12
C PRO A 34 -14.19 -10.83 7.27
N VAL A 35 -13.97 -9.68 6.63
CA VAL A 35 -14.99 -9.08 5.78
C VAL A 35 -15.34 -9.99 4.61
N ASP A 36 -16.24 -9.52 3.75
CA ASP A 36 -16.67 -10.29 2.59
C ASP A 36 -15.76 -10.02 1.40
N THR A 37 -15.69 -8.77 0.99
CA THR A 37 -14.86 -8.37 -0.15
C THR A 37 -14.19 -7.02 0.11
N TYR A 38 -12.97 -6.87 -0.40
CA TYR A 38 -12.23 -5.63 -0.23
C TYR A 38 -12.30 -4.77 -1.49
N ASP A 39 -12.63 -3.50 -1.31
CA ASP A 39 -12.74 -2.58 -2.44
C ASP A 39 -11.46 -1.77 -2.60
N ILE A 40 -10.69 -2.09 -3.63
CA ILE A 40 -9.43 -1.40 -3.89
C ILE A 40 -9.56 -0.48 -5.10
N GLN A 41 -9.03 0.74 -4.97
CA GLN A 41 -9.08 1.71 -6.04
C GLN A 41 -7.75 2.42 -6.20
N VAL A 42 -7.12 2.26 -7.36
CA VAL A 42 -5.84 2.89 -7.63
C VAL A 42 -5.98 4.00 -8.67
N THR A 43 -5.42 5.17 -8.35
CA THR A 43 -5.49 6.31 -9.24
C THR A 43 -4.24 7.17 -9.14
N ALA A 44 -4.14 8.18 -9.99
CA ALA A 44 -2.99 9.08 -9.98
C ALA A 44 -3.25 10.30 -10.86
N PRO A 45 -2.49 11.38 -10.61
CA PRO A 45 -2.61 12.63 -11.36
C PRO A 45 -2.13 12.50 -12.80
N GLY A 46 -1.50 11.36 -13.11
CA GLY A 46 -1.00 11.14 -14.45
C GLY A 46 -1.06 9.66 -14.84
N ALA A 47 -2.11 8.98 -14.41
CA ALA A 47 -2.29 7.57 -14.72
C ALA A 47 -3.77 7.20 -14.79
N PRO A 48 -4.08 6.13 -15.55
CA PRO A 48 -5.46 5.66 -15.70
C PRO A 48 -6.01 5.03 -14.43
N PRO A 49 -7.33 5.18 -14.21
CA PRO A 49 -8.00 4.63 -13.03
C PRO A 49 -8.08 3.11 -13.05
N LEU A 50 -7.98 2.50 -11.88
CA LEU A 50 -8.03 1.04 -11.77
C LEU A 50 -9.04 0.62 -10.69
N GLN A 51 -9.86 -0.37 -11.02
CA GLN A 51 -10.86 -0.87 -10.09
C GLN A 51 -10.84 -2.40 -10.03
N ALA A 52 -10.75 -2.93 -8.81
CA ALA A 52 -10.73 -4.38 -8.62
C ALA A 52 -11.34 -4.76 -7.28
N GLU A 53 -11.51 -6.06 -7.06
CA GLU A 53 -12.09 -6.56 -5.82
C GLU A 53 -11.51 -7.92 -5.45
N THR A 54 -11.53 -8.24 -4.16
CA THR A 54 -11.00 -9.52 -3.69
C THR A 54 -11.77 -10.00 -2.46
N PRO A 55 -11.81 -11.32 -2.27
CA PRO A 55 -12.50 -11.95 -1.13
C PRO A 55 -11.79 -11.68 0.18
N GLY A 56 -12.57 -11.60 1.26
CA GLY A 56 -12.00 -11.36 2.58
C GLY A 56 -10.86 -12.31 2.90
N SER A 57 -10.98 -13.55 2.43
CA SER A 57 -9.97 -14.57 2.68
C SER A 57 -8.58 -14.05 2.29
N ALA A 58 -8.55 -13.00 1.48
CA ALA A 58 -7.29 -12.40 1.04
C ALA A 58 -6.79 -11.37 2.03
N VAL A 59 -5.48 -11.19 2.08
CA VAL A 59 -4.87 -10.21 2.99
C VAL A 59 -3.91 -9.29 2.25
N ASP A 60 -4.01 -9.29 0.92
CA ASP A 60 -3.15 -8.45 0.09
C ASP A 60 -3.61 -8.48 -1.36
N TYR A 61 -3.42 -7.36 -2.06
CA TYR A 61 -3.82 -7.25 -3.45
C TYR A 61 -2.75 -6.52 -4.28
N PRO A 62 -2.00 -7.27 -5.08
CA PRO A 62 -0.94 -6.72 -5.93
C PRO A 62 -1.49 -5.87 -7.07
N LEU A 63 -0.90 -4.70 -7.27
CA LEU A 63 -1.33 -3.80 -8.33
C LEU A 63 -0.35 -3.82 -9.50
N HIS A 64 -0.89 -3.85 -10.71
CA HIS A 64 -0.06 -3.87 -11.91
C HIS A 64 -0.38 -2.68 -12.81
N ASP A 65 0.35 -2.56 -13.92
CA ASP A 65 0.14 -1.47 -14.86
C ASP A 65 0.44 -0.12 -14.20
N LEU A 66 1.51 -0.07 -13.41
CA LEU A 66 1.89 1.16 -12.73
C LEU A 66 3.17 1.73 -13.32
N VAL A 67 3.20 3.05 -13.51
CA VAL A 67 4.36 3.72 -14.06
C VAL A 67 5.45 3.90 -13.00
N LEU A 68 6.60 3.27 -13.25
CA LEU A 68 7.73 3.35 -12.32
C LEU A 68 7.78 4.72 -11.65
N HIS A 69 8.22 5.72 -12.41
CA HIS A 69 8.33 7.09 -11.89
C HIS A 69 6.95 7.74 -11.82
N THR A 70 6.12 7.27 -10.91
CA THR A 70 4.77 7.81 -10.74
C THR A 70 4.16 7.39 -9.42
N ASN A 71 3.54 8.34 -8.72
CA ASN A 71 2.92 8.06 -7.44
C ASN A 71 1.50 7.52 -7.62
N TYR A 72 1.22 6.38 -7.00
CA TYR A 72 -0.09 5.76 -7.10
C TYR A 72 -0.75 5.64 -5.73
N THR A 73 -1.96 6.18 -5.61
CA THR A 73 -2.68 6.13 -4.35
C THR A 73 -3.78 5.08 -4.38
N ALA A 74 -3.67 4.10 -3.48
CA ALA A 74 -4.66 3.02 -3.41
C ALA A 74 -5.56 3.19 -2.20
N THR A 75 -6.84 2.86 -2.36
CA THR A 75 -7.81 2.97 -1.27
C THR A 75 -8.51 1.64 -1.02
N VAL A 76 -8.19 1.00 0.10
CA VAL A 76 -8.79 -0.27 0.46
C VAL A 76 -9.97 -0.08 1.40
N ARG A 77 -11.04 -0.84 1.18
CA ARG A 77 -12.22 -0.75 2.02
C ARG A 77 -12.81 -2.14 2.28
N GLY A 78 -13.50 -2.28 3.41
CA GLY A 78 -14.09 -3.56 3.77
C GLY A 78 -15.59 -3.55 3.62
N LEU A 79 -16.12 -4.46 2.79
CA LEU A 79 -17.55 -4.55 2.56
C LEU A 79 -18.20 -5.48 3.58
N ARG A 80 -18.90 -4.88 4.54
CA ARG A 80 -19.58 -5.66 5.59
C ARG A 80 -21.07 -5.35 5.59
N GLY A 81 -21.84 -6.20 4.90
CA GLY A 81 -23.28 -6.02 4.85
C GLY A 81 -23.67 -4.70 4.20
N PRO A 82 -24.84 -4.18 4.58
CA PRO A 82 -25.35 -2.90 4.05
C PRO A 82 -24.54 -1.70 4.52
N ASN A 83 -23.47 -1.98 5.25
CA ASN A 83 -22.61 -0.91 5.78
C ASN A 83 -21.20 -1.04 5.22
N LEU A 84 -20.34 -0.09 5.56
CA LEU A 84 -18.96 -0.08 5.08
C LEU A 84 -17.99 0.08 6.25
N THR A 85 -16.74 -0.29 6.02
CA THR A 85 -15.70 -0.18 7.05
C THR A 85 -14.81 1.02 6.80
N SER A 86 -13.88 1.27 7.73
CA SER A 86 -12.96 2.39 7.61
C SER A 86 -11.99 2.18 6.47
N PRO A 87 -11.96 3.14 5.53
CA PRO A 87 -11.07 3.07 4.36
C PRO A 87 -9.60 3.25 4.73
N ALA A 88 -8.73 2.55 4.03
CA ALA A 88 -7.29 2.64 4.29
C ALA A 88 -6.52 2.96 3.01
N SER A 89 -5.86 4.11 2.99
CA SER A 89 -5.09 4.53 1.83
C SER A 89 -3.61 4.67 2.18
N ILE A 90 -2.76 4.59 1.16
CA ILE A 90 -1.32 4.71 1.36
C ILE A 90 -0.62 5.12 0.07
N THR A 91 0.52 5.79 0.20
CA THR A 91 1.29 6.23 -0.95
C THR A 91 2.58 5.43 -1.10
N PHE A 92 2.70 4.72 -2.21
CA PHE A 92 3.89 3.91 -2.47
C PHE A 92 4.44 4.18 -3.87
N THR A 93 5.72 4.56 -3.93
CA THR A 93 6.35 4.85 -5.20
C THR A 93 6.77 3.56 -5.92
N THR A 94 6.59 3.55 -7.24
CA THR A 94 6.94 2.37 -8.03
C THR A 94 8.32 2.55 -8.68
N GLY A 95 9.16 3.35 -8.05
CA GLY A 95 10.50 3.58 -8.56
C GLY A 95 11.50 3.93 -7.48
N LEU A 96 11.29 3.38 -6.29
CA LEU A 96 12.17 3.64 -5.16
C LEU A 96 13.44 2.79 -5.27
N GLU A 97 14.10 2.87 -6.42
CA GLU A 97 15.32 2.11 -6.65
C GLU A 97 16.45 2.63 -5.77
N ALA A 98 16.33 3.88 -5.33
CA ALA A 98 17.35 4.50 -4.48
C ALA A 98 16.73 5.00 -3.17
N PRO A 99 17.59 5.28 -2.19
CA PRO A 99 17.16 5.77 -0.88
C PRO A 99 16.61 7.19 -0.94
N ARG A 100 16.32 7.77 0.23
CA ARG A 100 15.80 9.12 0.30
C ARG A 100 16.44 10.01 -0.75
N ASP A 101 17.74 9.85 -0.94
CA ASP A 101 18.48 10.65 -1.93
C ASP A 101 18.54 9.92 -3.27
N LEU A 102 17.60 10.26 -4.16
CA LEU A 102 17.55 9.64 -5.48
C LEU A 102 18.49 10.36 -6.46
N GLU A 103 18.69 11.65 -6.23
CA GLU A 103 19.56 12.44 -7.08
C GLU A 103 20.65 13.12 -6.26
N ALA A 104 21.86 12.57 -6.32
CA ALA A 104 22.99 13.13 -5.58
C ALA A 104 24.26 13.08 -6.42
N LYS A 105 25.37 13.50 -5.83
CA LYS A 105 26.66 13.51 -6.51
C LYS A 105 27.60 12.44 -5.94
N GLU A 106 28.48 11.94 -6.78
CA GLU A 106 29.43 10.91 -6.35
C GLU A 106 30.87 11.33 -6.68
N VAL A 107 31.83 10.71 -6.00
CA VAL A 107 33.23 11.02 -6.22
C VAL A 107 34.13 9.83 -5.84
N THR A 108 34.85 9.31 -6.83
CA THR A 108 35.73 8.18 -6.60
C THR A 108 37.20 8.60 -6.64
N PRO A 109 37.93 8.30 -5.56
CA PRO A 109 39.35 8.65 -5.45
C PRO A 109 40.23 7.82 -6.40
N SER A 110 41.54 8.04 -6.32
CA SER A 110 42.48 7.32 -7.17
C SER A 110 43.89 7.39 -6.60
N GLY A 111 44.64 6.30 -6.76
CA GLY A 111 46.00 6.26 -6.26
C GLY A 111 46.62 4.88 -6.36
N PRO A 112 47.16 4.55 -7.54
CA PRO A 112 47.79 3.26 -7.79
C PRO A 112 49.10 3.09 -7.04
N SER A 113 49.68 1.89 -7.11
CA SER A 113 50.93 1.61 -6.43
C SER A 113 51.47 0.24 -6.84
N SER A 114 52.79 0.08 -6.77
CA SER A 114 53.43 -1.18 -7.12
C SER A 114 54.91 -1.15 -6.80
N GLY A 115 55.47 -2.31 -6.47
CA GLY A 115 56.88 -2.41 -6.14
C GLY A 115 57.53 -3.66 -6.69
N GLY A 1 -9.22 9.11 6.83
CA GLY A 1 -10.53 9.15 7.46
C GLY A 1 -10.79 7.93 8.32
N SER A 2 -9.99 7.77 9.37
CA SER A 2 -10.13 6.64 10.27
C SER A 2 -11.10 6.96 11.41
N SER A 3 -12.38 6.65 11.20
CA SER A 3 -13.40 6.91 12.19
C SER A 3 -13.55 5.73 13.15
N GLY A 4 -13.78 6.03 14.42
CA GLY A 4 -13.94 4.98 15.41
C GLY A 4 -13.13 5.25 16.67
N SER A 5 -13.78 5.10 17.83
CA SER A 5 -13.11 5.34 19.10
C SER A 5 -11.95 4.37 19.30
N SER A 6 -12.19 3.09 19.01
CA SER A 6 -11.16 2.07 19.15
C SER A 6 -10.93 1.33 17.84
N GLY A 7 -10.25 1.99 16.91
CA GLY A 7 -9.97 1.38 15.62
C GLY A 7 -11.24 1.07 14.85
N PRO A 8 -11.17 1.19 13.51
CA PRO A 8 -12.30 0.92 12.64
C PRO A 8 -12.67 -0.56 12.58
N ASP A 9 -13.46 -0.94 11.59
CA ASP A 9 -13.88 -2.33 11.43
C ASP A 9 -13.37 -2.90 10.10
N GLY A 10 -12.27 -2.33 9.60
CA GLY A 10 -11.71 -2.80 8.34
C GLY A 10 -10.20 -2.92 8.39
N PRO A 11 -9.56 -2.84 7.22
CA PRO A 11 -8.11 -2.95 7.11
C PRO A 11 -7.39 -1.73 7.68
N THR A 12 -6.51 -1.98 8.65
CA THR A 12 -5.75 -0.90 9.29
C THR A 12 -4.26 -1.17 9.24
N GLN A 13 -3.48 -0.22 9.75
CA GLN A 13 -2.02 -0.36 9.75
C GLN A 13 -1.50 -0.72 8.37
N LEU A 14 -2.14 -0.18 7.34
CA LEU A 14 -1.73 -0.45 5.97
C LEU A 14 -0.27 -0.06 5.73
N ARG A 15 0.57 -1.06 5.51
CA ARG A 15 2.00 -0.82 5.27
C ARG A 15 2.38 -1.19 3.84
N ALA A 16 3.40 -0.53 3.32
CA ALA A 16 3.87 -0.80 1.96
C ALA A 16 4.88 -1.93 1.94
N LEU A 17 4.51 -3.04 1.32
CA LEU A 17 5.39 -4.21 1.23
C LEU A 17 6.53 -3.95 0.26
N ASN A 18 7.61 -4.71 0.42
CA ASN A 18 8.77 -4.56 -0.45
C ASN A 18 8.48 -5.11 -1.84
N LEU A 19 8.61 -4.24 -2.85
CA LEU A 19 8.36 -4.63 -4.23
C LEU A 19 9.34 -5.71 -4.68
N THR A 20 8.92 -6.54 -5.63
CA THR A 20 9.76 -7.60 -6.15
C THR A 20 9.97 -7.46 -7.65
N GLU A 21 10.95 -6.66 -8.03
CA GLU A 21 11.24 -6.44 -9.44
C GLU A 21 10.11 -5.70 -10.13
N GLY A 22 9.69 -4.59 -9.55
CA GLY A 22 8.60 -3.81 -10.12
C GLY A 22 7.24 -4.39 -9.81
N PHE A 23 6.96 -4.60 -8.53
CA PHE A 23 5.69 -5.17 -8.10
C PHE A 23 5.17 -4.47 -6.85
N ALA A 24 4.13 -3.65 -7.02
CA ALA A 24 3.54 -2.92 -5.90
C ALA A 24 2.27 -3.62 -5.40
N VAL A 25 2.31 -4.07 -4.16
CA VAL A 25 1.16 -4.75 -3.56
C VAL A 25 0.76 -4.10 -2.24
N LEU A 26 -0.50 -4.22 -1.88
CA LEU A 26 -1.02 -3.64 -0.64
C LEU A 26 -1.04 -4.68 0.47
N HIS A 27 -0.90 -4.22 1.71
CA HIS A 27 -0.91 -5.11 2.87
C HIS A 27 -1.74 -4.51 4.00
N TRP A 28 -2.77 -5.23 4.42
CA TRP A 28 -3.64 -4.77 5.50
C TRP A 28 -3.81 -5.86 6.55
N LYS A 29 -4.10 -5.44 7.78
CA LYS A 29 -4.30 -6.38 8.88
C LYS A 29 -5.78 -6.71 9.04
N PRO A 30 -6.10 -8.01 9.03
CA PRO A 30 -7.48 -8.50 9.18
C PRO A 30 -8.01 -8.29 10.60
N PRO A 31 -9.00 -7.39 10.73
CA PRO A 31 -9.61 -7.08 12.02
C PRO A 31 -10.46 -8.22 12.55
N GLN A 32 -10.84 -8.12 13.82
CA GLN A 32 -11.66 -9.16 14.45
C GLN A 32 -12.86 -9.52 13.58
N ASN A 33 -13.60 -8.50 13.15
CA ASN A 33 -14.78 -8.70 12.30
C ASN A 33 -14.36 -9.10 10.89
N PRO A 34 -14.66 -10.35 10.52
CA PRO A 34 -14.33 -10.89 9.19
C PRO A 34 -15.18 -10.25 8.10
N VAL A 35 -14.53 -9.51 7.21
CA VAL A 35 -15.22 -8.84 6.10
C VAL A 35 -15.57 -9.84 5.01
N ASP A 36 -16.21 -9.35 3.96
CA ASP A 36 -16.61 -10.20 2.84
C ASP A 36 -15.74 -9.93 1.62
N THR A 37 -15.70 -8.67 1.19
CA THR A 37 -14.90 -8.28 0.03
C THR A 37 -14.27 -6.91 0.24
N TYR A 38 -13.01 -6.77 -0.19
CA TYR A 38 -12.29 -5.52 -0.05
C TYR A 38 -12.38 -4.70 -1.32
N ASP A 39 -12.75 -3.42 -1.18
CA ASP A 39 -12.87 -2.52 -2.32
C ASP A 39 -11.60 -1.70 -2.50
N ILE A 40 -10.78 -2.09 -3.48
CA ILE A 40 -9.54 -1.39 -3.76
C ILE A 40 -9.71 -0.41 -4.93
N GLN A 41 -9.23 0.81 -4.74
CA GLN A 41 -9.32 1.84 -5.78
C GLN A 41 -7.98 2.53 -5.98
N VAL A 42 -7.41 2.40 -7.18
CA VAL A 42 -6.13 3.01 -7.49
C VAL A 42 -6.30 4.15 -8.49
N THR A 43 -5.68 5.29 -8.18
CA THR A 43 -5.77 6.46 -9.05
C THR A 43 -4.45 7.23 -9.07
N ALA A 44 -4.36 8.21 -9.95
CA ALA A 44 -3.16 9.03 -10.06
C ALA A 44 -3.40 10.25 -10.95
N PRO A 45 -2.67 11.33 -10.67
CA PRO A 45 -2.79 12.59 -11.43
C PRO A 45 -2.25 12.46 -12.84
N GLY A 46 -3.05 11.93 -13.74
CA GLY A 46 -2.64 11.75 -15.13
C GLY A 46 -2.78 10.33 -15.61
N ALA A 47 -2.90 9.40 -14.66
CA ALA A 47 -3.04 7.98 -14.99
C ALA A 47 -4.50 7.55 -14.95
N PRO A 48 -4.84 6.50 -15.70
CA PRO A 48 -6.20 5.97 -15.76
C PRO A 48 -6.62 5.28 -14.46
N PRO A 49 -7.92 5.32 -14.17
CA PRO A 49 -8.47 4.72 -12.96
C PRO A 49 -8.43 3.19 -13.00
N LEU A 50 -8.28 2.57 -11.83
CA LEU A 50 -8.23 1.11 -11.74
C LEU A 50 -9.12 0.61 -10.62
N GLN A 51 -9.94 -0.41 -10.93
CA GLN A 51 -10.84 -0.98 -9.95
C GLN A 51 -10.61 -2.49 -9.82
N ALA A 52 -10.58 -2.97 -8.58
CA ALA A 52 -10.38 -4.39 -8.32
C ALA A 52 -10.96 -4.79 -6.97
N GLU A 53 -11.49 -6.01 -6.89
CA GLU A 53 -12.07 -6.51 -5.66
C GLU A 53 -11.44 -7.84 -5.25
N THR A 54 -11.59 -8.19 -3.98
CA THR A 54 -11.04 -9.43 -3.46
C THR A 54 -11.80 -9.90 -2.22
N PRO A 55 -12.01 -11.23 -2.14
CA PRO A 55 -12.73 -11.83 -1.01
C PRO A 55 -11.93 -11.77 0.28
N GLY A 56 -12.63 -11.75 1.41
CA GLY A 56 -11.97 -11.69 2.70
C GLY A 56 -10.81 -12.66 2.80
N SER A 57 -11.03 -13.90 2.36
CA SER A 57 -10.00 -14.93 2.41
C SER A 57 -8.64 -14.33 2.05
N ALA A 58 -8.65 -13.25 1.28
CA ALA A 58 -7.42 -12.60 0.86
C ALA A 58 -7.04 -11.47 1.83
N VAL A 59 -5.74 -11.31 2.06
CA VAL A 59 -5.26 -10.27 2.95
C VAL A 59 -4.27 -9.35 2.25
N ASP A 60 -4.29 -9.38 0.92
CA ASP A 60 -3.40 -8.54 0.12
C ASP A 60 -3.77 -8.61 -1.36
N TYR A 61 -3.53 -7.52 -2.08
CA TYR A 61 -3.85 -7.45 -3.50
C TYR A 61 -2.74 -6.73 -4.26
N PRO A 62 -1.95 -7.49 -5.02
CA PRO A 62 -0.85 -6.95 -5.82
C PRO A 62 -1.34 -6.11 -7.00
N LEU A 63 -0.91 -4.85 -7.05
CA LEU A 63 -1.32 -3.95 -8.13
C LEU A 63 -0.24 -3.88 -9.21
N HIS A 64 -0.56 -4.41 -10.39
CA HIS A 64 0.37 -4.41 -11.51
C HIS A 64 -0.06 -3.42 -12.59
N ASP A 65 0.83 -3.14 -13.53
CA ASP A 65 0.54 -2.21 -14.61
C ASP A 65 0.48 -0.78 -14.09
N LEU A 66 1.45 -0.42 -13.25
CA LEU A 66 1.51 0.93 -12.68
C LEU A 66 2.72 1.69 -13.22
N VAL A 67 2.50 2.96 -13.54
CA VAL A 67 3.57 3.80 -14.07
C VAL A 67 4.64 4.05 -13.01
N LEU A 68 5.90 3.92 -13.41
CA LEU A 68 7.02 4.14 -12.49
C LEU A 68 7.23 5.61 -12.23
N HIS A 69 7.97 5.93 -11.16
CA HIS A 69 8.24 7.31 -10.80
C HIS A 69 6.95 8.13 -10.75
N THR A 70 5.91 7.55 -10.17
CA THR A 70 4.62 8.22 -10.06
C THR A 70 3.93 7.88 -8.75
N ASN A 71 3.52 8.90 -8.01
CA ASN A 71 2.84 8.70 -6.74
C ASN A 71 1.42 8.18 -6.95
N TYR A 72 1.26 6.87 -6.81
CA TYR A 72 -0.04 6.24 -7.00
C TYR A 72 -0.77 6.10 -5.67
N THR A 73 -1.95 6.69 -5.57
CA THR A 73 -2.75 6.64 -4.35
C THR A 73 -3.77 5.51 -4.42
N ALA A 74 -3.72 4.60 -3.45
CA ALA A 74 -4.65 3.48 -3.40
C ALA A 74 -5.60 3.61 -2.21
N THR A 75 -6.77 3.01 -2.34
CA THR A 75 -7.78 3.07 -1.29
C THR A 75 -8.45 1.70 -1.10
N VAL A 76 -8.27 1.12 0.08
CA VAL A 76 -8.86 -0.18 0.38
C VAL A 76 -9.98 -0.05 1.40
N ARG A 77 -11.03 -0.84 1.22
CA ARG A 77 -12.18 -0.82 2.12
C ARG A 77 -12.67 -2.22 2.42
N GLY A 78 -13.72 -2.32 3.24
CA GLY A 78 -14.27 -3.61 3.59
C GLY A 78 -15.77 -3.68 3.39
N LEU A 79 -16.23 -4.70 2.68
CA LEU A 79 -17.66 -4.87 2.41
C LEU A 79 -18.33 -5.66 3.53
N ARG A 80 -18.86 -4.94 4.52
CA ARG A 80 -19.53 -5.58 5.65
C ARG A 80 -21.02 -5.27 5.64
N GLY A 81 -21.80 -6.20 5.09
CA GLY A 81 -23.24 -6.01 5.03
C GLY A 81 -23.63 -4.85 4.15
N PRO A 82 -24.74 -4.18 4.50
CA PRO A 82 -25.25 -3.03 3.74
C PRO A 82 -24.34 -1.80 3.88
N ASN A 83 -23.24 -1.97 4.59
CA ASN A 83 -22.29 -0.87 4.79
C ASN A 83 -20.86 -1.34 4.53
N LEU A 84 -19.93 -0.41 4.58
CA LEU A 84 -18.52 -0.72 4.35
C LEU A 84 -17.66 -0.29 5.54
N THR A 85 -16.43 -0.77 5.57
CA THR A 85 -15.51 -0.44 6.66
C THR A 85 -14.77 0.87 6.38
N SER A 86 -13.92 1.28 7.32
CA SER A 86 -13.16 2.51 7.17
C SER A 86 -12.15 2.39 6.04
N PRO A 87 -12.10 3.41 5.16
CA PRO A 87 -11.19 3.44 4.02
C PRO A 87 -9.73 3.62 4.45
N ALA A 88 -8.84 2.86 3.83
CA ALA A 88 -7.42 2.94 4.14
C ALA A 88 -6.60 3.20 2.89
N SER A 89 -5.94 4.36 2.85
CA SER A 89 -5.12 4.73 1.71
C SER A 89 -3.66 4.90 2.12
N ILE A 90 -2.75 4.62 1.18
CA ILE A 90 -1.32 4.73 1.44
C ILE A 90 -0.57 5.18 0.20
N THR A 91 0.51 5.93 0.40
CA THR A 91 1.32 6.42 -0.70
C THR A 91 2.59 5.60 -0.87
N PHE A 92 2.73 4.97 -2.03
CA PHE A 92 3.89 4.14 -2.32
C PHE A 92 4.41 4.41 -3.74
N THR A 93 5.72 4.57 -3.85
CA THR A 93 6.34 4.84 -5.14
C THR A 93 6.61 3.54 -5.90
N THR A 94 6.23 3.50 -7.17
CA THR A 94 6.42 2.32 -8.00
C THR A 94 7.78 2.36 -8.70
N GLY A 95 8.33 1.18 -8.97
CA GLY A 95 9.62 1.10 -9.63
C GLY A 95 10.62 2.10 -9.08
N LEU A 96 11.30 1.73 -8.01
CA LEU A 96 12.29 2.61 -7.39
C LEU A 96 13.68 2.37 -7.98
N GLU A 97 13.79 2.53 -9.30
CA GLU A 97 15.07 2.33 -9.97
C GLU A 97 15.97 3.55 -9.79
N ALA A 98 16.56 3.66 -8.61
CA ALA A 98 17.46 4.78 -8.32
C ALA A 98 18.71 4.30 -7.57
N PRO A 99 19.77 5.10 -7.62
CA PRO A 99 21.04 4.79 -6.96
C PRO A 99 20.93 4.88 -5.43
N ARG A 100 22.08 4.93 -4.77
CA ARG A 100 22.11 5.01 -3.32
C ARG A 100 21.76 6.41 -2.84
N ASP A 101 20.59 6.89 -3.26
CA ASP A 101 20.13 8.23 -2.88
C ASP A 101 18.88 8.14 -2.02
N LEU A 102 17.96 7.25 -2.40
CA LEU A 102 16.71 7.07 -1.67
C LEU A 102 16.98 6.87 -0.18
N GLU A 103 17.95 6.01 0.12
CA GLU A 103 18.30 5.71 1.51
C GLU A 103 19.61 6.39 1.88
N ALA A 104 20.00 6.28 3.15
CA ALA A 104 21.24 6.87 3.63
C ALA A 104 21.66 6.24 4.96
N LYS A 105 22.97 5.98 5.09
CA LYS A 105 23.50 5.38 6.30
C LYS A 105 24.46 6.34 7.00
N GLU A 106 24.97 5.92 8.16
CA GLU A 106 25.89 6.75 8.93
C GLU A 106 26.67 5.90 9.92
N VAL A 107 27.97 6.16 10.02
CA VAL A 107 28.84 5.42 10.94
C VAL A 107 29.65 6.38 11.81
N THR A 108 29.86 5.98 13.07
CA THR A 108 30.62 6.80 14.01
C THR A 108 32.05 6.29 14.15
N PRO A 109 33.02 7.21 14.12
CA PRO A 109 34.43 6.87 14.25
C PRO A 109 34.80 6.40 15.65
N SER A 110 36.04 5.96 15.83
CA SER A 110 36.50 5.48 17.12
C SER A 110 37.80 6.18 17.53
N GLY A 111 38.20 5.99 18.78
CA GLY A 111 39.42 6.61 19.27
C GLY A 111 39.19 7.50 20.47
N PRO A 112 39.26 6.90 21.67
CA PRO A 112 39.05 7.64 22.92
C PRO A 112 40.18 8.61 23.23
N SER A 113 41.42 8.13 23.11
CA SER A 113 42.58 8.95 23.37
C SER A 113 43.86 8.22 22.99
N SER A 114 44.99 8.93 23.06
CA SER A 114 46.29 8.36 22.72
C SER A 114 47.41 9.32 23.04
N GLY A 115 48.42 8.83 23.75
CA GLY A 115 49.55 9.67 24.12
C GLY A 115 50.29 9.16 25.33
N GLY A 1 -18.39 8.15 12.78
CA GLY A 1 -18.76 6.77 13.04
C GLY A 1 -18.28 6.29 14.39
N SER A 2 -17.75 5.07 14.41
CA SER A 2 -17.24 4.48 15.65
C SER A 2 -18.19 4.77 16.81
N SER A 3 -19.49 4.61 16.55
CA SER A 3 -20.51 4.86 17.57
C SER A 3 -20.87 3.56 18.29
N GLY A 4 -19.85 2.76 18.59
CA GLY A 4 -20.09 1.50 19.28
C GLY A 4 -19.81 0.31 18.40
N SER A 5 -20.62 -0.74 18.55
CA SER A 5 -20.45 -1.96 17.77
C SER A 5 -20.13 -1.63 16.31
N SER A 6 -20.60 -0.47 15.86
CA SER A 6 -20.37 -0.04 14.49
C SER A 6 -19.02 0.66 14.35
N GLY A 7 -17.95 -0.13 14.26
CA GLY A 7 -16.63 0.42 14.13
C GLY A 7 -15.94 0.00 12.85
N PRO A 8 -14.64 0.32 12.73
CA PRO A 8 -13.84 -0.03 11.55
C PRO A 8 -13.60 -1.53 11.44
N ASP A 9 -14.50 -2.22 10.74
CA ASP A 9 -14.37 -3.67 10.56
C ASP A 9 -13.65 -3.99 9.25
N GLY A 10 -12.86 -3.03 8.77
CA GLY A 10 -12.15 -3.23 7.52
C GLY A 10 -10.65 -3.34 7.73
N PRO A 11 -9.88 -3.22 6.64
CA PRO A 11 -8.41 -3.30 6.69
C PRO A 11 -7.78 -2.11 7.39
N THR A 12 -6.73 -2.37 8.16
CA THR A 12 -6.04 -1.31 8.89
C THR A 12 -4.54 -1.56 8.93
N GLN A 13 -3.80 -0.66 9.57
CA GLN A 13 -2.36 -0.79 9.68
C GLN A 13 -1.72 -0.97 8.31
N LEU A 14 -2.36 -0.41 7.29
CA LEU A 14 -1.85 -0.51 5.92
C LEU A 14 -0.46 0.11 5.81
N ARG A 15 0.41 -0.54 5.05
CA ARG A 15 1.77 -0.05 4.86
C ARG A 15 2.35 -0.54 3.54
N ALA A 16 3.32 0.19 3.01
CA ALA A 16 3.95 -0.18 1.75
C ALA A 16 5.45 -0.41 1.93
N LEU A 17 5.86 -1.68 1.86
CA LEU A 17 7.26 -2.04 2.03
C LEU A 17 8.02 -1.87 0.72
N ASN A 18 9.34 -1.90 0.80
CA ASN A 18 10.19 -1.75 -0.38
C ASN A 18 10.32 -3.07 -1.14
N LEU A 19 9.42 -3.30 -2.08
CA LEU A 19 9.42 -4.51 -2.87
C LEU A 19 10.08 -4.28 -4.22
N THR A 20 10.36 -5.37 -4.94
CA THR A 20 10.99 -5.28 -6.25
C THR A 20 10.48 -4.07 -7.03
N GLU A 21 11.38 -3.17 -7.38
CA GLU A 21 11.01 -1.98 -8.14
C GLU A 21 10.34 -2.36 -9.46
N GLY A 22 9.06 -2.70 -9.39
CA GLY A 22 8.32 -3.07 -10.59
C GLY A 22 6.90 -3.47 -10.29
N PHE A 23 6.71 -4.28 -9.25
CA PHE A 23 5.38 -4.73 -8.86
C PHE A 23 5.12 -4.45 -7.39
N ALA A 24 4.26 -3.48 -7.11
CA ALA A 24 3.92 -3.12 -5.74
C ALA A 24 2.59 -3.73 -5.33
N VAL A 25 2.51 -4.14 -4.07
CA VAL A 25 1.29 -4.75 -3.54
C VAL A 25 0.84 -4.05 -2.26
N LEU A 26 -0.42 -4.27 -1.89
CA LEU A 26 -0.98 -3.66 -0.68
C LEU A 26 -0.99 -4.65 0.48
N HIS A 27 -0.71 -4.16 1.68
CA HIS A 27 -0.70 -5.01 2.86
C HIS A 27 -1.61 -4.45 3.94
N TRP A 28 -2.62 -5.22 4.32
CA TRP A 28 -3.57 -4.80 5.36
C TRP A 28 -3.73 -5.87 6.41
N LYS A 29 -4.10 -5.45 7.62
CA LYS A 29 -4.29 -6.37 8.74
C LYS A 29 -5.75 -6.81 8.84
N PRO A 30 -5.98 -8.13 8.77
CA PRO A 30 -7.33 -8.71 8.85
C PRO A 30 -7.93 -8.57 10.24
N PRO A 31 -9.03 -7.79 10.34
CA PRO A 31 -9.73 -7.55 11.60
C PRO A 31 -10.45 -8.80 12.10
N GLN A 32 -10.59 -8.91 13.42
CA GLN A 32 -11.26 -10.05 14.02
C GLN A 32 -12.40 -10.54 13.14
N ASN A 33 -13.20 -9.60 12.66
CA ASN A 33 -14.34 -9.94 11.81
C ASN A 33 -13.95 -9.87 10.33
N PRO A 34 -13.81 -11.06 9.71
CA PRO A 34 -13.44 -11.16 8.29
C PRO A 34 -14.55 -10.68 7.37
N VAL A 35 -14.27 -9.62 6.61
CA VAL A 35 -15.25 -9.06 5.69
C VAL A 35 -15.55 -10.04 4.56
N ASP A 36 -16.36 -9.60 3.61
CA ASP A 36 -16.73 -10.43 2.47
C ASP A 36 -15.87 -10.12 1.26
N THR A 37 -15.81 -8.85 0.88
CA THR A 37 -15.01 -8.42 -0.26
C THR A 37 -14.33 -7.09 0.02
N TYR A 38 -13.06 -6.99 -0.38
CA TYR A 38 -12.28 -5.78 -0.17
C TYR A 38 -12.33 -4.88 -1.40
N ASP A 39 -12.73 -3.63 -1.20
CA ASP A 39 -12.82 -2.67 -2.30
C ASP A 39 -11.56 -1.82 -2.38
N ILE A 40 -10.79 -2.01 -3.45
CA ILE A 40 -9.56 -1.25 -3.64
C ILE A 40 -9.67 -0.32 -4.84
N GLN A 41 -9.20 0.91 -4.67
CA GLN A 41 -9.24 1.90 -5.74
C GLN A 41 -7.87 2.55 -5.94
N VAL A 42 -7.21 2.20 -7.04
CA VAL A 42 -5.89 2.75 -7.35
C VAL A 42 -5.99 3.83 -8.42
N THR A 43 -5.59 5.05 -8.07
CA THR A 43 -5.63 6.16 -9.01
C THR A 43 -4.38 7.02 -8.88
N ALA A 44 -4.11 7.81 -9.91
CA ALA A 44 -2.95 8.69 -9.92
C ALA A 44 -3.09 9.79 -10.97
N PRO A 45 -2.39 10.92 -10.74
CA PRO A 45 -2.43 12.06 -11.67
C PRO A 45 -1.71 11.77 -12.98
N GLY A 46 -2.47 11.34 -13.99
CA GLY A 46 -1.90 11.04 -15.28
C GLY A 46 -2.03 9.58 -15.64
N ALA A 47 -2.92 8.88 -14.95
CA ALA A 47 -3.13 7.46 -15.20
C ALA A 47 -4.61 7.10 -15.08
N PRO A 48 -5.01 5.99 -15.73
CA PRO A 48 -6.39 5.52 -15.70
C PRO A 48 -6.80 4.97 -14.34
N PRO A 49 -8.12 4.94 -14.08
CA PRO A 49 -8.66 4.44 -12.82
C PRO A 49 -8.49 2.94 -12.67
N LEU A 50 -8.28 2.49 -11.44
CA LEU A 50 -8.11 1.07 -11.16
C LEU A 50 -9.28 0.52 -10.34
N GLN A 51 -9.96 -0.48 -10.90
CA GLN A 51 -11.10 -1.08 -10.22
C GLN A 51 -10.92 -2.59 -10.11
N ALA A 52 -10.80 -3.07 -8.88
CA ALA A 52 -10.61 -4.51 -8.63
C ALA A 52 -11.10 -4.88 -7.23
N GLU A 53 -11.70 -6.06 -7.12
CA GLU A 53 -12.21 -6.54 -5.84
C GLU A 53 -11.55 -7.86 -5.44
N THR A 54 -11.61 -8.18 -4.15
CA THR A 54 -11.01 -9.42 -3.65
C THR A 54 -11.83 -9.99 -2.50
N PRO A 55 -11.77 -11.32 -2.34
CA PRO A 55 -12.50 -12.03 -1.29
C PRO A 55 -11.95 -11.73 0.10
N GLY A 56 -12.82 -11.77 1.11
CA GLY A 56 -12.39 -11.50 2.46
C GLY A 56 -11.33 -12.46 2.94
N SER A 57 -11.16 -13.57 2.21
CA SER A 57 -10.18 -14.58 2.57
C SER A 57 -8.78 -14.15 2.13
N ALA A 58 -8.64 -12.89 1.75
CA ALA A 58 -7.36 -12.35 1.30
C ALA A 58 -6.82 -11.35 2.32
N VAL A 59 -5.50 -11.15 2.29
CA VAL A 59 -4.86 -10.21 3.20
C VAL A 59 -4.01 -9.20 2.44
N ASP A 60 -3.87 -9.41 1.13
CA ASP A 60 -3.09 -8.51 0.30
C ASP A 60 -3.56 -8.57 -1.16
N TYR A 61 -3.42 -7.47 -1.87
CA TYR A 61 -3.84 -7.39 -3.27
C TYR A 61 -2.77 -6.73 -4.12
N PRO A 62 -1.97 -7.54 -4.82
CA PRO A 62 -0.90 -7.05 -5.69
C PRO A 62 -1.43 -6.35 -6.93
N LEU A 63 -1.12 -5.07 -7.07
CA LEU A 63 -1.57 -4.29 -8.21
C LEU A 63 -0.53 -4.31 -9.32
N HIS A 64 -0.97 -4.55 -10.55
CA HIS A 64 -0.08 -4.60 -11.70
C HIS A 64 -0.45 -3.51 -12.71
N ASP A 65 0.47 -3.23 -13.63
CA ASP A 65 0.25 -2.22 -14.65
C ASP A 65 0.29 -0.82 -14.04
N LEU A 66 1.31 -0.56 -13.23
CA LEU A 66 1.45 0.74 -12.59
C LEU A 66 2.65 1.50 -13.16
N VAL A 67 2.38 2.67 -13.72
CA VAL A 67 3.44 3.50 -14.30
C VAL A 67 4.54 3.77 -13.29
N LEU A 68 5.79 3.55 -13.71
CA LEU A 68 6.93 3.77 -12.84
C LEU A 68 7.27 5.26 -12.73
N HIS A 69 7.96 5.63 -11.67
CA HIS A 69 8.34 7.03 -11.46
C HIS A 69 7.11 7.91 -11.34
N THR A 70 6.14 7.47 -10.54
CA THR A 70 4.91 8.22 -10.34
C THR A 70 4.23 7.83 -9.03
N ASN A 71 3.86 8.83 -8.23
CA ASN A 71 3.20 8.58 -6.95
C ASN A 71 1.77 8.12 -7.17
N TYR A 72 1.52 6.85 -6.84
CA TYR A 72 0.18 6.28 -6.99
C TYR A 72 -0.51 6.16 -5.64
N THR A 73 -1.77 6.58 -5.59
CA THR A 73 -2.56 6.52 -4.36
C THR A 73 -3.53 5.35 -4.39
N ALA A 74 -3.38 4.44 -3.43
CA ALA A 74 -4.25 3.27 -3.34
C ALA A 74 -5.14 3.35 -2.10
N THR A 75 -6.44 3.11 -2.31
CA THR A 75 -7.39 3.15 -1.21
C THR A 75 -8.16 1.84 -1.10
N VAL A 76 -8.03 1.19 0.05
CA VAL A 76 -8.71 -0.08 0.29
C VAL A 76 -9.90 0.10 1.23
N ARG A 77 -10.96 -0.68 1.01
CA ARG A 77 -12.15 -0.60 1.85
C ARG A 77 -12.70 -2.00 2.13
N GLY A 78 -13.63 -2.08 3.06
CA GLY A 78 -14.22 -3.36 3.42
C GLY A 78 -15.72 -3.38 3.22
N LEU A 79 -16.23 -4.44 2.61
CA LEU A 79 -17.66 -4.57 2.35
C LEU A 79 -18.31 -5.49 3.39
N ARG A 80 -19.00 -4.88 4.36
CA ARG A 80 -19.66 -5.64 5.41
C ARG A 80 -21.16 -5.32 5.43
N GLY A 81 -21.94 -6.14 4.74
CA GLY A 81 -23.38 -5.94 4.69
C GLY A 81 -23.76 -4.64 4.01
N PRO A 82 -24.92 -4.09 4.38
CA PRO A 82 -25.43 -2.84 3.80
C PRO A 82 -24.59 -1.63 4.22
N ASN A 83 -23.52 -1.89 4.97
CA ASN A 83 -22.64 -0.82 5.44
C ASN A 83 -21.23 -1.01 4.91
N LEU A 84 -20.35 -0.07 5.23
CA LEU A 84 -18.96 -0.12 4.80
C LEU A 84 -18.01 0.05 5.97
N THR A 85 -16.74 -0.29 5.76
CA THR A 85 -15.73 -0.17 6.80
C THR A 85 -14.86 1.06 6.59
N SER A 86 -13.95 1.30 7.52
CA SER A 86 -13.05 2.45 7.44
C SER A 86 -12.06 2.28 6.29
N PRO A 87 -12.02 3.25 5.37
CA PRO A 87 -11.12 3.23 4.22
C PRO A 87 -9.66 3.44 4.63
N ALA A 88 -8.77 2.67 4.00
CA ALA A 88 -7.34 2.77 4.29
C ALA A 88 -6.54 3.10 3.04
N SER A 89 -5.91 4.26 3.02
CA SER A 89 -5.12 4.69 1.88
C SER A 89 -3.64 4.65 2.20
N ILE A 90 -2.82 4.46 1.17
CA ILE A 90 -1.37 4.40 1.34
C ILE A 90 -0.65 5.07 0.18
N THR A 91 0.42 5.80 0.51
CA THR A 91 1.20 6.50 -0.51
C THR A 91 2.57 5.86 -0.70
N PHE A 92 2.77 5.22 -1.84
CA PHE A 92 4.03 4.56 -2.14
C PHE A 92 4.47 4.86 -3.56
N THR A 93 5.78 4.76 -3.81
CA THR A 93 6.34 5.02 -5.13
C THR A 93 6.60 3.72 -5.88
N THR A 94 6.27 3.70 -7.17
CA THR A 94 6.48 2.52 -8.00
C THR A 94 7.95 2.37 -8.38
N GLY A 95 8.51 3.42 -8.97
CA GLY A 95 9.90 3.39 -9.39
C GLY A 95 10.83 3.98 -8.34
N LEU A 96 11.88 3.24 -8.00
CA LEU A 96 12.85 3.70 -7.01
C LEU A 96 14.23 3.88 -7.64
N GLU A 97 14.27 3.90 -8.96
CA GLU A 97 15.53 4.07 -9.68
C GLU A 97 16.20 5.38 -9.31
N ALA A 98 17.37 5.29 -8.70
CA ALA A 98 18.11 6.48 -8.28
C ALA A 98 19.52 6.12 -7.83
N PRO A 99 20.45 7.07 -7.94
CA PRO A 99 21.84 6.88 -7.54
C PRO A 99 22.01 6.76 -6.03
N ARG A 100 23.24 6.90 -5.56
CA ARG A 100 23.53 6.80 -4.13
C ARG A 100 23.07 8.05 -3.39
N ASP A 101 21.76 8.29 -3.43
CA ASP A 101 21.18 9.46 -2.77
C ASP A 101 19.99 9.05 -1.90
N LEU A 102 19.11 8.24 -2.46
CA LEU A 102 17.93 7.78 -1.74
C LEU A 102 18.27 7.41 -0.30
N GLU A 103 19.36 6.68 -0.14
CA GLU A 103 19.81 6.25 1.18
C GLU A 103 20.71 7.32 1.83
N ALA A 104 21.10 7.07 3.07
CA ALA A 104 21.96 8.00 3.79
C ALA A 104 23.24 7.32 4.26
N LYS A 105 23.85 6.54 3.38
CA LYS A 105 25.08 5.83 3.70
C LYS A 105 25.05 5.32 5.14
N GLU A 106 23.99 4.59 5.48
CA GLU A 106 23.85 4.04 6.83
C GLU A 106 25.14 3.35 7.28
N VAL A 107 25.82 3.97 8.23
CA VAL A 107 27.06 3.41 8.76
C VAL A 107 26.95 3.11 10.25
N THR A 108 27.54 1.98 10.66
CA THR A 108 27.49 1.58 12.06
C THR A 108 28.71 2.12 12.82
N PRO A 109 28.46 2.66 14.02
CA PRO A 109 29.52 3.21 14.87
C PRO A 109 30.43 2.12 15.44
N SER A 110 31.71 2.45 15.57
CA SER A 110 32.68 1.50 16.09
C SER A 110 32.62 1.45 17.62
N GLY A 111 33.36 0.51 18.20
CA GLY A 111 33.37 0.37 19.64
C GLY A 111 34.71 0.76 20.25
N PRO A 112 34.91 2.06 20.48
CA PRO A 112 36.14 2.59 21.06
C PRO A 112 36.30 2.21 22.52
N SER A 113 37.55 2.14 22.99
CA SER A 113 37.84 1.78 24.37
C SER A 113 38.74 2.81 25.02
N SER A 114 38.45 3.15 26.28
CA SER A 114 39.23 4.13 27.01
C SER A 114 39.90 3.50 28.22
N GLY A 115 40.90 4.18 28.77
CA GLY A 115 41.61 3.68 29.93
C GLY A 115 41.31 4.46 31.19
N GLY A 1 -13.75 13.10 10.31
CA GLY A 1 -12.74 12.08 10.49
C GLY A 1 -12.85 11.40 11.85
N SER A 2 -12.16 10.27 12.00
CA SER A 2 -12.19 9.52 13.25
C SER A 2 -10.78 9.26 13.75
N SER A 3 -10.20 10.25 14.43
CA SER A 3 -8.85 10.13 14.96
C SER A 3 -8.69 8.84 15.76
N GLY A 4 -7.64 8.08 15.45
CA GLY A 4 -7.39 6.83 16.13
C GLY A 4 -8.59 5.90 16.09
N SER A 5 -8.73 5.17 14.99
CA SER A 5 -9.84 4.23 14.83
C SER A 5 -10.01 3.36 16.07
N SER A 6 -11.26 3.08 16.43
CA SER A 6 -11.55 2.25 17.59
C SER A 6 -12.08 0.89 17.17
N GLY A 7 -11.19 -0.10 17.14
CA GLY A 7 -11.58 -1.44 16.75
C GLY A 7 -12.59 -1.44 15.61
N PRO A 8 -12.13 -1.06 14.41
CA PRO A 8 -12.99 -1.00 13.21
C PRO A 8 -13.38 -2.39 12.72
N ASP A 9 -13.86 -2.46 11.49
CA ASP A 9 -14.26 -3.73 10.89
C ASP A 9 -13.51 -3.99 9.59
N GLY A 10 -12.82 -2.96 9.10
CA GLY A 10 -12.06 -3.10 7.87
C GLY A 10 -10.57 -3.18 8.10
N PRO A 11 -9.79 -3.03 7.01
CA PRO A 11 -8.33 -3.07 7.08
C PRO A 11 -7.74 -1.86 7.79
N THR A 12 -6.73 -2.10 8.62
CA THR A 12 -6.08 -1.02 9.37
C THR A 12 -4.57 -1.20 9.37
N GLN A 13 -3.87 -0.20 9.92
CA GLN A 13 -2.42 -0.24 9.98
C GLN A 13 -1.82 -0.57 8.61
N LEU A 14 -2.46 -0.07 7.56
CA LEU A 14 -2.00 -0.32 6.20
C LEU A 14 -0.56 0.17 6.01
N ARG A 15 0.29 -0.68 5.45
CA ARG A 15 1.68 -0.34 5.22
C ARG A 15 2.13 -0.79 3.83
N ALA A 16 3.40 -0.55 3.51
CA ALA A 16 3.95 -0.93 2.23
C ALA A 16 5.28 -1.65 2.39
N LEU A 17 5.27 -2.97 2.21
CA LEU A 17 6.48 -3.78 2.34
C LEU A 17 7.39 -3.59 1.14
N ASN A 18 8.60 -4.13 1.22
CA ASN A 18 9.56 -4.02 0.13
C ASN A 18 9.14 -4.87 -1.05
N LEU A 19 8.29 -4.31 -1.91
CA LEU A 19 7.81 -5.01 -3.09
C LEU A 19 8.89 -5.09 -4.16
N THR A 20 8.70 -5.98 -5.13
CA THR A 20 9.66 -6.14 -6.22
C THR A 20 10.03 -4.80 -6.83
N GLU A 21 11.01 -4.81 -7.74
CA GLU A 21 11.46 -3.60 -8.39
C GLU A 21 10.55 -3.26 -9.57
N GLY A 22 9.24 -3.33 -9.35
CA GLY A 22 8.29 -3.03 -10.40
C GLY A 22 6.86 -3.36 -10.00
N PHE A 23 6.63 -4.59 -9.58
CA PHE A 23 5.30 -5.03 -9.17
C PHE A 23 5.05 -4.69 -7.71
N ALA A 24 4.18 -3.71 -7.48
CA ALA A 24 3.84 -3.28 -6.13
C ALA A 24 2.51 -3.88 -5.68
N VAL A 25 2.40 -4.13 -4.38
CA VAL A 25 1.18 -4.72 -3.82
C VAL A 25 0.77 -3.99 -2.55
N LEU A 26 -0.48 -4.20 -2.14
CA LEU A 26 -1.00 -3.57 -0.92
C LEU A 26 -1.02 -4.55 0.24
N HIS A 27 -0.68 -4.05 1.43
CA HIS A 27 -0.65 -4.89 2.63
C HIS A 27 -1.52 -4.28 3.73
N TRP A 28 -2.54 -5.02 4.15
CA TRP A 28 -3.45 -4.56 5.20
C TRP A 28 -3.60 -5.62 6.29
N LYS A 29 -3.82 -5.16 7.52
CA LYS A 29 -3.99 -6.07 8.64
C LYS A 29 -5.46 -6.42 8.84
N PRO A 30 -5.76 -7.73 8.80
CA PRO A 30 -7.13 -8.24 8.97
C PRO A 30 -7.64 -8.07 10.39
N PRO A 31 -8.78 -7.38 10.54
CA PRO A 31 -9.40 -7.13 11.84
C PRO A 31 -9.97 -8.39 12.46
N GLN A 32 -10.24 -8.33 13.76
CA GLN A 32 -10.80 -9.49 14.48
C GLN A 32 -11.80 -10.23 13.60
N ASN A 33 -12.72 -9.49 12.99
CA ASN A 33 -13.73 -10.09 12.13
C ASN A 33 -13.40 -9.86 10.65
N PRO A 34 -13.26 -10.96 9.90
CA PRO A 34 -12.93 -10.90 8.47
C PRO A 34 -14.11 -10.36 7.64
N VAL A 35 -13.82 -9.36 6.80
CA VAL A 35 -14.84 -8.76 5.96
C VAL A 35 -15.26 -9.71 4.83
N ASP A 36 -16.12 -9.23 3.94
CA ASP A 36 -16.59 -10.04 2.82
C ASP A 36 -15.76 -9.77 1.58
N THR A 37 -15.71 -8.52 1.15
CA THR A 37 -14.95 -8.13 -0.04
C THR A 37 -14.25 -6.80 0.17
N TYR A 38 -13.04 -6.68 -0.37
CA TYR A 38 -12.26 -5.46 -0.24
C TYR A 38 -12.36 -4.61 -1.51
N ASP A 39 -12.75 -3.35 -1.34
CA ASP A 39 -12.89 -2.43 -2.46
C ASP A 39 -11.63 -1.61 -2.65
N ILE A 40 -10.76 -2.04 -3.56
CA ILE A 40 -9.52 -1.34 -3.84
C ILE A 40 -9.67 -0.42 -5.05
N GLN A 41 -9.09 0.77 -4.96
CA GLN A 41 -9.14 1.73 -6.05
C GLN A 41 -7.80 2.42 -6.25
N VAL A 42 -7.13 2.10 -7.34
CA VAL A 42 -5.83 2.69 -7.65
C VAL A 42 -5.96 3.82 -8.65
N THR A 43 -5.41 4.99 -8.31
CA THR A 43 -5.47 6.15 -9.18
C THR A 43 -4.21 7.00 -9.04
N ALA A 44 -4.05 7.96 -9.96
CA ALA A 44 -2.89 8.84 -9.94
C ALA A 44 -3.02 9.93 -11.00
N PRO A 45 -2.35 11.07 -10.75
CA PRO A 45 -2.36 12.21 -11.67
C PRO A 45 -1.61 11.92 -12.96
N GLY A 46 -2.36 11.75 -14.05
CA GLY A 46 -1.74 11.48 -15.34
C GLY A 46 -1.61 9.99 -15.61
N ALA A 47 -2.39 9.18 -14.90
CA ALA A 47 -2.36 7.74 -15.06
C ALA A 47 -3.77 7.16 -15.11
N PRO A 48 -3.91 6.01 -15.80
CA PRO A 48 -5.20 5.32 -15.94
C PRO A 48 -5.67 4.71 -14.62
N PRO A 49 -6.94 4.96 -14.28
CA PRO A 49 -7.55 4.44 -13.05
C PRO A 49 -7.75 2.93 -13.10
N LEU A 50 -7.63 2.29 -11.94
CA LEU A 50 -7.79 0.83 -11.85
C LEU A 50 -8.70 0.47 -10.68
N GLN A 51 -9.69 -0.38 -10.95
CA GLN A 51 -10.62 -0.82 -9.92
C GLN A 51 -10.77 -2.33 -9.93
N ALA A 52 -10.86 -2.92 -8.73
CA ALA A 52 -11.00 -4.37 -8.60
C ALA A 52 -11.57 -4.74 -7.24
N GLU A 53 -11.79 -6.03 -7.03
CA GLU A 53 -12.34 -6.51 -5.77
C GLU A 53 -11.76 -7.88 -5.41
N THR A 54 -11.84 -8.24 -4.13
CA THR A 54 -11.32 -9.51 -3.66
C THR A 54 -12.00 -9.93 -2.37
N PRO A 55 -12.20 -11.25 -2.21
CA PRO A 55 -12.85 -11.82 -1.02
C PRO A 55 -11.97 -11.72 0.22
N GLY A 56 -12.60 -11.52 1.38
CA GLY A 56 -11.85 -11.41 2.61
C GLY A 56 -10.74 -12.44 2.72
N SER A 57 -11.01 -13.66 2.27
CA SER A 57 -10.02 -14.72 2.31
C SER A 57 -8.62 -14.18 2.01
N ALA A 58 -8.57 -13.16 1.15
CA ALA A 58 -7.29 -12.56 0.77
C ALA A 58 -6.90 -11.46 1.75
N VAL A 59 -5.60 -11.26 1.91
CA VAL A 59 -5.09 -10.23 2.82
C VAL A 59 -4.13 -9.29 2.10
N ASP A 60 -4.16 -9.31 0.77
CA ASP A 60 -3.30 -8.46 -0.03
C ASP A 60 -3.76 -8.44 -1.49
N TYR A 61 -3.57 -7.30 -2.14
CA TYR A 61 -3.97 -7.15 -3.54
C TYR A 61 -2.85 -6.52 -4.36
N PRO A 62 -2.09 -7.37 -5.08
CA PRO A 62 -0.97 -6.92 -5.92
C PRO A 62 -1.45 -6.15 -7.14
N LEU A 63 -0.88 -4.97 -7.35
CA LEU A 63 -1.24 -4.13 -8.49
C LEU A 63 -0.09 -4.05 -9.49
N HIS A 64 -0.43 -4.16 -10.78
CA HIS A 64 0.58 -4.10 -11.83
C HIS A 64 0.28 -2.95 -12.79
N ASP A 65 1.16 -2.77 -13.77
CA ASP A 65 1.00 -1.70 -14.75
C ASP A 65 0.98 -0.33 -14.08
N LEU A 66 2.02 -0.05 -13.31
CA LEU A 66 2.13 1.22 -12.60
C LEU A 66 3.43 1.93 -12.93
N VAL A 67 3.32 3.16 -13.42
CA VAL A 67 4.49 3.95 -13.78
C VAL A 67 5.42 4.13 -12.58
N LEU A 68 6.61 3.53 -12.67
CA LEU A 68 7.59 3.63 -11.60
C LEU A 68 7.65 5.05 -11.04
N HIS A 69 8.05 5.99 -11.88
CA HIS A 69 8.15 7.39 -11.47
C HIS A 69 6.76 8.01 -11.35
N THR A 70 5.95 7.48 -10.46
CA THR A 70 4.60 7.98 -10.24
C THR A 70 3.99 7.40 -8.96
N ASN A 71 3.60 8.28 -8.05
CA ASN A 71 3.01 7.87 -6.78
C ASN A 71 1.53 7.51 -6.97
N TYR A 72 1.21 6.24 -6.90
CA TYR A 72 -0.16 5.77 -7.06
C TYR A 72 -0.86 5.67 -5.71
N THR A 73 -1.97 6.39 -5.57
CA THR A 73 -2.73 6.39 -4.33
C THR A 73 -3.79 5.29 -4.34
N ALA A 74 -3.68 4.37 -3.40
CA ALA A 74 -4.63 3.27 -3.29
C ALA A 74 -5.56 3.44 -2.09
N THR A 75 -6.81 3.04 -2.25
CA THR A 75 -7.80 3.16 -1.18
C THR A 75 -8.51 1.84 -0.94
N VAL A 76 -8.14 1.17 0.14
CA VAL A 76 -8.75 -0.12 0.48
C VAL A 76 -9.95 0.07 1.40
N ARG A 77 -10.97 -0.76 1.22
CA ARG A 77 -12.18 -0.69 2.02
C ARG A 77 -12.68 -2.09 2.37
N GLY A 78 -13.57 -2.15 3.37
CA GLY A 78 -14.12 -3.43 3.79
C GLY A 78 -15.62 -3.48 3.69
N LEU A 79 -16.12 -4.33 2.80
CA LEU A 79 -17.56 -4.48 2.60
C LEU A 79 -18.13 -5.56 3.50
N ARG A 80 -18.80 -5.14 4.58
CA ARG A 80 -19.40 -6.07 5.52
C ARG A 80 -20.90 -5.84 5.64
N GLY A 81 -21.67 -6.63 4.90
CA GLY A 81 -23.12 -6.50 4.93
C GLY A 81 -23.60 -5.18 4.33
N PRO A 82 -24.76 -4.71 4.79
CA PRO A 82 -25.35 -3.45 4.31
C PRO A 82 -24.56 -2.24 4.76
N ASN A 83 -23.45 -2.48 5.45
CA ASN A 83 -22.60 -1.40 5.94
C ASN A 83 -21.19 -1.51 5.38
N LEU A 84 -20.44 -0.42 5.46
CA LEU A 84 -19.06 -0.41 4.96
C LEU A 84 -18.08 -0.06 6.08
N THR A 85 -16.86 -0.56 5.95
CA THR A 85 -15.83 -0.32 6.95
C THR A 85 -15.01 0.92 6.61
N SER A 86 -14.21 1.38 7.56
CA SER A 86 -13.38 2.57 7.36
C SER A 86 -12.31 2.30 6.30
N PRO A 87 -12.23 3.21 5.31
CA PRO A 87 -11.25 3.09 4.23
C PRO A 87 -9.82 3.34 4.70
N ALA A 88 -8.85 2.74 4.00
CA ALA A 88 -7.45 2.90 4.36
C ALA A 88 -6.59 3.06 3.11
N SER A 89 -5.97 4.23 2.97
CA SER A 89 -5.12 4.51 1.82
C SER A 89 -3.66 4.68 2.25
N ILE A 90 -2.76 4.70 1.27
CA ILE A 90 -1.34 4.85 1.54
C ILE A 90 -0.58 5.26 0.29
N THR A 91 0.48 6.05 0.47
CA THR A 91 1.29 6.51 -0.64
C THR A 91 2.56 5.67 -0.78
N PHE A 92 2.71 5.04 -1.94
CA PHE A 92 3.89 4.20 -2.19
C PHE A 92 4.39 4.41 -3.62
N THR A 93 5.69 4.65 -3.76
CA THR A 93 6.29 4.87 -5.07
C THR A 93 6.58 3.54 -5.76
N THR A 94 6.39 3.51 -7.07
CA THR A 94 6.63 2.30 -7.86
C THR A 94 8.02 2.31 -8.46
N GLY A 95 8.91 3.15 -7.91
CA GLY A 95 10.26 3.23 -8.41
C GLY A 95 11.26 3.55 -7.31
N LEU A 96 10.89 4.45 -6.41
CA LEU A 96 11.75 4.85 -5.31
C LEU A 96 11.76 3.79 -4.22
N GLU A 97 11.90 2.53 -4.61
CA GLU A 97 11.92 1.42 -3.66
C GLU A 97 13.34 0.88 -3.49
N ALA A 98 13.81 0.14 -4.49
CA ALA A 98 15.15 -0.44 -4.45
C ALA A 98 15.92 -0.11 -5.72
N PRO A 99 16.35 1.16 -5.83
CA PRO A 99 17.12 1.63 -7.00
C PRO A 99 18.52 1.05 -7.03
N ARG A 100 19.37 1.63 -7.88
CA ARG A 100 20.75 1.17 -8.02
C ARG A 100 21.73 2.26 -7.63
N ASP A 101 21.37 3.50 -7.92
CA ASP A 101 22.23 4.65 -7.61
C ASP A 101 21.73 5.36 -6.35
N LEU A 102 20.53 5.92 -6.43
CA LEU A 102 19.94 6.63 -5.30
C LEU A 102 19.70 5.69 -4.14
N GLU A 103 20.75 5.38 -3.40
CA GLU A 103 20.65 4.49 -2.25
C GLU A 103 20.42 5.28 -0.96
N ALA A 104 21.41 6.08 -0.58
CA ALA A 104 21.31 6.89 0.63
C ALA A 104 20.23 7.96 0.48
N LYS A 105 19.47 8.17 1.55
CA LYS A 105 18.41 9.17 1.54
C LYS A 105 18.91 10.51 2.06
N GLU A 106 19.82 10.45 3.03
CA GLU A 106 20.38 11.67 3.62
C GLU A 106 21.86 11.47 3.94
N VAL A 107 22.68 12.46 3.54
CA VAL A 107 24.11 12.40 3.80
C VAL A 107 24.52 13.39 4.87
N THR A 108 25.21 12.90 5.89
CA THR A 108 25.67 13.75 6.99
C THR A 108 27.19 13.83 7.03
N PRO A 109 27.71 14.99 7.44
CA PRO A 109 29.16 15.22 7.54
C PRO A 109 29.81 14.43 8.66
N SER A 110 30.94 13.80 8.36
CA SER A 110 31.66 12.99 9.34
C SER A 110 31.55 13.61 10.73
N GLY A 111 31.11 12.82 11.70
CA GLY A 111 30.96 13.30 13.06
C GLY A 111 32.26 13.21 13.85
N PRO A 112 32.13 13.07 15.18
CA PRO A 112 33.29 12.97 16.06
C PRO A 112 34.05 11.66 15.90
N SER A 113 35.37 11.74 15.94
CA SER A 113 36.21 10.54 15.78
C SER A 113 37.47 10.67 16.62
N SER A 114 38.21 9.56 16.75
CA SER A 114 39.44 9.54 17.53
C SER A 114 40.28 10.78 17.24
N GLY A 115 41.21 11.08 18.16
CA GLY A 115 42.06 12.24 18.00
C GLY A 115 42.57 12.38 16.58
#